data_7FVI
# 
_entry.id   7FVI 
# 
_audit_conform.dict_name       mmcif_pdbx.dic 
_audit_conform.dict_version    5.392 
_audit_conform.dict_location   http://mmcif.pdb.org/dictionaries/ascii/mmcif_pdbx.dic 
# 
loop_
_database_2.database_id 
_database_2.database_code 
_database_2.pdbx_database_accession 
_database_2.pdbx_DOI 
PDB   7FVI         pdb_00007fvi 10.2210/pdb7fvi/pdb 
WWPDB D_1001405399 ?            ?                   
# 
loop_
_pdbx_audit_revision_history.ordinal 
_pdbx_audit_revision_history.data_content_type 
_pdbx_audit_revision_history.major_revision 
_pdbx_audit_revision_history.minor_revision 
_pdbx_audit_revision_history.revision_date 
1 'Structure model' 1 0 2023-03-29 
2 'Structure model' 1 1 2024-05-22 
# 
_pdbx_audit_revision_details.ordinal             1 
_pdbx_audit_revision_details.revision_ordinal    1 
_pdbx_audit_revision_details.data_content_type   'Structure model' 
_pdbx_audit_revision_details.provider            repository 
_pdbx_audit_revision_details.type                'Initial release' 
_pdbx_audit_revision_details.description         ? 
_pdbx_audit_revision_details.details             ? 
# 
_pdbx_audit_revision_group.ordinal             1 
_pdbx_audit_revision_group.revision_ordinal    2 
_pdbx_audit_revision_group.data_content_type   'Structure model' 
_pdbx_audit_revision_group.group               'Data collection' 
# 
loop_
_pdbx_audit_revision_category.ordinal 
_pdbx_audit_revision_category.revision_ordinal 
_pdbx_audit_revision_category.data_content_type 
_pdbx_audit_revision_category.category 
1 2 'Structure model' chem_comp_atom 
2 2 'Structure model' chem_comp_bond 
# 
_pdbx_database_status.entry_id                        7FVI 
_pdbx_database_status.status_code                     REL 
_pdbx_database_status.status_code_sf                  REL 
_pdbx_database_status.status_code_mr                  ? 
_pdbx_database_status.status_code_cs                  ? 
_pdbx_database_status.recvd_initial_deposition_date   2023-03-09 
_pdbx_database_status.status_code_nmr_data            ? 
_pdbx_database_status.deposit_site                    RCSB 
_pdbx_database_status.process_site                    RCSB 
_pdbx_database_status.SG_entry                        ? 
_pdbx_database_status.pdb_format_compatible           Y 
_pdbx_database_status.methods_development_category    ? 
# 
_pdbx_contact_author.id                 1 
_pdbx_contact_author.email              frank.von-delft@diamond.ac.uk 
_pdbx_contact_author.name_first         Frank 
_pdbx_contact_author.name_last          'von Delft' 
_pdbx_contact_author.role               'principal investigator/group leader' 
_pdbx_contact_author.identifier_ORCID   0000-0003-0378-0017 
_pdbx_contact_author.name_mi            ? 
# 
loop_
_audit_author.name 
_audit_author.pdbx_ordinal 
'Grosjean, H.'   1 
'Tomlinson, C.'  2 
'Bradshaw, W.J.' 3 
'Koekemoer, L.'  4 
'Krojer, T.'     5 
'Fearon, D.'     6 
'Biggin, P.C.'   7 
'von Delft, F.'  8 
# 
_citation.id                        primary 
_citation.title                     'PanDDA analysis group deposition' 
_citation.journal_abbrev            'To Be Published' 
_citation.journal_volume            ? 
_citation.page_first                ? 
_citation.page_last                 ? 
_citation.year                      ? 
_citation.journal_id_ASTM           ? 
_citation.country                   ? 
_citation.journal_id_ISSN           ? 
_citation.journal_id_CSD            0353 
_citation.book_publisher            ? 
_citation.pdbx_database_id_PubMed   ? 
_citation.pdbx_database_id_DOI      ? 
# 
loop_
_citation_author.citation_id 
_citation_author.name 
_citation_author.identifier_ORCID 
_citation_author.ordinal 
primary 'Grosjean, H.'   ? 1 
primary 'Tomlinson, C.'  ? 2 
primary 'Bradshaw, W.J.' ? 3 
primary 'Koekemoer, L.'  ? 4 
primary 'Krojer, T.'     ? 5 
primary 'Fearon, D.'     ? 6 
primary 'Biggin, P.C.'   ? 7 
primary 'von Delft, F.'  ? 8 
# 
loop_
_entity.id 
_entity.type 
_entity.src_method 
_entity.pdbx_description 
_entity.formula_weight 
_entity.pdbx_number_of_molecules 
_entity.pdbx_ec 
_entity.pdbx_mutation 
_entity.pdbx_fragment 
_entity.details 
1 polymer     man 'PH-interacting protein'                                                           17627.859 1   ? ? ? ? 
2 non-polymer syn 'N-[(2H-1,3-benzodioxol-5-yl)methyl]-4-(furan-2-carbonyl)piperazine-1-carboxamide' 357.361   1   ? ? ? ? 
3 water       nat water                                                                              18.015    199 ? ? ? ? 
# 
_entity_name_com.entity_id   1 
_entity_name_com.name        
'PHIP,DDB1- and CUL4-associated factor 14,IRS-1 PH domain-binding protein,WD repeat-containing protein 11' 
# 
_entity_poly.entity_id                      1 
_entity_poly.type                           'polypeptide(L)' 
_entity_poly.nstd_linkage                   no 
_entity_poly.nstd_monomer                   no 
_entity_poly.pdbx_seq_one_letter_code       
;MHHHHHHSSGVDLGTENLYFQSMSYDIQAWKKQCEELLNLIFQCEDSEPFRQPVDLLEYPDYRDIIDTPMDFATVRETLE
AGNYESPMELCKDVRLIFSNSKAYTPSKRSRIYSMSLRLSAFFEEHISSVLSDYKSALRFHKRNTITKR
;
_entity_poly.pdbx_seq_one_letter_code_can   
;MHHHHHHSSGVDLGTENLYFQSMSYDIQAWKKQCEELLNLIFQCEDSEPFRQPVDLLEYPDYRDIIDTPMDFATVRETLE
AGNYESPMELCKDVRLIFSNSKAYTPSKRSRIYSMSLRLSAFFEEHISSVLSDYKSALRFHKRNTITKR
;
_entity_poly.pdbx_strand_id                 A 
_entity_poly.pdbx_target_identifier         ? 
# 
loop_
_pdbx_entity_nonpoly.entity_id 
_pdbx_entity_nonpoly.name 
_pdbx_entity_nonpoly.comp_id 
2 'N-[(2H-1,3-benzodioxol-5-yl)methyl]-4-(furan-2-carbonyl)piperazine-1-carboxamide' ZO5 
3 water                                                                              HOH 
# 
loop_
_entity_poly_seq.entity_id 
_entity_poly_seq.num 
_entity_poly_seq.mon_id 
_entity_poly_seq.hetero 
1 1   MET n 
1 2   HIS n 
1 3   HIS n 
1 4   HIS n 
1 5   HIS n 
1 6   HIS n 
1 7   HIS n 
1 8   SER n 
1 9   SER n 
1 10  GLY n 
1 11  VAL n 
1 12  ASP n 
1 13  LEU n 
1 14  GLY n 
1 15  THR n 
1 16  GLU n 
1 17  ASN n 
1 18  LEU n 
1 19  TYR n 
1 20  PHE n 
1 21  GLN n 
1 22  SER n 
1 23  MET n 
1 24  SER n 
1 25  TYR n 
1 26  ASP n 
1 27  ILE n 
1 28  GLN n 
1 29  ALA n 
1 30  TRP n 
1 31  LYS n 
1 32  LYS n 
1 33  GLN n 
1 34  CYS n 
1 35  GLU n 
1 36  GLU n 
1 37  LEU n 
1 38  LEU n 
1 39  ASN n 
1 40  LEU n 
1 41  ILE n 
1 42  PHE n 
1 43  GLN n 
1 44  CYS n 
1 45  GLU n 
1 46  ASP n 
1 47  SER n 
1 48  GLU n 
1 49  PRO n 
1 50  PHE n 
1 51  ARG n 
1 52  GLN n 
1 53  PRO n 
1 54  VAL n 
1 55  ASP n 
1 56  LEU n 
1 57  LEU n 
1 58  GLU n 
1 59  TYR n 
1 60  PRO n 
1 61  ASP n 
1 62  TYR n 
1 63  ARG n 
1 64  ASP n 
1 65  ILE n 
1 66  ILE n 
1 67  ASP n 
1 68  THR n 
1 69  PRO n 
1 70  MET n 
1 71  ASP n 
1 72  PHE n 
1 73  ALA n 
1 74  THR n 
1 75  VAL n 
1 76  ARG n 
1 77  GLU n 
1 78  THR n 
1 79  LEU n 
1 80  GLU n 
1 81  ALA n 
1 82  GLY n 
1 83  ASN n 
1 84  TYR n 
1 85  GLU n 
1 86  SER n 
1 87  PRO n 
1 88  MET n 
1 89  GLU n 
1 90  LEU n 
1 91  CYS n 
1 92  LYS n 
1 93  ASP n 
1 94  VAL n 
1 95  ARG n 
1 96  LEU n 
1 97  ILE n 
1 98  PHE n 
1 99  SER n 
1 100 ASN n 
1 101 SER n 
1 102 LYS n 
1 103 ALA n 
1 104 TYR n 
1 105 THR n 
1 106 PRO n 
1 107 SER n 
1 108 LYS n 
1 109 ARG n 
1 110 SER n 
1 111 ARG n 
1 112 ILE n 
1 113 TYR n 
1 114 SER n 
1 115 MET n 
1 116 SER n 
1 117 LEU n 
1 118 ARG n 
1 119 LEU n 
1 120 SER n 
1 121 ALA n 
1 122 PHE n 
1 123 PHE n 
1 124 GLU n 
1 125 GLU n 
1 126 HIS n 
1 127 ILE n 
1 128 SER n 
1 129 SER n 
1 130 VAL n 
1 131 LEU n 
1 132 SER n 
1 133 ASP n 
1 134 TYR n 
1 135 LYS n 
1 136 SER n 
1 137 ALA n 
1 138 LEU n 
1 139 ARG n 
1 140 PHE n 
1 141 HIS n 
1 142 LYS n 
1 143 ARG n 
1 144 ASN n 
1 145 THR n 
1 146 ILE n 
1 147 THR n 
1 148 LYS n 
1 149 ARG n 
# 
_entity_src_gen.entity_id                          1 
_entity_src_gen.pdbx_src_id                        1 
_entity_src_gen.pdbx_alt_source_flag               sample 
_entity_src_gen.pdbx_seq_type                      'Biological sequence' 
_entity_src_gen.pdbx_beg_seq_num                   1 
_entity_src_gen.pdbx_end_seq_num                   149 
_entity_src_gen.gene_src_common_name               human 
_entity_src_gen.gene_src_genus                     ? 
_entity_src_gen.pdbx_gene_src_gene                 'PHIP, DCAF14, WDR11' 
_entity_src_gen.gene_src_species                   ? 
_entity_src_gen.gene_src_strain                    ? 
_entity_src_gen.gene_src_tissue                    ? 
_entity_src_gen.gene_src_tissue_fraction           ? 
_entity_src_gen.gene_src_details                   ? 
_entity_src_gen.pdbx_gene_src_fragment             ? 
_entity_src_gen.pdbx_gene_src_scientific_name      'Homo sapiens' 
_entity_src_gen.pdbx_gene_src_ncbi_taxonomy_id     9606 
_entity_src_gen.pdbx_gene_src_variant              ? 
_entity_src_gen.pdbx_gene_src_cell_line            ? 
_entity_src_gen.pdbx_gene_src_atcc                 ? 
_entity_src_gen.pdbx_gene_src_organ                ? 
_entity_src_gen.pdbx_gene_src_organelle            ? 
_entity_src_gen.pdbx_gene_src_cell                 ? 
_entity_src_gen.pdbx_gene_src_cellular_location    ? 
_entity_src_gen.host_org_common_name               ? 
_entity_src_gen.pdbx_host_org_scientific_name      'Escherichia coli' 
_entity_src_gen.pdbx_host_org_ncbi_taxonomy_id     562 
_entity_src_gen.host_org_genus                     ? 
_entity_src_gen.pdbx_host_org_gene                 ? 
_entity_src_gen.pdbx_host_org_organ                ? 
_entity_src_gen.host_org_species                   ? 
_entity_src_gen.pdbx_host_org_tissue               ? 
_entity_src_gen.pdbx_host_org_tissue_fraction      ? 
_entity_src_gen.pdbx_host_org_strain               ? 
_entity_src_gen.pdbx_host_org_variant              ? 
_entity_src_gen.pdbx_host_org_cell_line            ? 
_entity_src_gen.pdbx_host_org_atcc                 ? 
_entity_src_gen.pdbx_host_org_culture_collection   ? 
_entity_src_gen.pdbx_host_org_cell                 ? 
_entity_src_gen.pdbx_host_org_organelle            ? 
_entity_src_gen.pdbx_host_org_cellular_location    ? 
_entity_src_gen.pdbx_host_org_vector_type          ? 
_entity_src_gen.pdbx_host_org_vector               ? 
_entity_src_gen.host_org_details                   ? 
_entity_src_gen.expression_system_id               ? 
_entity_src_gen.plasmid_name                       ? 
_entity_src_gen.plasmid_details                    ? 
_entity_src_gen.pdbx_description                   ? 
# 
loop_
_chem_comp.id 
_chem_comp.type 
_chem_comp.mon_nstd_flag 
_chem_comp.name 
_chem_comp.pdbx_synonyms 
_chem_comp.formula 
_chem_comp.formula_weight 
ALA 'L-peptide linking' y ALANINE                                                                            ? 'C3 H7 N O2'     
89.093  
ARG 'L-peptide linking' y ARGININE                                                                           ? 'C6 H15 N4 O2 1' 
175.209 
ASN 'L-peptide linking' y ASPARAGINE                                                                         ? 'C4 H8 N2 O3'    
132.118 
ASP 'L-peptide linking' y 'ASPARTIC ACID'                                                                    ? 'C4 H7 N O4'     
133.103 
CYS 'L-peptide linking' y CYSTEINE                                                                           ? 'C3 H7 N O2 S'   
121.158 
GLN 'L-peptide linking' y GLUTAMINE                                                                          ? 'C5 H10 N2 O3'   
146.144 
GLU 'L-peptide linking' y 'GLUTAMIC ACID'                                                                    ? 'C5 H9 N O4'     
147.129 
GLY 'peptide linking'   y GLYCINE                                                                            ? 'C2 H5 N O2'     
75.067  
HIS 'L-peptide linking' y HISTIDINE                                                                          ? 'C6 H10 N3 O2 1' 
156.162 
HOH non-polymer         . WATER                                                                              ? 'H2 O'           
18.015  
ILE 'L-peptide linking' y ISOLEUCINE                                                                         ? 'C6 H13 N O2'    
131.173 
LEU 'L-peptide linking' y LEUCINE                                                                            ? 'C6 H13 N O2'    
131.173 
LYS 'L-peptide linking' y LYSINE                                                                             ? 'C6 H15 N2 O2 1' 
147.195 
MET 'L-peptide linking' y METHIONINE                                                                         ? 'C5 H11 N O2 S'  
149.211 
PHE 'L-peptide linking' y PHENYLALANINE                                                                      ? 'C9 H11 N O2'    
165.189 
PRO 'L-peptide linking' y PROLINE                                                                            ? 'C5 H9 N O2'     
115.130 
SER 'L-peptide linking' y SERINE                                                                             ? 'C3 H7 N O3'     
105.093 
THR 'L-peptide linking' y THREONINE                                                                          ? 'C4 H9 N O3'     
119.119 
TRP 'L-peptide linking' y TRYPTOPHAN                                                                         ? 'C11 H12 N2 O2'  
204.225 
TYR 'L-peptide linking' y TYROSINE                                                                           ? 'C9 H11 N O3'    
181.189 
VAL 'L-peptide linking' y VALINE                                                                             ? 'C5 H11 N O2'    
117.146 
ZO5 non-polymer         . 'N-[(2H-1,3-benzodioxol-5-yl)methyl]-4-(furan-2-carbonyl)piperazine-1-carboxamide' ? 'C18 H19 N3 O5'  
357.361 
# 
loop_
_pdbx_poly_seq_scheme.asym_id 
_pdbx_poly_seq_scheme.entity_id 
_pdbx_poly_seq_scheme.seq_id 
_pdbx_poly_seq_scheme.mon_id 
_pdbx_poly_seq_scheme.ndb_seq_num 
_pdbx_poly_seq_scheme.pdb_seq_num 
_pdbx_poly_seq_scheme.auth_seq_num 
_pdbx_poly_seq_scheme.pdb_mon_id 
_pdbx_poly_seq_scheme.auth_mon_id 
_pdbx_poly_seq_scheme.pdb_strand_id 
_pdbx_poly_seq_scheme.pdb_ins_code 
_pdbx_poly_seq_scheme.hetero 
A 1 1   MET 1   1292 ?    ?   ?   A . n 
A 1 2   HIS 2   1293 ?    ?   ?   A . n 
A 1 3   HIS 3   1294 ?    ?   ?   A . n 
A 1 4   HIS 4   1295 ?    ?   ?   A . n 
A 1 5   HIS 5   1296 ?    ?   ?   A . n 
A 1 6   HIS 6   1297 ?    ?   ?   A . n 
A 1 7   HIS 7   1298 ?    ?   ?   A . n 
A 1 8   SER 8   1299 ?    ?   ?   A . n 
A 1 9   SER 9   1300 ?    ?   ?   A . n 
A 1 10  GLY 10  1301 ?    ?   ?   A . n 
A 1 11  VAL 11  1302 ?    ?   ?   A . n 
A 1 12  ASP 12  1303 ?    ?   ?   A . n 
A 1 13  LEU 13  1304 ?    ?   ?   A . n 
A 1 14  GLY 14  1305 ?    ?   ?   A . n 
A 1 15  THR 15  1306 ?    ?   ?   A . n 
A 1 16  GLU 16  1307 ?    ?   ?   A . n 
A 1 17  ASN 17  1308 ?    ?   ?   A . n 
A 1 18  LEU 18  1309 ?    ?   ?   A . n 
A 1 19  TYR 19  1310 ?    ?   ?   A . n 
A 1 20  PHE 20  1311 ?    ?   ?   A . n 
A 1 21  GLN 21  1312 ?    ?   ?   A . n 
A 1 22  SER 22  1313 ?    ?   ?   A . n 
A 1 23  MET 23  1314 ?    ?   ?   A . n 
A 1 24  SER 24  1315 1315 SER SER A . n 
A 1 25  TYR 25  1316 1316 TYR TYR A . n 
A 1 26  ASP 26  1317 1317 ASP ASP A . n 
A 1 27  ILE 27  1318 1318 ILE ILE A . n 
A 1 28  GLN 28  1319 1319 GLN GLN A . n 
A 1 29  ALA 29  1320 1320 ALA ALA A . n 
A 1 30  TRP 30  1321 1321 TRP TRP A . n 
A 1 31  LYS 31  1322 1322 LYS LYS A . n 
A 1 32  LYS 32  1323 1323 LYS LYS A . n 
A 1 33  GLN 33  1324 1324 GLN GLN A . n 
A 1 34  CYS 34  1325 1325 CYS CYS A . n 
A 1 35  GLU 35  1326 1326 GLU GLU A . n 
A 1 36  GLU 36  1327 1327 GLU GLU A . n 
A 1 37  LEU 37  1328 1328 LEU LEU A . n 
A 1 38  LEU 38  1329 1329 LEU LEU A . n 
A 1 39  ASN 39  1330 1330 ASN ASN A . n 
A 1 40  LEU 40  1331 1331 LEU LEU A . n 
A 1 41  ILE 41  1332 1332 ILE ILE A . n 
A 1 42  PHE 42  1333 1333 PHE PHE A . n 
A 1 43  GLN 43  1334 1334 GLN GLN A . n 
A 1 44  CYS 44  1335 1335 CYS CYS A . n 
A 1 45  GLU 45  1336 1336 GLU GLU A . n 
A 1 46  ASP 46  1337 1337 ASP ASP A . n 
A 1 47  SER 47  1338 1338 SER SER A . n 
A 1 48  GLU 48  1339 1339 GLU GLU A . n 
A 1 49  PRO 49  1340 1340 PRO PRO A . n 
A 1 50  PHE 50  1341 1341 PHE PHE A . n 
A 1 51  ARG 51  1342 1342 ARG ARG A . n 
A 1 52  GLN 52  1343 1343 GLN GLN A . n 
A 1 53  PRO 53  1344 1344 PRO PRO A . n 
A 1 54  VAL 54  1345 1345 VAL VAL A . n 
A 1 55  ASP 55  1346 1346 ASP ASP A . n 
A 1 56  LEU 56  1347 1347 LEU LEU A . n 
A 1 57  LEU 57  1348 1348 LEU LEU A . n 
A 1 58  GLU 58  1349 1349 GLU GLU A . n 
A 1 59  TYR 59  1350 1350 TYR TYR A . n 
A 1 60  PRO 60  1351 1351 PRO PRO A . n 
A 1 61  ASP 61  1352 1352 ASP ASP A . n 
A 1 62  TYR 62  1353 1353 TYR TYR A . n 
A 1 63  ARG 63  1354 1354 ARG ARG A . n 
A 1 64  ASP 64  1355 1355 ASP ASP A . n 
A 1 65  ILE 65  1356 1356 ILE ILE A . n 
A 1 66  ILE 66  1357 1357 ILE ILE A . n 
A 1 67  ASP 67  1358 1358 ASP ASP A . n 
A 1 68  THR 68  1359 1359 THR THR A . n 
A 1 69  PRO 69  1360 1360 PRO PRO A . n 
A 1 70  MET 70  1361 1361 MET MET A . n 
A 1 71  ASP 71  1362 1362 ASP ASP A . n 
A 1 72  PHE 72  1363 1363 PHE PHE A . n 
A 1 73  ALA 73  1364 1364 ALA ALA A . n 
A 1 74  THR 74  1365 1365 THR THR A . n 
A 1 75  VAL 75  1366 1366 VAL VAL A . n 
A 1 76  ARG 76  1367 1367 ARG ARG A . n 
A 1 77  GLU 77  1368 1368 GLU GLU A . n 
A 1 78  THR 78  1369 1369 THR THR A . n 
A 1 79  LEU 79  1370 1370 LEU LEU A . n 
A 1 80  GLU 80  1371 1371 GLU GLU A . n 
A 1 81  ALA 81  1372 1372 ALA ALA A . n 
A 1 82  GLY 82  1373 1373 GLY GLY A . n 
A 1 83  ASN 83  1374 1374 ASN ASN A . n 
A 1 84  TYR 84  1375 1375 TYR TYR A . n 
A 1 85  GLU 85  1376 1376 GLU GLU A . n 
A 1 86  SER 86  1377 1377 SER SER A . n 
A 1 87  PRO 87  1378 1378 PRO PRO A . n 
A 1 88  MET 88  1379 1379 MET MET A . n 
A 1 89  GLU 89  1380 1380 GLU GLU A . n 
A 1 90  LEU 90  1381 1381 LEU LEU A . n 
A 1 91  CYS 91  1382 1382 CYS CYS A . n 
A 1 92  LYS 92  1383 1383 LYS LYS A . n 
A 1 93  ASP 93  1384 1384 ASP ASP A . n 
A 1 94  VAL 94  1385 1385 VAL VAL A . n 
A 1 95  ARG 95  1386 1386 ARG ARG A . n 
A 1 96  LEU 96  1387 1387 LEU LEU A . n 
A 1 97  ILE 97  1388 1388 ILE ILE A . n 
A 1 98  PHE 98  1389 1389 PHE PHE A . n 
A 1 99  SER 99  1390 1390 SER SER A . n 
A 1 100 ASN 100 1391 1391 ASN ASN A . n 
A 1 101 SER 101 1392 1392 SER SER A . n 
A 1 102 LYS 102 1393 1393 LYS LYS A . n 
A 1 103 ALA 103 1394 1394 ALA ALA A . n 
A 1 104 TYR 104 1395 1395 TYR TYR A . n 
A 1 105 THR 105 1396 1396 THR THR A . n 
A 1 106 PRO 106 1397 1397 PRO PRO A . n 
A 1 107 SER 107 1398 1398 SER SER A . n 
A 1 108 LYS 108 1399 1399 LYS LYS A . n 
A 1 109 ARG 109 1400 1400 ARG ARG A . n 
A 1 110 SER 110 1401 1401 SER SER A . n 
A 1 111 ARG 111 1402 1402 ARG ARG A . n 
A 1 112 ILE 112 1403 1403 ILE ILE A . n 
A 1 113 TYR 113 1404 1404 TYR TYR A . n 
A 1 114 SER 114 1405 1405 SER SER A . n 
A 1 115 MET 115 1406 1406 MET MET A . n 
A 1 116 SER 116 1407 1407 SER SER A . n 
A 1 117 LEU 117 1408 1408 LEU LEU A . n 
A 1 118 ARG 118 1409 1409 ARG ARG A . n 
A 1 119 LEU 119 1410 1410 LEU LEU A . n 
A 1 120 SER 120 1411 1411 SER SER A . n 
A 1 121 ALA 121 1412 1412 ALA ALA A . n 
A 1 122 PHE 122 1413 1413 PHE PHE A . n 
A 1 123 PHE 123 1414 1414 PHE PHE A . n 
A 1 124 GLU 124 1415 1415 GLU GLU A . n 
A 1 125 GLU 125 1416 1416 GLU GLU A . n 
A 1 126 HIS 126 1417 1417 HIS HIS A . n 
A 1 127 ILE 127 1418 1418 ILE ILE A . n 
A 1 128 SER 128 1419 1419 SER SER A . n 
A 1 129 SER 129 1420 1420 SER SER A . n 
A 1 130 VAL 130 1421 1421 VAL VAL A . n 
A 1 131 LEU 131 1422 1422 LEU LEU A . n 
A 1 132 SER 132 1423 1423 SER SER A . n 
A 1 133 ASP 133 1424 1424 ASP ASP A . n 
A 1 134 TYR 134 1425 1425 TYR TYR A . n 
A 1 135 LYS 135 1426 1426 LYS LYS A . n 
A 1 136 SER 136 1427 1427 SER SER A . n 
A 1 137 ALA 137 1428 1428 ALA ALA A . n 
A 1 138 LEU 138 1429 1429 LEU LEU A . n 
A 1 139 ARG 139 1430 1430 ARG ARG A . n 
A 1 140 PHE 140 1431 1431 PHE PHE A . n 
A 1 141 HIS 141 1432 1432 HIS HIS A . n 
A 1 142 LYS 142 1433 1433 LYS LYS A . n 
A 1 143 ARG 143 1434 1434 ARG ARG A . n 
A 1 144 ASN 144 1435 ?    ?   ?   A . n 
A 1 145 THR 145 1436 ?    ?   ?   A . n 
A 1 146 ILE 146 1437 ?    ?   ?   A . n 
A 1 147 THR 147 1438 ?    ?   ?   A . n 
A 1 148 LYS 148 1439 ?    ?   ?   A . n 
A 1 149 ARG 149 1440 ?    ?   ?   A . n 
# 
loop_
_pdbx_nonpoly_scheme.asym_id 
_pdbx_nonpoly_scheme.entity_id 
_pdbx_nonpoly_scheme.mon_id 
_pdbx_nonpoly_scheme.ndb_seq_num 
_pdbx_nonpoly_scheme.pdb_seq_num 
_pdbx_nonpoly_scheme.auth_seq_num 
_pdbx_nonpoly_scheme.pdb_mon_id 
_pdbx_nonpoly_scheme.auth_mon_id 
_pdbx_nonpoly_scheme.pdb_strand_id 
_pdbx_nonpoly_scheme.pdb_ins_code 
B 2 ZO5 1   1901 1901 ZO5 LIG A . 
C 3 HOH 1   2001 1648 HOH HOH A . 
C 3 HOH 2   2002 14   HOH HOH A . 
C 3 HOH 3   2003 16   HOH HOH A . 
C 3 HOH 4   2004 1613 HOH HOH A . 
C 3 HOH 5   2005 1627 HOH HOH A . 
C 3 HOH 6   2006 1610 HOH HOH A . 
C 3 HOH 7   2007 1622 HOH HOH A . 
C 3 HOH 8   2008 24   HOH HOH A . 
C 3 HOH 9   2009 1    HOH HOH A . 
C 3 HOH 10  2010 1712 HOH HOH A . 
C 3 HOH 11  2011 1605 HOH HOH A . 
C 3 HOH 12  2012 1647 HOH HOH A . 
C 3 HOH 13  2013 1676 HOH HOH A . 
C 3 HOH 14  2014 1750 HOH HOH A . 
C 3 HOH 15  2015 25   HOH HOH A . 
C 3 HOH 16  2016 1609 HOH HOH A . 
C 3 HOH 17  2017 1624 HOH HOH A . 
C 3 HOH 18  2018 1607 HOH HOH A . 
C 3 HOH 19  2019 1636 HOH HOH A . 
C 3 HOH 20  2020 1604 HOH HOH A . 
C 3 HOH 21  2021 1662 HOH HOH A . 
C 3 HOH 22  2022 1625 HOH HOH A . 
C 3 HOH 23  2023 1602 HOH HOH A . 
C 3 HOH 24  2024 1629 HOH HOH A . 
C 3 HOH 25  2025 1608 HOH HOH A . 
C 3 HOH 26  2026 1603 HOH HOH A . 
C 3 HOH 27  2027 1642 HOH HOH A . 
C 3 HOH 28  2028 20   HOH HOH A . 
C 3 HOH 29  2029 1665 HOH HOH A . 
C 3 HOH 30  2030 1732 HOH HOH A . 
C 3 HOH 31  2031 1645 HOH HOH A . 
C 3 HOH 32  2032 1626 HOH HOH A . 
C 3 HOH 33  2033 1655 HOH HOH A . 
C 3 HOH 34  2034 1680 HOH HOH A . 
C 3 HOH 35  2035 1633 HOH HOH A . 
C 3 HOH 36  2036 1658 HOH HOH A . 
C 3 HOH 37  2037 1673 HOH HOH A . 
C 3 HOH 38  2038 1615 HOH HOH A . 
C 3 HOH 39  2039 1641 HOH HOH A . 
C 3 HOH 40  2040 1664 HOH HOH A . 
C 3 HOH 41  2041 23   HOH HOH A . 
C 3 HOH 42  2042 1634 HOH HOH A . 
C 3 HOH 43  2043 1677 HOH HOH A . 
C 3 HOH 44  2044 1616 HOH HOH A . 
C 3 HOH 45  2045 1689 HOH HOH A . 
C 3 HOH 46  2046 1747 HOH HOH A . 
C 3 HOH 47  2047 1719 HOH HOH A . 
C 3 HOH 48  2048 1630 HOH HOH A . 
C 3 HOH 49  2049 1632 HOH HOH A . 
C 3 HOH 50  2050 1644 HOH HOH A . 
C 3 HOH 51  2051 1740 HOH HOH A . 
C 3 HOH 52  2052 1718 HOH HOH A . 
C 3 HOH 53  2053 1696 HOH HOH A . 
C 3 HOH 54  2054 1646 HOH HOH A . 
C 3 HOH 55  2055 13   HOH HOH A . 
C 3 HOH 56  2056 1612 HOH HOH A . 
C 3 HOH 57  2057 1668 HOH HOH A . 
C 3 HOH 58  2058 1617 HOH HOH A . 
C 3 HOH 59  2059 1649 HOH HOH A . 
C 3 HOH 60  2060 1672 HOH HOH A . 
C 3 HOH 61  2061 1771 HOH HOH A . 
C 3 HOH 62  2062 1643 HOH HOH A . 
C 3 HOH 63  2063 1693 HOH HOH A . 
C 3 HOH 64  2064 1674 HOH HOH A . 
C 3 HOH 65  2065 3    HOH HOH A . 
C 3 HOH 66  2066 1669 HOH HOH A . 
C 3 HOH 67  2067 1687 HOH HOH A . 
C 3 HOH 68  2068 1666 HOH HOH A . 
C 3 HOH 69  2069 1682 HOH HOH A . 
C 3 HOH 70  2070 1688 HOH HOH A . 
C 3 HOH 71  2071 1619 HOH HOH A . 
C 3 HOH 72  2072 1683 HOH HOH A . 
C 3 HOH 73  2073 1692 HOH HOH A . 
C 3 HOH 74  2074 1651 HOH HOH A . 
C 3 HOH 75  2075 1681 HOH HOH A . 
C 3 HOH 76  2076 1671 HOH HOH A . 
C 3 HOH 77  2077 15   HOH HOH A . 
C 3 HOH 78  2078 1638 HOH HOH A . 
C 3 HOH 79  2079 1721 HOH HOH A . 
C 3 HOH 80  2080 1601 HOH HOH A . 
C 3 HOH 81  2081 12   HOH HOH A . 
C 3 HOH 82  2082 1699 HOH HOH A . 
C 3 HOH 83  2083 1690 HOH HOH A . 
C 3 HOH 84  2084 1720 HOH HOH A . 
C 3 HOH 85  2085 1700 HOH HOH A . 
C 3 HOH 86  2086 1652 HOH HOH A . 
C 3 HOH 87  2087 1733 HOH HOH A . 
C 3 HOH 88  2088 1667 HOH HOH A . 
C 3 HOH 89  2089 1661 HOH HOH A . 
C 3 HOH 90  2090 1628 HOH HOH A . 
C 3 HOH 91  2091 1731 HOH HOH A . 
C 3 HOH 92  2092 1684 HOH HOH A . 
C 3 HOH 93  2093 1650 HOH HOH A . 
C 3 HOH 94  2094 1773 HOH HOH A . 
C 3 HOH 95  2095 1723 HOH HOH A . 
C 3 HOH 96  2096 1663 HOH HOH A . 
C 3 HOH 97  2097 1685 HOH HOH A . 
C 3 HOH 98  2098 1701 HOH HOH A . 
C 3 HOH 99  2099 1675 HOH HOH A . 
C 3 HOH 100 2100 1686 HOH HOH A . 
C 3 HOH 101 2101 18   HOH HOH A . 
C 3 HOH 102 2102 1637 HOH HOH A . 
C 3 HOH 103 2103 1714 HOH HOH A . 
C 3 HOH 104 2104 1704 HOH HOH A . 
C 3 HOH 105 2105 1694 HOH HOH A . 
C 3 HOH 106 2106 1711 HOH HOH A . 
C 3 HOH 107 2107 1729 HOH HOH A . 
C 3 HOH 108 2108 1706 HOH HOH A . 
C 3 HOH 109 2109 1606 HOH HOH A . 
C 3 HOH 110 2110 1725 HOH HOH A . 
C 3 HOH 111 2111 1611 HOH HOH A . 
C 3 HOH 112 2112 1708 HOH HOH A . 
C 3 HOH 113 2113 1678 HOH HOH A . 
C 3 HOH 114 2114 1623 HOH HOH A . 
C 3 HOH 115 2115 1730 HOH HOH A . 
C 3 HOH 116 2116 1697 HOH HOH A . 
C 3 HOH 117 2117 1727 HOH HOH A . 
C 3 HOH 118 2118 1715 HOH HOH A . 
C 3 HOH 119 2119 22   HOH HOH A . 
C 3 HOH 120 2120 1737 HOH HOH A . 
C 3 HOH 121 2121 2    HOH HOH A . 
C 3 HOH 122 2122 1710 HOH HOH A . 
C 3 HOH 123 2123 1713 HOH HOH A . 
C 3 HOH 124 2124 1728 HOH HOH A . 
C 3 HOH 125 2125 1767 HOH HOH A . 
C 3 HOH 126 2126 1621 HOH HOH A . 
C 3 HOH 127 2127 1736 HOH HOH A . 
C 3 HOH 128 2128 1744 HOH HOH A . 
C 3 HOH 129 2129 1722 HOH HOH A . 
C 3 HOH 130 2130 1724 HOH HOH A . 
C 3 HOH 131 2131 1657 HOH HOH A . 
C 3 HOH 132 2132 1734 HOH HOH A . 
C 3 HOH 133 2133 1726 HOH HOH A . 
C 3 HOH 134 2134 17   HOH HOH A . 
C 3 HOH 135 2135 1679 HOH HOH A . 
C 3 HOH 136 2136 1741 HOH HOH A . 
C 3 HOH 137 2137 1695 HOH HOH A . 
C 3 HOH 138 2138 1709 HOH HOH A . 
C 3 HOH 139 2139 1640 HOH HOH A . 
C 3 HOH 140 2140 1703 HOH HOH A . 
C 3 HOH 141 2141 1738 HOH HOH A . 
C 3 HOH 142 2142 1772 HOH HOH A . 
C 3 HOH 143 2143 1748 HOH HOH A . 
C 3 HOH 144 2144 1635 HOH HOH A . 
C 3 HOH 145 2145 21   HOH HOH A . 
C 3 HOH 146 2146 1742 HOH HOH A . 
C 3 HOH 147 2147 1752 HOH HOH A . 
C 3 HOH 148 2148 1656 HOH HOH A . 
C 3 HOH 149 2149 1751 HOH HOH A . 
C 3 HOH 150 2150 1757 HOH HOH A . 
C 3 HOH 151 2151 1759 HOH HOH A . 
C 3 HOH 152 2152 1753 HOH HOH A . 
C 3 HOH 153 2153 1754 HOH HOH A . 
C 3 HOH 154 2154 1756 HOH HOH A . 
C 3 HOH 155 2155 1743 HOH HOH A . 
C 3 HOH 156 2156 1795 HOH HOH A . 
C 3 HOH 157 2157 1768 HOH HOH A . 
C 3 HOH 158 2158 1763 HOH HOH A . 
C 3 HOH 159 2159 1766 HOH HOH A . 
C 3 HOH 160 2160 9    HOH HOH A . 
C 3 HOH 161 2161 1769 HOH HOH A . 
C 3 HOH 162 2162 1749 HOH HOH A . 
C 3 HOH 163 2163 1786 HOH HOH A . 
C 3 HOH 164 2164 1755 HOH HOH A . 
C 3 HOH 165 2165 1770 HOH HOH A . 
C 3 HOH 166 2166 1794 HOH HOH A . 
C 3 HOH 167 2167 1765 HOH HOH A . 
C 3 HOH 168 2168 7    HOH HOH A . 
C 3 HOH 169 2169 1758 HOH HOH A . 
C 3 HOH 170 2170 1779 HOH HOH A . 
C 3 HOH 171 2171 1762 HOH HOH A . 
C 3 HOH 172 2172 1777 HOH HOH A . 
C 3 HOH 173 2173 1784 HOH HOH A . 
C 3 HOH 174 2174 8    HOH HOH A . 
C 3 HOH 175 2175 1775 HOH HOH A . 
C 3 HOH 176 2176 1774 HOH HOH A . 
C 3 HOH 177 2177 1778 HOH HOH A . 
C 3 HOH 178 2178 1781 HOH HOH A . 
C 3 HOH 179 2179 1760 HOH HOH A . 
C 3 HOH 180 2180 1782 HOH HOH A . 
C 3 HOH 181 2181 1776 HOH HOH A . 
C 3 HOH 182 2182 11   HOH HOH A . 
C 3 HOH 183 2183 1764 HOH HOH A . 
C 3 HOH 184 2184 1783 HOH HOH A . 
C 3 HOH 185 2185 1789 HOH HOH A . 
C 3 HOH 186 2186 1788 HOH HOH A . 
C 3 HOH 187 2187 1787 HOH HOH A . 
C 3 HOH 188 2188 1791 HOH HOH A . 
C 3 HOH 189 2189 6    HOH HOH A . 
C 3 HOH 190 2190 1790 HOH HOH A . 
C 3 HOH 191 2191 1797 HOH HOH A . 
C 3 HOH 192 2192 1793 HOH HOH A . 
C 3 HOH 193 2193 10   HOH HOH A . 
C 3 HOH 194 2194 1792 HOH HOH A . 
C 3 HOH 195 2195 1799 HOH HOH A . 
C 3 HOH 196 2196 19   HOH HOH A . 
C 3 HOH 197 2197 1798 HOH HOH A . 
C 3 HOH 198 2198 1761 HOH HOH A . 
C 3 HOH 199 2199 1800 HOH HOH A . 
# 
loop_
_pdbx_unobs_or_zero_occ_atoms.id 
_pdbx_unobs_or_zero_occ_atoms.PDB_model_num 
_pdbx_unobs_or_zero_occ_atoms.polymer_flag 
_pdbx_unobs_or_zero_occ_atoms.occupancy_flag 
_pdbx_unobs_or_zero_occ_atoms.auth_asym_id 
_pdbx_unobs_or_zero_occ_atoms.auth_comp_id 
_pdbx_unobs_or_zero_occ_atoms.auth_seq_id 
_pdbx_unobs_or_zero_occ_atoms.PDB_ins_code 
_pdbx_unobs_or_zero_occ_atoms.auth_atom_id 
_pdbx_unobs_or_zero_occ_atoms.label_alt_id 
_pdbx_unobs_or_zero_occ_atoms.label_asym_id 
_pdbx_unobs_or_zero_occ_atoms.label_comp_id 
_pdbx_unobs_or_zero_occ_atoms.label_seq_id 
_pdbx_unobs_or_zero_occ_atoms.label_atom_id 
1 1 Y 1 A GLN 1334 ? CD  ? A GLN 43 CD  
2 1 Y 1 A GLN 1334 ? OE1 ? A GLN 43 OE1 
3 1 Y 1 A GLN 1334 ? NE2 ? A GLN 43 NE2 
# 
loop_
_software.pdbx_ordinal 
_software.name 
_software.version 
_software.date 
_software.type 
_software.contact_author 
_software.contact_author_email 
_software.classification 
_software.location 
_software.language 
_software.citation_id 
1 REFMAC      5.8.0267 ?               program 'Garib N. Murshudov' garib@ysbl.york.ac.uk    refinement        
http://www.ccp4.ac.uk/dist/html/refmac5.html        Fortran_77 ? 
2 Aimless     0.7.7    23/04/21        program 'Phil Evans'         ?                        'data scaling'    
http://www.mrc-lmb.cam.ac.uk/harry/pre/aimless.html ?          ? 
3 PDB_EXTRACT 3.23     'SEP. 23, 2016' package PDB                  deposit@deposit.rcsb.org 'data extraction' 
http://sw-tools.pdb.org/apps/PDB_EXTRACT/           C++        ? 
4 XDS         .        ?               program ?                    ?                        'data reduction'  ? ?          ? 
5 REFMAC      .        ?               program ?                    ?                        phasing           ? ?          ? 
# 
_cell.entry_id           7FVI 
_cell.length_a           81.859 
_cell.length_b           27.516 
_cell.length_c           56.423 
_cell.angle_alpha        90.000 
_cell.angle_beta         99.810 
_cell.angle_gamma        90.000 
_cell.Z_PDB              4 
_cell.pdbx_unique_axis   ? 
# 
_symmetry.entry_id                         7FVI 
_symmetry.space_group_name_H-M             'C 1 2 1' 
_symmetry.pdbx_full_space_group_name_H-M   ? 
_symmetry.cell_setting                     ? 
_symmetry.Int_Tables_number                5 
# 
_exptl.crystals_number   1 
_exptl.entry_id          7FVI 
_exptl.method            'X-RAY DIFFRACTION' 
# 
_exptl_crystal.id                    1 
_exptl_crystal.pdbx_mosaicity        0.000 
_exptl_crystal.pdbx_mosaicity_esd    ? 
_exptl_crystal.density_Matthews      1.78 
_exptl_crystal.density_diffrn        ? 
_exptl_crystal.density_meas          ? 
_exptl_crystal.density_meas_temp     ? 
_exptl_crystal.density_percent_sol   30.74 
_exptl_crystal.size_max              ? 
_exptl_crystal.size_mid              ? 
_exptl_crystal.size_min              ? 
_exptl_crystal.size_rad              ? 
_exptl_crystal.description           ? 
# 
_exptl_crystal_grow.crystal_id      1 
_exptl_crystal_grow.method          'VAPOR DIFFUSION, SITTING DROP' 
_exptl_crystal_grow.pH              5.6 
_exptl_crystal_grow.temp            277 
_exptl_crystal_grow.pdbx_details    '20% PEG 8000, 0.04M potassium phosphate' 
_exptl_crystal_grow.temp_details    ? 
_exptl_crystal_grow.pdbx_pH_range   ? 
# 
_diffrn.id                     1 
_diffrn.ambient_temp           100 
_diffrn.crystal_id             1 
_diffrn.ambient_temp_details   ? 
# 
_diffrn_detector.detector               PIXEL 
_diffrn_detector.type                   'DECTRIS PILATUS 6M' 
_diffrn_detector.pdbx_collection_date   2022-09-24 
_diffrn_detector.diffrn_id              1 
_diffrn_detector.details                ? 
# 
_diffrn_radiation.diffrn_id                        1 
_diffrn_radiation.wavelength_id                    1 
_diffrn_radiation.pdbx_diffrn_protocol             'SINGLE WAVELENGTH' 
_diffrn_radiation.pdbx_monochromatic_or_laue_m_l   ? 
_diffrn_radiation.monochromator                    ? 
_diffrn_radiation.pdbx_scattering_type             x-ray 
# 
_diffrn_radiation_wavelength.id           1 
_diffrn_radiation_wavelength.wavelength   0.92124 
_diffrn_radiation_wavelength.wt           1.0 
# 
_diffrn_source.diffrn_id                   1 
_diffrn_source.source                      SYNCHROTRON 
_diffrn_source.type                        'DIAMOND BEAMLINE I04-1' 
_diffrn_source.pdbx_wavelength_list        0.92124 
_diffrn_source.pdbx_synchrotron_site       Diamond 
_diffrn_source.pdbx_synchrotron_beamline   I04-1 
_diffrn_source.pdbx_wavelength             ? 
# 
_reflns.entry_id                     7FVI 
_reflns.pdbx_diffrn_id               1 
_reflns.pdbx_ordinal                 1 
_reflns.observed_criterion_sigma_I   ? 
_reflns.observed_criterion_sigma_F   ? 
_reflns.d_resolution_low             55.600 
_reflns.d_resolution_high            1.180 
_reflns.number_obs                   33601 
_reflns.number_all                   ? 
_reflns.percent_possible_obs         81.500 
_reflns.pdbx_Rmerge_I_obs            0.111 
_reflns.pdbx_Rsym_value              ? 
_reflns.pdbx_netI_over_sigmaI        9.500 
_reflns.B_iso_Wilson_estimate        ? 
_reflns.pdbx_redundancy              5.100 
_reflns.pdbx_Rrim_I_all              0.122 
_reflns.pdbx_Rpim_I_all              0.050 
_reflns.pdbx_CC_half                 0.985 
_reflns.pdbx_netI_over_av_sigmaI     ? 
_reflns.pdbx_number_measured_all     172835 
_reflns.pdbx_scaling_rejects         0 
_reflns.pdbx_chi_squared             ? 
_reflns.Rmerge_F_all                 ? 
_reflns.Rmerge_F_obs                 ? 
_reflns.observed_criterion_F_max     ? 
_reflns.observed_criterion_F_min     ? 
_reflns.observed_criterion_I_max     ? 
_reflns.observed_criterion_I_min     ? 
_reflns.pdbx_d_res_high_opt          ? 
_reflns.pdbx_d_res_low_opt           ? 
_reflns.details                      ? 
# 
loop_
_reflns_shell.pdbx_diffrn_id 
_reflns_shell.pdbx_ordinal 
_reflns_shell.d_res_high 
_reflns_shell.d_res_low 
_reflns_shell.number_measured_obs 
_reflns_shell.number_measured_all 
_reflns_shell.number_unique_obs 
_reflns_shell.pdbx_rejects 
_reflns_shell.Rmerge_I_obs 
_reflns_shell.meanI_over_sigI_obs 
_reflns_shell.pdbx_Rsym_value 
_reflns_shell.pdbx_chi_squared 
_reflns_shell.pdbx_redundancy 
_reflns_shell.percent_possible_obs 
_reflns_shell.pdbx_netI_over_sigmaI_obs 
_reflns_shell.number_possible 
_reflns_shell.number_unique_all 
_reflns_shell.Rmerge_F_all 
_reflns_shell.Rmerge_F_obs 
_reflns_shell.Rmerge_I_all 
_reflns_shell.meanI_over_sigI_all 
_reflns_shell.percent_possible_all 
_reflns_shell.pdbx_Rrim_I_all 
_reflns_shell.pdbx_Rpim_I_all 
_reflns_shell.pdbx_CC_half 
1 1 1.180 1.200  ? 433  ? ? 1.236 ? ? ? 1.200 ? 0.400  ? 369 ? ? ? ? 18.000 1.742 1.227 0.179 
1 2 6.460 55.600 ? 1685 ? ? 0.104 ? ? ? 5.900 ? 32.900 ? 288 ? ? ? ? 99.800 0.115 0.049 0.977 
# 
_refine.entry_id                                 7FVI 
_refine.pdbx_refine_id                           'X-RAY DIFFRACTION' 
_refine.ls_d_res_high                            1.1800 
_refine.ls_d_res_low                             55.6000 
_refine.pdbx_ls_sigma_F                          0.000 
_refine.pdbx_data_cutoff_high_absF               ? 
_refine.pdbx_data_cutoff_low_absF                ? 
_refine.ls_percent_reflns_obs                    76.9400 
_refine.ls_number_reflns_obs                     30156 
_refine.ls_number_reflns_all                     ? 
_refine.pdbx_ls_cross_valid_method               THROUGHOUT 
_refine.ls_matrix_type                           ? 
_refine.pdbx_R_Free_selection_details            RANDOM 
_refine.details                                  
'HYDROGENS HAVE BEEN ADDED IN THE RIDING POSITIONS U VALUES      : REFINED INDIVIDUALLY' 
_refine.ls_R_factor_all                          ? 
_refine.ls_R_factor_obs                          0.1886 
_refine.ls_R_factor_R_work                       0.1874 
_refine.ls_wR_factor_R_work                      ? 
_refine.ls_R_factor_R_free                       0.2121 
_refine.ls_wR_factor_R_free                      ? 
_refine.ls_percent_reflns_R_free                 5.0000 
_refine.ls_number_reflns_R_free                  1593 
_refine.ls_number_reflns_R_work                  ? 
_refine.ls_R_factor_R_free_error                 ? 
_refine.B_iso_mean                               21.7720 
_refine.solvent_model_param_bsol                 ? 
_refine.solvent_model_param_ksol                 ? 
_refine.pdbx_isotropic_thermal_model             ? 
_refine.aniso_B[1][1]                            -0.1800 
_refine.aniso_B[2][2]                            1.0900 
_refine.aniso_B[3][3]                            -0.9900 
_refine.aniso_B[1][2]                            -0.0000 
_refine.aniso_B[1][3]                            0.3900 
_refine.aniso_B[2][3]                            -0.0000 
_refine.correlation_coeff_Fo_to_Fc               0.9640 
_refine.correlation_coeff_Fo_to_Fc_free          0.9550 
_refine.overall_SU_R_Cruickshank_DPI             ? 
_refine.pdbx_overall_SU_R_free_Cruickshank_DPI   ? 
_refine.pdbx_overall_SU_R_Blow_DPI               ? 
_refine.pdbx_overall_SU_R_free_Blow_DPI          ? 
_refine.overall_SU_R_free                        ? 
_refine.pdbx_overall_ESU_R                       0.0890 
_refine.pdbx_overall_ESU_R_Free                  0.0820 
_refine.overall_SU_ML                            0.0800 
_refine.overall_SU_B                             1.9340 
_refine.solvent_model_details                    MASK 
_refine.pdbx_solvent_vdw_probe_radii             1.2000 
_refine.pdbx_solvent_ion_probe_radii             0.8000 
_refine.pdbx_solvent_shrinkage_radii             0.8000 
_refine.ls_number_parameters                     ? 
_refine.ls_number_restraints                     ? 
_refine.pdbx_starting_model                      7av9 
_refine.pdbx_method_to_determine_struct          'FOURIER SYNTHESIS' 
_refine.pdbx_stereochemistry_target_values       'MAXIMUM LIKELIHOOD' 
_refine.pdbx_stereochem_target_val_spec_case     ? 
_refine.overall_FOM_work_R_set                   ? 
_refine.B_iso_max                                58.580 
_refine.B_iso_min                                10.480 
_refine.pdbx_overall_phase_error                 ? 
_refine.occupancy_max                            ? 
_refine.occupancy_min                            ? 
_refine.pdbx_diffrn_id                           1 
_refine.pdbx_TLS_residual_ADP_flag               ? 
_refine.pdbx_ls_sigma_I                          ? 
_refine.pdbx_data_cutoff_high_rms_absF           ? 
_refine.ls_R_factor_R_free_error_details         ? 
# 
_refine_hist.cycle_id                         final 
_refine_hist.pdbx_refine_id                   'X-RAY DIFFRACTION' 
_refine_hist.d_res_high                       1.1800 
_refine_hist.d_res_low                        55.6000 
_refine_hist.pdbx_number_atoms_ligand         26 
_refine_hist.number_atoms_solvent             199 
_refine_hist.number_atoms_total               1220 
_refine_hist.pdbx_number_residues_total       120 
_refine_hist.pdbx_B_iso_mean_ligand           26.75 
_refine_hist.pdbx_B_iso_mean_solvent          29.74 
_refine_hist.pdbx_number_atoms_protein        995 
_refine_hist.pdbx_number_atoms_nucleic_acid   0 
# 
loop_
_refine_ls_restr.pdbx_refine_id 
_refine_ls_restr.type 
_refine_ls_restr.number 
_refine_ls_restr.dev_ideal 
_refine_ls_restr.dev_ideal_target 
_refine_ls_restr.weight 
_refine_ls_restr.pdbx_restraint_function 
'X-RAY DIFFRACTION' r_bond_refined_d       3291 0.007  0.015  ? ? 
'X-RAY DIFFRACTION' r_bond_other_d         2146 0.001  0.014  ? ? 
'X-RAY DIFFRACTION' r_angle_refined_deg    3266 1.477  1.674  ? ? 
'X-RAY DIFFRACTION' r_angle_other_deg      5007 1.346  1.588  ? ? 
'X-RAY DIFFRACTION' r_dihedral_angle_1_deg 298  5.915  5.000  ? ? 
'X-RAY DIFFRACTION' r_dihedral_angle_2_deg 147  21.597 20.272 ? ? 
'X-RAY DIFFRACTION' r_dihedral_angle_3_deg 405  14.441 15.000 ? ? 
'X-RAY DIFFRACTION' r_dihedral_angle_4_deg 24   10.549 15.000 ? ? 
'X-RAY DIFFRACTION' r_chiral_restr         297  0.075  0.200  ? ? 
'X-RAY DIFFRACTION' r_gen_planes_refined   2820 0.007  0.020  ? ? 
'X-RAY DIFFRACTION' r_gen_planes_other     590  0.002  0.020  ? ? 
'X-RAY DIFFRACTION' r_mcbond_it            1558 1.865  2.139  ? ? 
'X-RAY DIFFRACTION' r_mcbond_other         1485 1.905  2.072  ? ? 
'X-RAY DIFFRACTION' r_mcangle_it           1432 3.969  2.984  ? ? 
# 
_refine_ls_shell.d_res_high                       1.1800 
_refine_ls_shell.d_res_low                        1.2100 
_refine_ls_shell.pdbx_total_number_of_bins_used   20 
_refine_ls_shell.percent_reflns_obs               9.0200 
_refine_ls_shell.number_reflns_R_work             265 
_refine_ls_shell.R_factor_all                     ? 
_refine_ls_shell.R_factor_R_work                  0.4040 
_refine_ls_shell.R_factor_R_free                  0.4460 
_refine_ls_shell.percent_reflns_R_free            ? 
_refine_ls_shell.number_reflns_R_free             11 
_refine_ls_shell.R_factor_R_free_error            ? 
_refine_ls_shell.number_reflns_all                276 
_refine_ls_shell.number_reflns_obs                ? 
_refine_ls_shell.pdbx_refine_id                   'X-RAY DIFFRACTION' 
# 
_struct.entry_id                  7FVI 
_struct.title                     'PanDDA analysis group deposition -- PHIP in complex with Z183306756' 
_struct.pdbx_model_details        ? 
_struct.pdbx_CASP_flag            ? 
_struct.pdbx_model_type_details   ? 
# 
_struct_keywords.entry_id        7FVI 
_struct_keywords.text            
'False negatives, ligand features, rescreening, catalogue, fragment follow-ups, automated chemistry, SIGNALING PROTEIN' 
_struct_keywords.pdbx_keywords   'SIGNALING PROTEIN' 
# 
loop_
_struct_asym.id 
_struct_asym.pdbx_blank_PDB_chainid_flag 
_struct_asym.pdbx_modified 
_struct_asym.entity_id 
_struct_asym.details 
A N N 1 ? 
B N N 2 ? 
C N N 3 ? 
# 
_struct_ref.id                         1 
_struct_ref.db_name                    UNP 
_struct_ref.db_code                    PHIP_HUMAN 
_struct_ref.pdbx_db_accession          Q8WWQ0 
_struct_ref.pdbx_db_isoform            ? 
_struct_ref.entity_id                  1 
_struct_ref.pdbx_seq_one_letter_code   
;SYDIQAWKKQCEELLNLIFQCEDSEPFRQPVDLLEYPDYRDIIDTPMDFATVRETLEAGNYESPMELCKDVRLIFSNSKA
YTPSKRSRIYSMSLRLSAFFEEHISSVLSDYKSALRFHKRNTITKR
;
_struct_ref.pdbx_align_begin           1315 
# 
_struct_ref_seq.align_id                      1 
_struct_ref_seq.ref_id                        1 
_struct_ref_seq.pdbx_PDB_id_code              7FVI 
_struct_ref_seq.pdbx_strand_id                A 
_struct_ref_seq.seq_align_beg                 24 
_struct_ref_seq.pdbx_seq_align_beg_ins_code   ? 
_struct_ref_seq.seq_align_end                 149 
_struct_ref_seq.pdbx_seq_align_end_ins_code   ? 
_struct_ref_seq.pdbx_db_accession             Q8WWQ0 
_struct_ref_seq.db_align_beg                  1315 
_struct_ref_seq.pdbx_db_align_beg_ins_code    ? 
_struct_ref_seq.db_align_end                  1440 
_struct_ref_seq.pdbx_db_align_end_ins_code    ? 
_struct_ref_seq.pdbx_auth_seq_align_beg       1315 
_struct_ref_seq.pdbx_auth_seq_align_end       1440 
# 
loop_
_struct_ref_seq_dif.align_id 
_struct_ref_seq_dif.pdbx_pdb_id_code 
_struct_ref_seq_dif.mon_id 
_struct_ref_seq_dif.pdbx_pdb_strand_id 
_struct_ref_seq_dif.seq_num 
_struct_ref_seq_dif.pdbx_pdb_ins_code 
_struct_ref_seq_dif.pdbx_seq_db_name 
_struct_ref_seq_dif.pdbx_seq_db_accession_code 
_struct_ref_seq_dif.db_mon_id 
_struct_ref_seq_dif.pdbx_seq_db_seq_num 
_struct_ref_seq_dif.details 
_struct_ref_seq_dif.pdbx_auth_seq_num 
_struct_ref_seq_dif.pdbx_ordinal 
1 7FVI MET A 1  ? UNP Q8WWQ0 ? ? 'initiating methionine' 1292 1  
1 7FVI HIS A 2  ? UNP Q8WWQ0 ? ? 'expression tag'        1293 2  
1 7FVI HIS A 3  ? UNP Q8WWQ0 ? ? 'expression tag'        1294 3  
1 7FVI HIS A 4  ? UNP Q8WWQ0 ? ? 'expression tag'        1295 4  
1 7FVI HIS A 5  ? UNP Q8WWQ0 ? ? 'expression tag'        1296 5  
1 7FVI HIS A 6  ? UNP Q8WWQ0 ? ? 'expression tag'        1297 6  
1 7FVI HIS A 7  ? UNP Q8WWQ0 ? ? 'expression tag'        1298 7  
1 7FVI SER A 8  ? UNP Q8WWQ0 ? ? 'expression tag'        1299 8  
1 7FVI SER A 9  ? UNP Q8WWQ0 ? ? 'expression tag'        1300 9  
1 7FVI GLY A 10 ? UNP Q8WWQ0 ? ? 'expression tag'        1301 10 
1 7FVI VAL A 11 ? UNP Q8WWQ0 ? ? 'expression tag'        1302 11 
1 7FVI ASP A 12 ? UNP Q8WWQ0 ? ? 'expression tag'        1303 12 
1 7FVI LEU A 13 ? UNP Q8WWQ0 ? ? 'expression tag'        1304 13 
1 7FVI GLY A 14 ? UNP Q8WWQ0 ? ? 'expression tag'        1305 14 
1 7FVI THR A 15 ? UNP Q8WWQ0 ? ? 'expression tag'        1306 15 
1 7FVI GLU A 16 ? UNP Q8WWQ0 ? ? 'expression tag'        1307 16 
1 7FVI ASN A 17 ? UNP Q8WWQ0 ? ? 'expression tag'        1308 17 
1 7FVI LEU A 18 ? UNP Q8WWQ0 ? ? 'expression tag'        1309 18 
1 7FVI TYR A 19 ? UNP Q8WWQ0 ? ? 'expression tag'        1310 19 
1 7FVI PHE A 20 ? UNP Q8WWQ0 ? ? 'expression tag'        1311 20 
1 7FVI GLN A 21 ? UNP Q8WWQ0 ? ? 'expression tag'        1312 21 
1 7FVI SER A 22 ? UNP Q8WWQ0 ? ? 'expression tag'        1313 22 
1 7FVI MET A 23 ? UNP Q8WWQ0 ? ? 'expression tag'        1314 23 
# 
_pdbx_struct_assembly.id                   1 
_pdbx_struct_assembly.details              author_and_software_defined_assembly 
_pdbx_struct_assembly.method_details       PISA 
_pdbx_struct_assembly.oligomeric_details   monomeric 
_pdbx_struct_assembly.oligomeric_count     1 
# 
_pdbx_struct_assembly_gen.assembly_id       1 
_pdbx_struct_assembly_gen.oper_expression   1 
_pdbx_struct_assembly_gen.asym_id_list      A,B,C 
# 
_pdbx_struct_oper_list.id                   1 
_pdbx_struct_oper_list.type                 'identity operation' 
_pdbx_struct_oper_list.name                 1_555 
_pdbx_struct_oper_list.symmetry_operation   x,y,z 
_pdbx_struct_oper_list.matrix[1][1]         1.0000000000 
_pdbx_struct_oper_list.matrix[1][2]         0.0000000000 
_pdbx_struct_oper_list.matrix[1][3]         0.0000000000 
_pdbx_struct_oper_list.vector[1]            0.0000000000 
_pdbx_struct_oper_list.matrix[2][1]         0.0000000000 
_pdbx_struct_oper_list.matrix[2][2]         1.0000000000 
_pdbx_struct_oper_list.matrix[2][3]         0.0000000000 
_pdbx_struct_oper_list.vector[2]            0.0000000000 
_pdbx_struct_oper_list.matrix[3][1]         0.0000000000 
_pdbx_struct_oper_list.matrix[3][2]         0.0000000000 
_pdbx_struct_oper_list.matrix[3][3]         1.0000000000 
_pdbx_struct_oper_list.vector[3]            0.0000000000 
# 
loop_
_struct_conf.conf_type_id 
_struct_conf.id 
_struct_conf.pdbx_PDB_helix_id 
_struct_conf.beg_label_comp_id 
_struct_conf.beg_label_asym_id 
_struct_conf.beg_label_seq_id 
_struct_conf.pdbx_beg_PDB_ins_code 
_struct_conf.end_label_comp_id 
_struct_conf.end_label_asym_id 
_struct_conf.end_label_seq_id 
_struct_conf.pdbx_end_PDB_ins_code 
_struct_conf.beg_auth_comp_id 
_struct_conf.beg_auth_asym_id 
_struct_conf.beg_auth_seq_id 
_struct_conf.end_auth_comp_id 
_struct_conf.end_auth_asym_id 
_struct_conf.end_auth_seq_id 
_struct_conf.pdbx_PDB_helix_class 
_struct_conf.details 
_struct_conf.pdbx_PDB_helix_length 
HELX_P HELX_P1 AA1 ALA A 29  ? CYS A 44  ? ALA A 1320 CYS A 1335 1 ? 16 
HELX_P HELX_P2 AA2 GLU A 45  ? ARG A 51  ? GLU A 1336 ARG A 1342 5 ? 7  
HELX_P HELX_P3 AA3 ASP A 61  ? ILE A 66  ? ASP A 1352 ILE A 1357 1 ? 6  
HELX_P HELX_P4 AA4 ASP A 71  ? GLY A 82  ? ASP A 1362 GLY A 1373 1 ? 12 
HELX_P HELX_P5 AA5 SER A 86  ? THR A 105 ? SER A 1377 THR A 1396 1 ? 20 
HELX_P HELX_P6 AA6 SER A 110 ? LYS A 142 ? SER A 1401 LYS A 1433 1 ? 33 
# 
_struct_conf_type.id          HELX_P 
_struct_conf_type.criteria    ? 
_struct_conf_type.reference   ? 
# 
_pdbx_validate_close_contact.id               1 
_pdbx_validate_close_contact.PDB_model_num    1 
_pdbx_validate_close_contact.auth_atom_id_1   O 
_pdbx_validate_close_contact.auth_asym_id_1   A 
_pdbx_validate_close_contact.auth_comp_id_1   PRO 
_pdbx_validate_close_contact.auth_seq_id_1    1351 
_pdbx_validate_close_contact.PDB_ins_code_1   ? 
_pdbx_validate_close_contact.label_alt_id_1   ? 
_pdbx_validate_close_contact.auth_atom_id_2   O 
_pdbx_validate_close_contact.auth_asym_id_2   A 
_pdbx_validate_close_contact.auth_comp_id_2   HOH 
_pdbx_validate_close_contact.auth_seq_id_2    2001 
_pdbx_validate_close_contact.PDB_ins_code_2   ? 
_pdbx_validate_close_contact.label_alt_id_2   ? 
_pdbx_validate_close_contact.dist             2.11 
# 
_pdbx_validate_symm_contact.id                1 
_pdbx_validate_symm_contact.PDB_model_num     1 
_pdbx_validate_symm_contact.auth_atom_id_1    O 
_pdbx_validate_symm_contact.auth_asym_id_1    A 
_pdbx_validate_symm_contact.auth_comp_id_1    HOH 
_pdbx_validate_symm_contact.auth_seq_id_1     2049 
_pdbx_validate_symm_contact.PDB_ins_code_1    ? 
_pdbx_validate_symm_contact.label_alt_id_1    ? 
_pdbx_validate_symm_contact.site_symmetry_1   1_555 
_pdbx_validate_symm_contact.auth_atom_id_2    O 
_pdbx_validate_symm_contact.auth_asym_id_2    A 
_pdbx_validate_symm_contact.auth_comp_id_2    HOH 
_pdbx_validate_symm_contact.auth_seq_id_2     2061 
_pdbx_validate_symm_contact.PDB_ins_code_2    ? 
_pdbx_validate_symm_contact.label_alt_id_2    ? 
_pdbx_validate_symm_contact.site_symmetry_2   4_455 
_pdbx_validate_symm_contact.dist              2.15 
# 
_pdbx_struct_special_symmetry.id              1 
_pdbx_struct_special_symmetry.PDB_model_num   1 
_pdbx_struct_special_symmetry.auth_asym_id    A 
_pdbx_struct_special_symmetry.auth_comp_id    HOH 
_pdbx_struct_special_symmetry.auth_seq_id     2190 
_pdbx_struct_special_symmetry.PDB_ins_code    ? 
_pdbx_struct_special_symmetry.label_asym_id   C 
_pdbx_struct_special_symmetry.label_comp_id   HOH 
_pdbx_struct_special_symmetry.label_seq_id    . 
# 
_phasing.method   MR 
# 
_pdbx_entry_details.entry_id                 7FVI 
_pdbx_entry_details.compound_details         ? 
_pdbx_entry_details.source_details           ? 
_pdbx_entry_details.nonpolymer_details       ? 
_pdbx_entry_details.sequence_details         ? 
_pdbx_entry_details.has_ligand_of_interest   Y 
# 
loop_
_pdbx_unobs_or_zero_occ_residues.id 
_pdbx_unobs_or_zero_occ_residues.PDB_model_num 
_pdbx_unobs_or_zero_occ_residues.polymer_flag 
_pdbx_unobs_or_zero_occ_residues.occupancy_flag 
_pdbx_unobs_or_zero_occ_residues.auth_asym_id 
_pdbx_unobs_or_zero_occ_residues.auth_comp_id 
_pdbx_unobs_or_zero_occ_residues.auth_seq_id 
_pdbx_unobs_or_zero_occ_residues.PDB_ins_code 
_pdbx_unobs_or_zero_occ_residues.label_asym_id 
_pdbx_unobs_or_zero_occ_residues.label_comp_id 
_pdbx_unobs_or_zero_occ_residues.label_seq_id 
1  1 Y 1 A MET 1292 ? A MET 1   
2  1 Y 1 A HIS 1293 ? A HIS 2   
3  1 Y 1 A HIS 1294 ? A HIS 3   
4  1 Y 1 A HIS 1295 ? A HIS 4   
5  1 Y 1 A HIS 1296 ? A HIS 5   
6  1 Y 1 A HIS 1297 ? A HIS 6   
7  1 Y 1 A HIS 1298 ? A HIS 7   
8  1 Y 1 A SER 1299 ? A SER 8   
9  1 Y 1 A SER 1300 ? A SER 9   
10 1 Y 1 A GLY 1301 ? A GLY 10  
11 1 Y 1 A VAL 1302 ? A VAL 11  
12 1 Y 1 A ASP 1303 ? A ASP 12  
13 1 Y 1 A LEU 1304 ? A LEU 13  
14 1 Y 1 A GLY 1305 ? A GLY 14  
15 1 Y 1 A THR 1306 ? A THR 15  
16 1 Y 1 A GLU 1307 ? A GLU 16  
17 1 Y 1 A ASN 1308 ? A ASN 17  
18 1 Y 1 A LEU 1309 ? A LEU 18  
19 1 Y 1 A TYR 1310 ? A TYR 19  
20 1 Y 1 A PHE 1311 ? A PHE 20  
21 1 Y 1 A GLN 1312 ? A GLN 21  
22 1 Y 1 A SER 1313 ? A SER 22  
23 1 Y 1 A MET 1314 ? A MET 23  
24 1 Y 1 A ASN 1435 ? A ASN 144 
25 1 Y 1 A THR 1436 ? A THR 145 
26 1 Y 1 A ILE 1437 ? A ILE 146 
27 1 Y 1 A THR 1438 ? A THR 147 
28 1 Y 1 A LYS 1439 ? A LYS 148 
29 1 Y 1 A ARG 1440 ? A ARG 149 
# 
loop_
_chem_comp_atom.comp_id 
_chem_comp_atom.atom_id 
_chem_comp_atom.type_symbol 
_chem_comp_atom.pdbx_aromatic_flag 
_chem_comp_atom.pdbx_stereo_config 
_chem_comp_atom.pdbx_ordinal 
ALA N    N N N 1   
ALA CA   C N S 2   
ALA C    C N N 3   
ALA O    O N N 4   
ALA CB   C N N 5   
ALA OXT  O N N 6   
ALA H    H N N 7   
ALA H2   H N N 8   
ALA HA   H N N 9   
ALA HB1  H N N 10  
ALA HB2  H N N 11  
ALA HB3  H N N 12  
ALA HXT  H N N 13  
ARG N    N N N 14  
ARG CA   C N S 15  
ARG C    C N N 16  
ARG O    O N N 17  
ARG CB   C N N 18  
ARG CG   C N N 19  
ARG CD   C N N 20  
ARG NE   N N N 21  
ARG CZ   C N N 22  
ARG NH1  N N N 23  
ARG NH2  N N N 24  
ARG OXT  O N N 25  
ARG H    H N N 26  
ARG H2   H N N 27  
ARG HA   H N N 28  
ARG HB2  H N N 29  
ARG HB3  H N N 30  
ARG HG2  H N N 31  
ARG HG3  H N N 32  
ARG HD2  H N N 33  
ARG HD3  H N N 34  
ARG HE   H N N 35  
ARG HH11 H N N 36  
ARG HH12 H N N 37  
ARG HH21 H N N 38  
ARG HH22 H N N 39  
ARG HXT  H N N 40  
ASN N    N N N 41  
ASN CA   C N S 42  
ASN C    C N N 43  
ASN O    O N N 44  
ASN CB   C N N 45  
ASN CG   C N N 46  
ASN OD1  O N N 47  
ASN ND2  N N N 48  
ASN OXT  O N N 49  
ASN H    H N N 50  
ASN H2   H N N 51  
ASN HA   H N N 52  
ASN HB2  H N N 53  
ASN HB3  H N N 54  
ASN HD21 H N N 55  
ASN HD22 H N N 56  
ASN HXT  H N N 57  
ASP N    N N N 58  
ASP CA   C N S 59  
ASP C    C N N 60  
ASP O    O N N 61  
ASP CB   C N N 62  
ASP CG   C N N 63  
ASP OD1  O N N 64  
ASP OD2  O N N 65  
ASP OXT  O N N 66  
ASP H    H N N 67  
ASP H2   H N N 68  
ASP HA   H N N 69  
ASP HB2  H N N 70  
ASP HB3  H N N 71  
ASP HD2  H N N 72  
ASP HXT  H N N 73  
CYS N    N N N 74  
CYS CA   C N R 75  
CYS C    C N N 76  
CYS O    O N N 77  
CYS CB   C N N 78  
CYS SG   S N N 79  
CYS OXT  O N N 80  
CYS H    H N N 81  
CYS H2   H N N 82  
CYS HA   H N N 83  
CYS HB2  H N N 84  
CYS HB3  H N N 85  
CYS HG   H N N 86  
CYS HXT  H N N 87  
GLN N    N N N 88  
GLN CA   C N S 89  
GLN C    C N N 90  
GLN O    O N N 91  
GLN CB   C N N 92  
GLN CG   C N N 93  
GLN CD   C N N 94  
GLN OE1  O N N 95  
GLN NE2  N N N 96  
GLN OXT  O N N 97  
GLN H    H N N 98  
GLN H2   H N N 99  
GLN HA   H N N 100 
GLN HB2  H N N 101 
GLN HB3  H N N 102 
GLN HG2  H N N 103 
GLN HG3  H N N 104 
GLN HE21 H N N 105 
GLN HE22 H N N 106 
GLN HXT  H N N 107 
GLU N    N N N 108 
GLU CA   C N S 109 
GLU C    C N N 110 
GLU O    O N N 111 
GLU CB   C N N 112 
GLU CG   C N N 113 
GLU CD   C N N 114 
GLU OE1  O N N 115 
GLU OE2  O N N 116 
GLU OXT  O N N 117 
GLU H    H N N 118 
GLU H2   H N N 119 
GLU HA   H N N 120 
GLU HB2  H N N 121 
GLU HB3  H N N 122 
GLU HG2  H N N 123 
GLU HG3  H N N 124 
GLU HE2  H N N 125 
GLU HXT  H N N 126 
GLY N    N N N 127 
GLY CA   C N N 128 
GLY C    C N N 129 
GLY O    O N N 130 
GLY OXT  O N N 131 
GLY H    H N N 132 
GLY H2   H N N 133 
GLY HA2  H N N 134 
GLY HA3  H N N 135 
GLY HXT  H N N 136 
HIS N    N N N 137 
HIS CA   C N S 138 
HIS C    C N N 139 
HIS O    O N N 140 
HIS CB   C N N 141 
HIS CG   C Y N 142 
HIS ND1  N Y N 143 
HIS CD2  C Y N 144 
HIS CE1  C Y N 145 
HIS NE2  N Y N 146 
HIS OXT  O N N 147 
HIS H    H N N 148 
HIS H2   H N N 149 
HIS HA   H N N 150 
HIS HB2  H N N 151 
HIS HB3  H N N 152 
HIS HD1  H N N 153 
HIS HD2  H N N 154 
HIS HE1  H N N 155 
HIS HE2  H N N 156 
HIS HXT  H N N 157 
HOH O    O N N 158 
HOH H1   H N N 159 
HOH H2   H N N 160 
ILE N    N N N 161 
ILE CA   C N S 162 
ILE C    C N N 163 
ILE O    O N N 164 
ILE CB   C N S 165 
ILE CG1  C N N 166 
ILE CG2  C N N 167 
ILE CD1  C N N 168 
ILE OXT  O N N 169 
ILE H    H N N 170 
ILE H2   H N N 171 
ILE HA   H N N 172 
ILE HB   H N N 173 
ILE HG12 H N N 174 
ILE HG13 H N N 175 
ILE HG21 H N N 176 
ILE HG22 H N N 177 
ILE HG23 H N N 178 
ILE HD11 H N N 179 
ILE HD12 H N N 180 
ILE HD13 H N N 181 
ILE HXT  H N N 182 
LEU N    N N N 183 
LEU CA   C N S 184 
LEU C    C N N 185 
LEU O    O N N 186 
LEU CB   C N N 187 
LEU CG   C N N 188 
LEU CD1  C N N 189 
LEU CD2  C N N 190 
LEU OXT  O N N 191 
LEU H    H N N 192 
LEU H2   H N N 193 
LEU HA   H N N 194 
LEU HB2  H N N 195 
LEU HB3  H N N 196 
LEU HG   H N N 197 
LEU HD11 H N N 198 
LEU HD12 H N N 199 
LEU HD13 H N N 200 
LEU HD21 H N N 201 
LEU HD22 H N N 202 
LEU HD23 H N N 203 
LEU HXT  H N N 204 
LYS N    N N N 205 
LYS CA   C N S 206 
LYS C    C N N 207 
LYS O    O N N 208 
LYS CB   C N N 209 
LYS CG   C N N 210 
LYS CD   C N N 211 
LYS CE   C N N 212 
LYS NZ   N N N 213 
LYS OXT  O N N 214 
LYS H    H N N 215 
LYS H2   H N N 216 
LYS HA   H N N 217 
LYS HB2  H N N 218 
LYS HB3  H N N 219 
LYS HG2  H N N 220 
LYS HG3  H N N 221 
LYS HD2  H N N 222 
LYS HD3  H N N 223 
LYS HE2  H N N 224 
LYS HE3  H N N 225 
LYS HZ1  H N N 226 
LYS HZ2  H N N 227 
LYS HZ3  H N N 228 
LYS HXT  H N N 229 
MET N    N N N 230 
MET CA   C N S 231 
MET C    C N N 232 
MET O    O N N 233 
MET CB   C N N 234 
MET CG   C N N 235 
MET SD   S N N 236 
MET CE   C N N 237 
MET OXT  O N N 238 
MET H    H N N 239 
MET H2   H N N 240 
MET HA   H N N 241 
MET HB2  H N N 242 
MET HB3  H N N 243 
MET HG2  H N N 244 
MET HG3  H N N 245 
MET HE1  H N N 246 
MET HE2  H N N 247 
MET HE3  H N N 248 
MET HXT  H N N 249 
PHE N    N N N 250 
PHE CA   C N S 251 
PHE C    C N N 252 
PHE O    O N N 253 
PHE CB   C N N 254 
PHE CG   C Y N 255 
PHE CD1  C Y N 256 
PHE CD2  C Y N 257 
PHE CE1  C Y N 258 
PHE CE2  C Y N 259 
PHE CZ   C Y N 260 
PHE OXT  O N N 261 
PHE H    H N N 262 
PHE H2   H N N 263 
PHE HA   H N N 264 
PHE HB2  H N N 265 
PHE HB3  H N N 266 
PHE HD1  H N N 267 
PHE HD2  H N N 268 
PHE HE1  H N N 269 
PHE HE2  H N N 270 
PHE HZ   H N N 271 
PHE HXT  H N N 272 
PRO N    N N N 273 
PRO CA   C N S 274 
PRO C    C N N 275 
PRO O    O N N 276 
PRO CB   C N N 277 
PRO CG   C N N 278 
PRO CD   C N N 279 
PRO OXT  O N N 280 
PRO H    H N N 281 
PRO HA   H N N 282 
PRO HB2  H N N 283 
PRO HB3  H N N 284 
PRO HG2  H N N 285 
PRO HG3  H N N 286 
PRO HD2  H N N 287 
PRO HD3  H N N 288 
PRO HXT  H N N 289 
SER N    N N N 290 
SER CA   C N S 291 
SER C    C N N 292 
SER O    O N N 293 
SER CB   C N N 294 
SER OG   O N N 295 
SER OXT  O N N 296 
SER H    H N N 297 
SER H2   H N N 298 
SER HA   H N N 299 
SER HB2  H N N 300 
SER HB3  H N N 301 
SER HG   H N N 302 
SER HXT  H N N 303 
THR N    N N N 304 
THR CA   C N S 305 
THR C    C N N 306 
THR O    O N N 307 
THR CB   C N R 308 
THR OG1  O N N 309 
THR CG2  C N N 310 
THR OXT  O N N 311 
THR H    H N N 312 
THR H2   H N N 313 
THR HA   H N N 314 
THR HB   H N N 315 
THR HG1  H N N 316 
THR HG21 H N N 317 
THR HG22 H N N 318 
THR HG23 H N N 319 
THR HXT  H N N 320 
TRP N    N N N 321 
TRP CA   C N S 322 
TRP C    C N N 323 
TRP O    O N N 324 
TRP CB   C N N 325 
TRP CG   C Y N 326 
TRP CD1  C Y N 327 
TRP CD2  C Y N 328 
TRP NE1  N Y N 329 
TRP CE2  C Y N 330 
TRP CE3  C Y N 331 
TRP CZ2  C Y N 332 
TRP CZ3  C Y N 333 
TRP CH2  C Y N 334 
TRP OXT  O N N 335 
TRP H    H N N 336 
TRP H2   H N N 337 
TRP HA   H N N 338 
TRP HB2  H N N 339 
TRP HB3  H N N 340 
TRP HD1  H N N 341 
TRP HE1  H N N 342 
TRP HE3  H N N 343 
TRP HZ2  H N N 344 
TRP HZ3  H N N 345 
TRP HH2  H N N 346 
TRP HXT  H N N 347 
TYR N    N N N 348 
TYR CA   C N S 349 
TYR C    C N N 350 
TYR O    O N N 351 
TYR CB   C N N 352 
TYR CG   C Y N 353 
TYR CD1  C Y N 354 
TYR CD2  C Y N 355 
TYR CE1  C Y N 356 
TYR CE2  C Y N 357 
TYR CZ   C Y N 358 
TYR OH   O N N 359 
TYR OXT  O N N 360 
TYR H    H N N 361 
TYR H2   H N N 362 
TYR HA   H N N 363 
TYR HB2  H N N 364 
TYR HB3  H N N 365 
TYR HD1  H N N 366 
TYR HD2  H N N 367 
TYR HE1  H N N 368 
TYR HE2  H N N 369 
TYR HH   H N N 370 
TYR HXT  H N N 371 
VAL N    N N N 372 
VAL CA   C N S 373 
VAL C    C N N 374 
VAL O    O N N 375 
VAL CB   C N N 376 
VAL CG1  C N N 377 
VAL CG2  C N N 378 
VAL OXT  O N N 379 
VAL H    H N N 380 
VAL H2   H N N 381 
VAL HA   H N N 382 
VAL HB   H N N 383 
VAL HG11 H N N 384 
VAL HG12 H N N 385 
VAL HG13 H N N 386 
VAL HG21 H N N 387 
VAL HG22 H N N 388 
VAL HG23 H N N 389 
VAL HXT  H N N 390 
ZO5 N1   N N N 391 
ZO5 N3   N N N 392 
ZO5 C4   C Y N 393 
ZO5 C5   C Y N 394 
ZO5 C6   C Y N 395 
ZO5 C7   C N N 396 
ZO5 C8   C Y N 397 
ZO5 C10  C N N 398 
ZO5 C13  C N N 399 
ZO5 C15  C Y N 400 
ZO5 C17  C Y N 401 
ZO5 C1   C N N 402 
ZO5 C11  C N N 403 
ZO5 C12  C N N 404 
ZO5 C14  C N N 405 
ZO5 C16  C Y N 406 
ZO5 C18  C Y N 407 
ZO5 C2   C N N 408 
ZO5 C3   C Y N 409 
ZO5 C9   C Y N 410 
ZO5 N2   N N N 411 
ZO5 O1   O N N 412 
ZO5 O2   O N N 413 
ZO5 O3   O N N 414 
ZO5 O4   O N N 415 
ZO5 O5   O Y N 416 
ZO5 H1   H N N 417 
ZO5 H4   H N N 418 
ZO5 H5   H N N 419 
ZO5 H7   H N N 420 
ZO5 H6   H N N 421 
ZO5 H9   H N N 422 
ZO5 H10  H N N 423 
ZO5 H16  H N N 424 
ZO5 H15  H N N 425 
ZO5 H18  H N N 426 
ZO5 H12  H N N 427 
ZO5 H11  H N N 428 
ZO5 H13  H N N 429 
ZO5 H14  H N N 430 
ZO5 H17  H N N 431 
ZO5 H19  H N N 432 
ZO5 H2   H N N 433 
ZO5 H3   H N N 434 
ZO5 H8   H N N 435 
# 
loop_
_chem_comp_bond.comp_id 
_chem_comp_bond.atom_id_1 
_chem_comp_bond.atom_id_2 
_chem_comp_bond.value_order 
_chem_comp_bond.pdbx_aromatic_flag 
_chem_comp_bond.pdbx_stereo_config 
_chem_comp_bond.pdbx_ordinal 
ALA N   CA   sing N N 1   
ALA N   H    sing N N 2   
ALA N   H2   sing N N 3   
ALA CA  C    sing N N 4   
ALA CA  CB   sing N N 5   
ALA CA  HA   sing N N 6   
ALA C   O    doub N N 7   
ALA C   OXT  sing N N 8   
ALA CB  HB1  sing N N 9   
ALA CB  HB2  sing N N 10  
ALA CB  HB3  sing N N 11  
ALA OXT HXT  sing N N 12  
ARG N   CA   sing N N 13  
ARG N   H    sing N N 14  
ARG N   H2   sing N N 15  
ARG CA  C    sing N N 16  
ARG CA  CB   sing N N 17  
ARG CA  HA   sing N N 18  
ARG C   O    doub N N 19  
ARG C   OXT  sing N N 20  
ARG CB  CG   sing N N 21  
ARG CB  HB2  sing N N 22  
ARG CB  HB3  sing N N 23  
ARG CG  CD   sing N N 24  
ARG CG  HG2  sing N N 25  
ARG CG  HG3  sing N N 26  
ARG CD  NE   sing N N 27  
ARG CD  HD2  sing N N 28  
ARG CD  HD3  sing N N 29  
ARG NE  CZ   sing N N 30  
ARG NE  HE   sing N N 31  
ARG CZ  NH1  sing N N 32  
ARG CZ  NH2  doub N N 33  
ARG NH1 HH11 sing N N 34  
ARG NH1 HH12 sing N N 35  
ARG NH2 HH21 sing N N 36  
ARG NH2 HH22 sing N N 37  
ARG OXT HXT  sing N N 38  
ASN N   CA   sing N N 39  
ASN N   H    sing N N 40  
ASN N   H2   sing N N 41  
ASN CA  C    sing N N 42  
ASN CA  CB   sing N N 43  
ASN CA  HA   sing N N 44  
ASN C   O    doub N N 45  
ASN C   OXT  sing N N 46  
ASN CB  CG   sing N N 47  
ASN CB  HB2  sing N N 48  
ASN CB  HB3  sing N N 49  
ASN CG  OD1  doub N N 50  
ASN CG  ND2  sing N N 51  
ASN ND2 HD21 sing N N 52  
ASN ND2 HD22 sing N N 53  
ASN OXT HXT  sing N N 54  
ASP N   CA   sing N N 55  
ASP N   H    sing N N 56  
ASP N   H2   sing N N 57  
ASP CA  C    sing N N 58  
ASP CA  CB   sing N N 59  
ASP CA  HA   sing N N 60  
ASP C   O    doub N N 61  
ASP C   OXT  sing N N 62  
ASP CB  CG   sing N N 63  
ASP CB  HB2  sing N N 64  
ASP CB  HB3  sing N N 65  
ASP CG  OD1  doub N N 66  
ASP CG  OD2  sing N N 67  
ASP OD2 HD2  sing N N 68  
ASP OXT HXT  sing N N 69  
CYS N   CA   sing N N 70  
CYS N   H    sing N N 71  
CYS N   H2   sing N N 72  
CYS CA  C    sing N N 73  
CYS CA  CB   sing N N 74  
CYS CA  HA   sing N N 75  
CYS C   O    doub N N 76  
CYS C   OXT  sing N N 77  
CYS CB  SG   sing N N 78  
CYS CB  HB2  sing N N 79  
CYS CB  HB3  sing N N 80  
CYS SG  HG   sing N N 81  
CYS OXT HXT  sing N N 82  
GLN N   CA   sing N N 83  
GLN N   H    sing N N 84  
GLN N   H2   sing N N 85  
GLN CA  C    sing N N 86  
GLN CA  CB   sing N N 87  
GLN CA  HA   sing N N 88  
GLN C   O    doub N N 89  
GLN C   OXT  sing N N 90  
GLN CB  CG   sing N N 91  
GLN CB  HB2  sing N N 92  
GLN CB  HB3  sing N N 93  
GLN CG  CD   sing N N 94  
GLN CG  HG2  sing N N 95  
GLN CG  HG3  sing N N 96  
GLN CD  OE1  doub N N 97  
GLN CD  NE2  sing N N 98  
GLN NE2 HE21 sing N N 99  
GLN NE2 HE22 sing N N 100 
GLN OXT HXT  sing N N 101 
GLU N   CA   sing N N 102 
GLU N   H    sing N N 103 
GLU N   H2   sing N N 104 
GLU CA  C    sing N N 105 
GLU CA  CB   sing N N 106 
GLU CA  HA   sing N N 107 
GLU C   O    doub N N 108 
GLU C   OXT  sing N N 109 
GLU CB  CG   sing N N 110 
GLU CB  HB2  sing N N 111 
GLU CB  HB3  sing N N 112 
GLU CG  CD   sing N N 113 
GLU CG  HG2  sing N N 114 
GLU CG  HG3  sing N N 115 
GLU CD  OE1  doub N N 116 
GLU CD  OE2  sing N N 117 
GLU OE2 HE2  sing N N 118 
GLU OXT HXT  sing N N 119 
GLY N   CA   sing N N 120 
GLY N   H    sing N N 121 
GLY N   H2   sing N N 122 
GLY CA  C    sing N N 123 
GLY CA  HA2  sing N N 124 
GLY CA  HA3  sing N N 125 
GLY C   O    doub N N 126 
GLY C   OXT  sing N N 127 
GLY OXT HXT  sing N N 128 
HIS N   CA   sing N N 129 
HIS N   H    sing N N 130 
HIS N   H2   sing N N 131 
HIS CA  C    sing N N 132 
HIS CA  CB   sing N N 133 
HIS CA  HA   sing N N 134 
HIS C   O    doub N N 135 
HIS C   OXT  sing N N 136 
HIS CB  CG   sing N N 137 
HIS CB  HB2  sing N N 138 
HIS CB  HB3  sing N N 139 
HIS CG  ND1  sing Y N 140 
HIS CG  CD2  doub Y N 141 
HIS ND1 CE1  doub Y N 142 
HIS ND1 HD1  sing N N 143 
HIS CD2 NE2  sing Y N 144 
HIS CD2 HD2  sing N N 145 
HIS CE1 NE2  sing Y N 146 
HIS CE1 HE1  sing N N 147 
HIS NE2 HE2  sing N N 148 
HIS OXT HXT  sing N N 149 
HOH O   H1   sing N N 150 
HOH O   H2   sing N N 151 
ILE N   CA   sing N N 152 
ILE N   H    sing N N 153 
ILE N   H2   sing N N 154 
ILE CA  C    sing N N 155 
ILE CA  CB   sing N N 156 
ILE CA  HA   sing N N 157 
ILE C   O    doub N N 158 
ILE C   OXT  sing N N 159 
ILE CB  CG1  sing N N 160 
ILE CB  CG2  sing N N 161 
ILE CB  HB   sing N N 162 
ILE CG1 CD1  sing N N 163 
ILE CG1 HG12 sing N N 164 
ILE CG1 HG13 sing N N 165 
ILE CG2 HG21 sing N N 166 
ILE CG2 HG22 sing N N 167 
ILE CG2 HG23 sing N N 168 
ILE CD1 HD11 sing N N 169 
ILE CD1 HD12 sing N N 170 
ILE CD1 HD13 sing N N 171 
ILE OXT HXT  sing N N 172 
LEU N   CA   sing N N 173 
LEU N   H    sing N N 174 
LEU N   H2   sing N N 175 
LEU CA  C    sing N N 176 
LEU CA  CB   sing N N 177 
LEU CA  HA   sing N N 178 
LEU C   O    doub N N 179 
LEU C   OXT  sing N N 180 
LEU CB  CG   sing N N 181 
LEU CB  HB2  sing N N 182 
LEU CB  HB3  sing N N 183 
LEU CG  CD1  sing N N 184 
LEU CG  CD2  sing N N 185 
LEU CG  HG   sing N N 186 
LEU CD1 HD11 sing N N 187 
LEU CD1 HD12 sing N N 188 
LEU CD1 HD13 sing N N 189 
LEU CD2 HD21 sing N N 190 
LEU CD2 HD22 sing N N 191 
LEU CD2 HD23 sing N N 192 
LEU OXT HXT  sing N N 193 
LYS N   CA   sing N N 194 
LYS N   H    sing N N 195 
LYS N   H2   sing N N 196 
LYS CA  C    sing N N 197 
LYS CA  CB   sing N N 198 
LYS CA  HA   sing N N 199 
LYS C   O    doub N N 200 
LYS C   OXT  sing N N 201 
LYS CB  CG   sing N N 202 
LYS CB  HB2  sing N N 203 
LYS CB  HB3  sing N N 204 
LYS CG  CD   sing N N 205 
LYS CG  HG2  sing N N 206 
LYS CG  HG3  sing N N 207 
LYS CD  CE   sing N N 208 
LYS CD  HD2  sing N N 209 
LYS CD  HD3  sing N N 210 
LYS CE  NZ   sing N N 211 
LYS CE  HE2  sing N N 212 
LYS CE  HE3  sing N N 213 
LYS NZ  HZ1  sing N N 214 
LYS NZ  HZ2  sing N N 215 
LYS NZ  HZ3  sing N N 216 
LYS OXT HXT  sing N N 217 
MET N   CA   sing N N 218 
MET N   H    sing N N 219 
MET N   H2   sing N N 220 
MET CA  C    sing N N 221 
MET CA  CB   sing N N 222 
MET CA  HA   sing N N 223 
MET C   O    doub N N 224 
MET C   OXT  sing N N 225 
MET CB  CG   sing N N 226 
MET CB  HB2  sing N N 227 
MET CB  HB3  sing N N 228 
MET CG  SD   sing N N 229 
MET CG  HG2  sing N N 230 
MET CG  HG3  sing N N 231 
MET SD  CE   sing N N 232 
MET CE  HE1  sing N N 233 
MET CE  HE2  sing N N 234 
MET CE  HE3  sing N N 235 
MET OXT HXT  sing N N 236 
PHE N   CA   sing N N 237 
PHE N   H    sing N N 238 
PHE N   H2   sing N N 239 
PHE CA  C    sing N N 240 
PHE CA  CB   sing N N 241 
PHE CA  HA   sing N N 242 
PHE C   O    doub N N 243 
PHE C   OXT  sing N N 244 
PHE CB  CG   sing N N 245 
PHE CB  HB2  sing N N 246 
PHE CB  HB3  sing N N 247 
PHE CG  CD1  doub Y N 248 
PHE CG  CD2  sing Y N 249 
PHE CD1 CE1  sing Y N 250 
PHE CD1 HD1  sing N N 251 
PHE CD2 CE2  doub Y N 252 
PHE CD2 HD2  sing N N 253 
PHE CE1 CZ   doub Y N 254 
PHE CE1 HE1  sing N N 255 
PHE CE2 CZ   sing Y N 256 
PHE CE2 HE2  sing N N 257 
PHE CZ  HZ   sing N N 258 
PHE OXT HXT  sing N N 259 
PRO N   CA   sing N N 260 
PRO N   CD   sing N N 261 
PRO N   H    sing N N 262 
PRO CA  C    sing N N 263 
PRO CA  CB   sing N N 264 
PRO CA  HA   sing N N 265 
PRO C   O    doub N N 266 
PRO C   OXT  sing N N 267 
PRO CB  CG   sing N N 268 
PRO CB  HB2  sing N N 269 
PRO CB  HB3  sing N N 270 
PRO CG  CD   sing N N 271 
PRO CG  HG2  sing N N 272 
PRO CG  HG3  sing N N 273 
PRO CD  HD2  sing N N 274 
PRO CD  HD3  sing N N 275 
PRO OXT HXT  sing N N 276 
SER N   CA   sing N N 277 
SER N   H    sing N N 278 
SER N   H2   sing N N 279 
SER CA  C    sing N N 280 
SER CA  CB   sing N N 281 
SER CA  HA   sing N N 282 
SER C   O    doub N N 283 
SER C   OXT  sing N N 284 
SER CB  OG   sing N N 285 
SER CB  HB2  sing N N 286 
SER CB  HB3  sing N N 287 
SER OG  HG   sing N N 288 
SER OXT HXT  sing N N 289 
THR N   CA   sing N N 290 
THR N   H    sing N N 291 
THR N   H2   sing N N 292 
THR CA  C    sing N N 293 
THR CA  CB   sing N N 294 
THR CA  HA   sing N N 295 
THR C   O    doub N N 296 
THR C   OXT  sing N N 297 
THR CB  OG1  sing N N 298 
THR CB  CG2  sing N N 299 
THR CB  HB   sing N N 300 
THR OG1 HG1  sing N N 301 
THR CG2 HG21 sing N N 302 
THR CG2 HG22 sing N N 303 
THR CG2 HG23 sing N N 304 
THR OXT HXT  sing N N 305 
TRP N   CA   sing N N 306 
TRP N   H    sing N N 307 
TRP N   H2   sing N N 308 
TRP CA  C    sing N N 309 
TRP CA  CB   sing N N 310 
TRP CA  HA   sing N N 311 
TRP C   O    doub N N 312 
TRP C   OXT  sing N N 313 
TRP CB  CG   sing N N 314 
TRP CB  HB2  sing N N 315 
TRP CB  HB3  sing N N 316 
TRP CG  CD1  doub Y N 317 
TRP CG  CD2  sing Y N 318 
TRP CD1 NE1  sing Y N 319 
TRP CD1 HD1  sing N N 320 
TRP CD2 CE2  doub Y N 321 
TRP CD2 CE3  sing Y N 322 
TRP NE1 CE2  sing Y N 323 
TRP NE1 HE1  sing N N 324 
TRP CE2 CZ2  sing Y N 325 
TRP CE3 CZ3  doub Y N 326 
TRP CE3 HE3  sing N N 327 
TRP CZ2 CH2  doub Y N 328 
TRP CZ2 HZ2  sing N N 329 
TRP CZ3 CH2  sing Y N 330 
TRP CZ3 HZ3  sing N N 331 
TRP CH2 HH2  sing N N 332 
TRP OXT HXT  sing N N 333 
TYR N   CA   sing N N 334 
TYR N   H    sing N N 335 
TYR N   H2   sing N N 336 
TYR CA  C    sing N N 337 
TYR CA  CB   sing N N 338 
TYR CA  HA   sing N N 339 
TYR C   O    doub N N 340 
TYR C   OXT  sing N N 341 
TYR CB  CG   sing N N 342 
TYR CB  HB2  sing N N 343 
TYR CB  HB3  sing N N 344 
TYR CG  CD1  doub Y N 345 
TYR CG  CD2  sing Y N 346 
TYR CD1 CE1  sing Y N 347 
TYR CD1 HD1  sing N N 348 
TYR CD2 CE2  doub Y N 349 
TYR CD2 HD2  sing N N 350 
TYR CE1 CZ   doub Y N 351 
TYR CE1 HE1  sing N N 352 
TYR CE2 CZ   sing Y N 353 
TYR CE2 HE2  sing N N 354 
TYR CZ  OH   sing N N 355 
TYR OH  HH   sing N N 356 
TYR OXT HXT  sing N N 357 
VAL N   CA   sing N N 358 
VAL N   H    sing N N 359 
VAL N   H2   sing N N 360 
VAL CA  C    sing N N 361 
VAL CA  CB   sing N N 362 
VAL CA  HA   sing N N 363 
VAL C   O    doub N N 364 
VAL C   OXT  sing N N 365 
VAL CB  CG1  sing N N 366 
VAL CB  CG2  sing N N 367 
VAL CB  HB   sing N N 368 
VAL CG1 HG11 sing N N 369 
VAL CG1 HG12 sing N N 370 
VAL CG1 HG13 sing N N 371 
VAL CG2 HG21 sing N N 372 
VAL CG2 HG22 sing N N 373 
VAL CG2 HG23 sing N N 374 
VAL OXT HXT  sing N N 375 
ZO5 O1  C1   doub N N 376 
ZO5 C1  N1   sing N N 377 
ZO5 N1  C2   sing N N 378 
ZO5 C2  C3   sing N N 379 
ZO5 C3  C4   doub Y N 380 
ZO5 C4  C5   sing Y N 381 
ZO5 C5  C6   doub Y N 382 
ZO5 C6  O2   sing N N 383 
ZO5 O2  C7   sing N N 384 
ZO5 C7  O3   sing N N 385 
ZO5 O3  C8   sing N N 386 
ZO5 C8  C9   doub Y N 387 
ZO5 C1  N2   sing N N 388 
ZO5 N2  C10  sing N N 389 
ZO5 C10 C11  sing N N 390 
ZO5 C11 N3   sing N N 391 
ZO5 N3  C12  sing N N 392 
ZO5 C12 C13  sing N N 393 
ZO5 N3  C14  sing N N 394 
ZO5 C14 O4   doub N N 395 
ZO5 C14 C15  sing N N 396 
ZO5 C15 C16  doub Y N 397 
ZO5 C16 C17  sing Y N 398 
ZO5 C17 C18  doub Y N 399 
ZO5 C18 O5   sing Y N 400 
ZO5 C3  C9   sing Y N 401 
ZO5 C6  C8   sing Y N 402 
ZO5 N2  C13  sing N N 403 
ZO5 C15 O5   sing Y N 404 
ZO5 N1  H1   sing N N 405 
ZO5 C4  H4   sing N N 406 
ZO5 C5  H5   sing N N 407 
ZO5 C7  H7   sing N N 408 
ZO5 C7  H6   sing N N 409 
ZO5 C10 H9   sing N N 410 
ZO5 C10 H10  sing N N 411 
ZO5 C13 H16  sing N N 412 
ZO5 C13 H15  sing N N 413 
ZO5 C17 H18  sing N N 414 
ZO5 C11 H12  sing N N 415 
ZO5 C11 H11  sing N N 416 
ZO5 C12 H13  sing N N 417 
ZO5 C12 H14  sing N N 418 
ZO5 C16 H17  sing N N 419 
ZO5 C18 H19  sing N N 420 
ZO5 C2  H2   sing N N 421 
ZO5 C2  H3   sing N N 422 
ZO5 C9  H8   sing N N 423 
# 
_pdbx_audit_support.ordinal                1 
_pdbx_audit_support.funding_organization   'Wellcome Trust' 
_pdbx_audit_support.grant_number           None 
_pdbx_audit_support.country                'United Kingdom' 
# 
_pdbx_deposit_group.group_id            G_1002265 
_pdbx_deposit_group.group_description   
;XDomainX of XOrganismX PHIP screened against predicted false negatives and catalogue compounds by X-ray Crystallography at the XChem facility of Diamond Light Source beamline I04-1
;
_pdbx_deposit_group.group_title         'PanDDA analysis group deposition' 
_pdbx_deposit_group.group_type          'changed state' 
# 
_pdbx_entity_instance_feature.ordinal        1 
_pdbx_entity_instance_feature.comp_id        ZO5 
_pdbx_entity_instance_feature.asym_id        ? 
_pdbx_entity_instance_feature.seq_num        ? 
_pdbx_entity_instance_feature.auth_comp_id   ZO5 
_pdbx_entity_instance_feature.auth_asym_id   ? 
_pdbx_entity_instance_feature.auth_seq_num   ? 
_pdbx_entity_instance_feature.feature_type   'SUBJECT OF INVESTIGATION' 
_pdbx_entity_instance_feature.details        ? 
# 
_atom_sites.entry_id                    7FVI 
_atom_sites.fract_transf_matrix[1][1]   -0.00359616 
_atom_sites.fract_transf_matrix[1][2]   0.00715670 
_atom_sites.fract_transf_matrix[1][3]   0.00946236 
_atom_sites.fract_transf_matrix[2][1]   0.02752939 
_atom_sites.fract_transf_matrix[2][2]   0.02274692 
_atom_sites.fract_transf_matrix[2][3]   -0.00674175 
_atom_sites.fract_transf_matrix[3][1]   -0.01125366 
_atom_sites.fract_transf_matrix[3][2]   0.01106173 
_atom_sites.fract_transf_matrix[3][3]   -0.00863072 
_atom_sites.fract_transf_vector[1]      -0.147521 
_atom_sites.fract_transf_vector[2]      0.453780 
_atom_sites.fract_transf_vector[3]      0.220842 
# 
loop_
_atom_type.symbol 
C 
N 
O 
S 
# 
loop_
_atom_site.group_PDB 
_atom_site.id 
_atom_site.type_symbol 
_atom_site.label_atom_id 
_atom_site.label_alt_id 
_atom_site.label_comp_id 
_atom_site.label_asym_id 
_atom_site.label_entity_id 
_atom_site.label_seq_id 
_atom_site.pdbx_PDB_ins_code 
_atom_site.Cartn_x 
_atom_site.Cartn_y 
_atom_site.Cartn_z 
_atom_site.occupancy 
_atom_site.B_iso_or_equiv 
_atom_site.pdbx_formal_charge 
_atom_site.auth_seq_id 
_atom_site.auth_comp_id 
_atom_site.auth_asym_id 
_atom_site.auth_atom_id 
_atom_site.pdbx_PDB_model_num 
ATOM   1    N N   . SER A 1 24  ? 14.958  -13.364 14.589  1.00 25.60 ? 1315 SER A N   1 
ATOM   2    C CA  . SER A 1 24  ? 14.738  -11.877 14.655  1.00 24.79 ? 1315 SER A CA  1 
ATOM   3    C C   . SER A 1 24  ? 13.305  -11.595 15.114  1.00 21.29 ? 1315 SER A C   1 
ATOM   4    O O   . SER A 1 24  ? 12.394  -11.463 14.236  1.00 19.74 ? 1315 SER A O   1 
ATOM   5    C CB  . SER A 1 24  ? 15.047  -11.223 13.334  1.00 26.88 ? 1315 SER A CB  1 
ATOM   6    O OG  . SER A 1 24  ? 14.786  -12.100 12.250  1.00 29.20 ? 1315 SER A OG  1 
ATOM   7    N N   . TYR A 1 25  ? 13.097  -11.506 16.434  1.00 17.54 ? 1316 TYR A N   1 
ATOM   8    C CA  . TYR A 1 25  ? 11.736  -11.590 17.025  1.00 15.14 ? 1316 TYR A CA  1 
ATOM   9    C C   . TYR A 1 25  ? 11.296  -10.206 17.524  1.00 13.37 ? 1316 TYR A C   1 
ATOM   10   O O   . TYR A 1 25  ? 10.466  -10.138 18.418  1.00 12.60 ? 1316 TYR A O   1 
ATOM   11   C CB  . TYR A 1 25  ? 11.655  -12.654 18.118  1.00 14.66 ? 1316 TYR A CB  1 
ATOM   12   C CG  . TYR A 1 25  ? 12.095  -14.044 17.721  1.00 14.35 ? 1316 TYR A CG  1 
ATOM   13   C CD1 . TYR A 1 25  ? 11.421  -14.780 16.759  1.00 14.06 ? 1316 TYR A CD1 1 
ATOM   14   C CD2 . TYR A 1 25  ? 13.143  -14.654 18.389  1.00 14.32 ? 1316 TYR A CD2 1 
ATOM   15   C CE1 . TYR A 1 25  ? 11.820  -16.067 16.431  1.00 13.69 ? 1316 TYR A CE1 1 
ATOM   16   C CE2 . TYR A 1 25  ? 13.545  -15.943 18.079  1.00 13.77 ? 1316 TYR A CE2 1 
ATOM   17   C CZ  . TYR A 1 25  ? 12.878  -16.655 17.103  1.00 13.85 ? 1316 TYR A CZ  1 
ATOM   18   O OH  . TYR A 1 25  ? 13.274  -17.926 16.773  1.00 13.83 ? 1316 TYR A OH  1 
ATOM   19   N N   . ASP A 1 26  ? 11.762  -9.139  16.876  1.00 12.97 ? 1317 ASP A N   1 
ATOM   20   C CA  . ASP A 1 26  ? 11.344  -7.748  17.213  1.00 12.93 ? 1317 ASP A CA  1 
ATOM   21   C C   . ASP A 1 26  ? 9.910   -7.512  16.708  1.00 12.89 ? 1317 ASP A C   1 
ATOM   22   O O   . ASP A 1 26  ? 9.690   -7.464  15.490  1.00 12.68 ? 1317 ASP A O   1 
ATOM   23   C CB  . ASP A 1 26  ? 12.315  -6.718  16.638  1.00 13.27 ? 1317 ASP A CB  1 
ATOM   24   C CG  . ASP A 1 26  ? 11.956  -5.276  16.963  1.00 12.59 ? 1317 ASP A CG  1 
ATOM   25   O OD1 . ASP A 1 26  ? 10.836  -5.028  17.489  1.00 13.23 ? 1317 ASP A OD1 1 
ATOM   26   O OD2 . ASP A 1 26  ? 12.807  -4.414  16.727  1.00 14.47 ? 1317 ASP A OD2 1 
ATOM   27   N N   . ILE A 1 27  ? 8.978   -7.321  17.631  1.00 12.24 ? 1318 ILE A N   1 
ATOM   28   C CA  . ILE A 1 27  ? 7.525   -7.108  17.371  1.00 12.61 ? 1318 ILE A CA  1 
ATOM   29   C C   . ILE A 1 27  ? 7.311   -5.742  16.698  1.00 12.63 ? 1318 ILE A C   1 
ATOM   30   O O   . ILE A 1 27  ? 6.314   -5.600  15.968  1.00 13.74 ? 1318 ILE A O   1 
ATOM   31   C CB  . ILE A 1 27  ? 6.756   -7.236  18.700  1.00 12.69 ? 1318 ILE A CB  1 
ATOM   32   C CG1 . ILE A 1 27  ? 6.915   -8.637  19.299  1.00 13.02 ? 1318 ILE A CG1 1 
ATOM   33   C CG2 . ILE A 1 27  ? 5.290   -6.856  18.533  1.00 12.98 ? 1318 ILE A CG2 1 
ATOM   34   C CD1 . ILE A 1 27  ? 6.414   -8.771  20.714  1.00 13.43 ? 1318 ILE A CD1 1 
ATOM   35   N N   . GLN A 1 28  ? 8.204   -4.776  16.942  1.00 12.19 ? 1319 GLN A N   1 
ATOM   36   C CA  . GLN A 1 28  ? 8.044   -3.382  16.416  1.00 12.38 ? 1319 GLN A CA  1 
ATOM   37   C C   . GLN A 1 28  ? 8.755   -3.134  15.093  1.00 13.19 ? 1319 GLN A C   1 
ATOM   38   O O   . GLN A 1 28  ? 8.576   -2.028  14.538  1.00 12.89 ? 1319 GLN A O   1 
ATOM   39   C CB  . GLN A 1 28  ? 8.480   -2.360  17.474  1.00 13.01 ? 1319 GLN A CB  1 
ATOM   40   C CG  . GLN A 1 28  ? 7.481   -2.241  18.619  1.00 13.58 ? 1319 GLN A CG  1 
ATOM   41   C CD  . GLN A 1 28  ? 7.796   -3.123  19.813  1.00 12.20 ? 1319 GLN A CD  1 
ATOM   42   O OE1 . GLN A 1 28  ? 8.914   -3.169  20.329  1.00 13.76 ? 1319 GLN A OE1 1 
ATOM   43   N NE2 . GLN A 1 28  ? 6.773   -3.755  20.316  1.00 12.89 ? 1319 GLN A NE2 1 
ATOM   44   N N   . ALA A 1 29  ? 9.594   -4.055  14.585  1.00 12.89 ? 1320 ALA A N   1 
ATOM   45   C CA  . ALA A 1 29  ? 10.482  -3.738  13.455  1.00 12.77 ? 1320 ALA A CA  1 
ATOM   46   C C   . ALA A 1 29  ? 9.676   -3.407  12.177  1.00 11.72 ? 1320 ALA A C   1 
ATOM   47   O O   . ALA A 1 29  ? 10.227  -2.709  11.320  1.00 12.19 ? 1320 ALA A O   1 
ATOM   48   C CB  . ALA A 1 29  ? 11.479  -4.859  13.198  1.00 13.80 ? 1320 ALA A CB  1 
ATOM   49   N N   . TRP A 1 30  ? 8.460   -3.934  12.045  1.00 11.96 ? 1321 TRP A N   1 
ATOM   50   C CA  . TRP A 1 30  ? 7.681   -3.722  10.810  1.00 12.58 ? 1321 TRP A CA  1 
ATOM   51   C C   . TRP A 1 30  ? 7.539   -2.216  10.480  1.00 12.60 ? 1321 TRP A C   1 
ATOM   52   O O   . TRP A 1 30  ? 7.387   -1.873  9.316   1.00 12.27 ? 1321 TRP A O   1 
ATOM   53   C CB  . TRP A 1 30  ? 6.320   -4.410  10.938  1.00 12.52 ? 1321 TRP A CB  1 
ATOM   54   C CG  . TRP A 1 30  ? 5.469   -3.803  12.013  1.00 12.13 ? 1321 TRP A CG  1 
ATOM   55   C CD1 . TRP A 1 30  ? 5.467   -4.136  13.327  1.00 11.59 ? 1321 TRP A CD1 1 
ATOM   56   C CD2 . TRP A 1 30  ? 4.517   -2.719  11.868  1.00 12.51 ? 1321 TRP A CD2 1 
ATOM   57   N NE1 . TRP A 1 30  ? 4.598   -3.331  14.021  1.00 13.11 ? 1321 TRP A NE1 1 
ATOM   58   C CE2 . TRP A 1 30  ? 3.948   -2.515  13.143  1.00 12.88 ? 1321 TRP A CE2 1 
ATOM   59   C CE3 . TRP A 1 30  ? 3.996   -1.996  10.783  1.00 12.88 ? 1321 TRP A CE3 1 
ATOM   60   C CZ2 . TRP A 1 30  ? 2.971   -1.544  13.395  1.00 15.10 ? 1321 TRP A CZ2 1 
ATOM   61   C CZ3 . TRP A 1 30  ? 3.026   -1.055  11.030  1.00 13.25 ? 1321 TRP A CZ3 1 
ATOM   62   C CH2 . TRP A 1 30  ? 2.538   -0.815  12.319  1.00 14.67 ? 1321 TRP A CH2 1 
ATOM   63   N N   . LYS A 1 31  ? 7.507   -1.351  11.492  1.00 12.66 ? 1322 LYS A N   1 
ATOM   64   C CA  . LYS A 1 31  ? 7.113   0.041   11.260  1.00 13.15 ? 1322 LYS A CA  1 
ATOM   65   C C   . LYS A 1 31  ? 8.199   0.743   10.439  1.00 12.76 ? 1322 LYS A C   1 
ATOM   66   O O   . LYS A 1 31  ? 7.855   1.284   9.380   1.00 12.97 ? 1322 LYS A O   1 
ATOM   67   C CB  . LYS A 1 31  ? 6.697   0.700   12.570  1.00 13.55 ? 1322 LYS A CB  1 
ATOM   68   C CG  . LYS A 1 31  ? 6.355   2.178   12.399  1.00 14.55 ? 1322 LYS A CG  1 
ATOM   69   C CD  . LYS A 1 31  ? 5.788   2.777   13.645  1.00 14.48 ? 1322 LYS A CD  1 
ATOM   70   C CE  . LYS A 1 31  ? 5.320   4.220   13.479  1.00 15.10 ? 1322 LYS A CE  1 
ATOM   71   N NZ  . LYS A 1 31  ? 4.776   4.705   14.777  1.00 16.05 ? 1322 LYS A NZ  1 
ATOM   72   N N   . LYS A 1 32  ? 9.472   0.682   10.831  1.00 14.35 ? 1323 LYS A N   1 
ATOM   73   C CA  . LYS A 1 32  ? 10.550  1.292   10.028  1.00 15.61 ? 1323 LYS A CA  1 
ATOM   74   C C   . LYS A 1 32  ? 10.669  0.546   8.692   1.00 13.28 ? 1323 LYS A C   1 
ATOM   75   O O   . LYS A 1 32  ? 10.940  1.211   7.700   1.00 13.45 ? 1323 LYS A O   1 
ATOM   76   C CB  . LYS A 1 32  ? 11.856  1.275   10.826  1.00 18.74 ? 1323 LYS A CB  1 
ATOM   77   C CG  . LYS A 1 32  ? 12.975  2.066   10.176  1.00 27.98 ? 1323 LYS A CG  1 
ATOM   78   C CD  . LYS A 1 32  ? 13.959  2.796   11.118  1.00 36.65 ? 1323 LYS A CD  1 
ATOM   79   C CE  . LYS A 1 32  ? 14.468  4.096   10.497  1.00 44.37 ? 1323 LYS A CE  1 
ATOM   80   N NZ  . LYS A 1 32  ? 15.822  4.498   10.963  1.00 46.44 ? 1323 LYS A NZ  1 
ATOM   81   N N   . GLN A 1 33  ? 10.420  -0.772  8.654   1.00 13.08 ? 1324 GLN A N   1 
ATOM   82   C CA  . GLN A 1 33  ? 10.498  -1.524  7.373   1.00 12.66 ? 1324 GLN A CA  1 
ATOM   83   C C   . GLN A 1 33  ? 9.433   -0.967  6.422   1.00 13.10 ? 1324 GLN A C   1 
ATOM   84   O O   . GLN A 1 33  ? 9.714   -0.782  5.232   1.00 13.18 ? 1324 GLN A O   1 
ATOM   85   C CB  . GLN A 1 33  ? 10.287  -3.029  7.588   1.00 13.33 ? 1324 GLN A CB  1 
ATOM   86   C CG  . GLN A 1 33  ? 11.469  -3.682  8.306   1.00 13.79 ? 1324 GLN A CG  1 
ATOM   87   C CD  . GLN A 1 33  ? 11.176  -5.023  8.909   1.00 15.42 ? 1324 GLN A CD  1 
ATOM   88   O OE1 . GLN A 1 33  ? 10.069  -5.554  8.858   1.00 18.23 ? 1324 GLN A OE1 1 
ATOM   89   N NE2 . GLN A 1 33  ? 12.176  -5.560  9.602   1.00 17.53 ? 1324 GLN A NE2 1 
ATOM   90   N N   . CYS A 1 34  ? 8.234   -0.677  6.916   1.00 12.16 ? 1325 CYS A N   1 
ATOM   91   C CA  . CYS A 1 34  ? 7.162   -0.074  6.084   1.00 12.07 ? 1325 CYS A CA  1 
ATOM   92   C C   . CYS A 1 34  ? 7.492   1.379   5.686   1.00 12.90 ? 1325 CYS A C   1 
ATOM   93   O O   . CYS A 1 34  ? 7.215   1.775   4.542   1.00 12.78 ? 1325 CYS A O   1 
ATOM   94   C CB  . CYS A 1 34  ? 5.807   -0.170  6.755   1.00 11.35 ? 1325 CYS A CB  1 
ATOM   95   S SG  . CYS A 1 34  ? 5.159   -1.849  6.822   1.00 13.20 ? 1325 CYS A SG  1 
ATOM   96   N N   . GLU A 1 35  ? 8.117   2.162   6.559   1.00 13.40 ? 1326 GLU A N   1 
ATOM   97   C CA  . GLU A 1 35  ? 8.575   3.544   6.209   1.00 14.23 ? 1326 GLU A CA  1 
ATOM   98   C C   . GLU A 1 35  ? 9.564   3.485   5.037   1.00 14.61 ? 1326 GLU A C   1 
ATOM   99   O O   . GLU A 1 35  ? 9.420   4.257   4.090   1.00 16.10 ? 1326 GLU A O   1 
ATOM   100  C CB  . GLU A 1 35  ? 9.229   4.201   7.429   1.00 16.44 ? 1326 GLU A CB  1 
ATOM   101  C CG  . GLU A 1 35  ? 8.287   4.485   8.588   1.00 18.53 ? 1326 GLU A CG  1 
ATOM   102  C CD  . GLU A 1 35  ? 8.986   4.994   9.849   1.00 21.88 ? 1326 GLU A CD  1 
ATOM   103  O OE1 . GLU A 1 35  ? 10.246  5.057   9.877   1.00 27.25 ? 1326 GLU A OE1 1 
ATOM   104  O OE2 . GLU A 1 35  ? 8.250   5.335   10.814  1.00 24.90 ? 1326 GLU A OE2 1 
ATOM   105  N N   . GLU A 1 36  ? 10.527  2.561   5.118   1.00 15.35 ? 1327 GLU A N   1 
ATOM   106  C CA  . GLU A 1 36  ? 11.568  2.320   4.086   1.00 16.57 ? 1327 GLU A CA  1 
ATOM   107  C C   . GLU A 1 36  ? 10.857  1.998   2.768   1.00 15.32 ? 1327 GLU A C   1 
ATOM   108  O O   . GLU A 1 36  ? 11.151  2.658   1.748   1.00 15.50 ? 1327 GLU A O   1 
ATOM   109  C CB  . GLU A 1 36  ? 12.518  1.213   4.562   1.00 18.79 ? 1327 GLU A CB  1 
ATOM   110  C CG  . GLU A 1 36  ? 13.220  1.542   5.873   1.00 21.55 ? 1327 GLU A CG  1 
ATOM   111  C CD  . GLU A 1 36  ? 13.995  0.433   6.577   1.00 24.17 ? 1327 GLU A CD  1 
ATOM   112  O OE1 . GLU A 1 36  ? 13.985  -0.723  6.099   1.00 29.49 ? 1327 GLU A OE1 1 
ATOM   113  O OE2 . GLU A 1 36  ? 14.637  0.740   7.609   1.00 28.14 ? 1327 GLU A OE2 1 
ATOM   114  N N   . LEU A 1 37  ? 9.959   1.010   2.800   1.00 14.75 ? 1328 LEU A N   1 
ATOM   115  C CA  . LEU A 1 37  ? 9.273   0.519   1.578   1.00 13.26 ? 1328 LEU A CA  1 
ATOM   116  C C   . LEU A 1 37  ? 8.451   1.673   0.981   1.00 12.92 ? 1328 LEU A C   1 
ATOM   117  O O   . LEU A 1 37  ? 8.456   1.875   -0.272  1.00 13.25 ? 1328 LEU A O   1 
ATOM   118  C CB  . LEU A 1 37  ? 8.432   -0.716  1.869   1.00 14.27 ? 1328 LEU A CB  1 
ATOM   119  C CG  . LEU A 1 37  ? 7.618   -1.277  0.705   1.00 14.46 ? 1328 LEU A CG  1 
ATOM   120  C CD1 . LEU A 1 37  ? 8.522   -1.535  -0.497  1.00 15.58 ? 1328 LEU A CD1 1 
ATOM   121  C CD2 . LEU A 1 37  ? 6.917   -2.541  1.098   1.00 15.35 ? 1328 LEU A CD2 1 
ATOM   122  N N   . LEU A 1 38  ? 7.774   2.468   1.802   1.00 13.85 ? 1329 LEU A N   1 
ATOM   123  C CA  . LEU A 1 38  ? 7.033   3.642   1.281   1.00 13.81 ? 1329 LEU A CA  1 
ATOM   124  C C   . LEU A 1 38  ? 8.018   4.628   0.630   1.00 14.34 ? 1329 LEU A C   1 
ATOM   125  O O   . LEU A 1 38  ? 7.682   5.149   -0.429  1.00 18.12 ? 1329 LEU A O   1 
ATOM   126  C CB  . LEU A 1 38  ? 6.197   4.323   2.364   1.00 14.75 ? 1329 LEU A CB  1 
ATOM   127  C CG  . LEU A 1 38  ? 5.000   3.515   2.827   1.00 14.43 ? 1329 LEU A CG  1 
ATOM   128  C CD1 . LEU A 1 38  ? 4.407   4.064   4.108   1.00 17.02 ? 1329 LEU A CD1 1 
ATOM   129  C CD2 . LEU A 1 38  ? 3.928   3.479   1.743   1.00 16.69 ? 1329 LEU A CD2 1 
ATOM   130  N N   . ASN A 1 39  ? 9.186   4.896   1.199   1.00 15.95 ? 1330 ASN A N   1 
ATOM   131  C CA  . ASN A 1 39  ? 10.204  5.760   0.526   1.00 18.65 ? 1330 ASN A CA  1 
ATOM   132  C C   . ASN A 1 39  ? 10.550  5.198   -0.866  1.00 17.25 ? 1330 ASN A C   1 
ATOM   133  O O   . ASN A 1 39  ? 10.600  5.998   -1.867  1.00 19.68 ? 1330 ASN A O   1 
ATOM   134  C CB  . ASN A 1 39  ? 11.446  5.948   1.411   1.00 20.73 ? 1330 ASN A CB  1 
ATOM   135  C CG  . ASN A 1 39  ? 11.205  6.779   2.660   1.00 26.08 ? 1330 ASN A CG  1 
ATOM   136  O OD1 . ASN A 1 39  ? 10.297  7.598   2.722   1.00 32.40 ? 1330 ASN A OD1 1 
ATOM   137  N ND2 . ASN A 1 39  ? 12.024  6.574   3.689   1.00 27.51 ? 1330 ASN A ND2 1 
ATOM   138  N N   . LEU A 1 40  ? 10.748  3.889   -0.980  1.00 16.14 ? 1331 LEU A N   1 
ATOM   139  C CA  . LEU A 1 40  ? 11.087  3.249   -2.282  1.00 17.50 ? 1331 LEU A CA  1 
ATOM   140  C C   . LEU A 1 40  ? 9.918   3.484   -3.243  1.00 16.86 ? 1331 LEU A C   1 
ATOM   141  O O   . LEU A 1 40  ? 10.155  3.880   -4.405  1.00 18.82 ? 1331 LEU A O   1 
ATOM   142  C CB  . LEU A 1 40  ? 11.358  1.750   -2.125  1.00 17.08 ? 1331 LEU A CB  1 
ATOM   143  C CG  . LEU A 1 40  ? 12.673  1.393   -1.412  1.00 17.90 ? 1331 LEU A CG  1 
ATOM   144  C CD1 . LEU A 1 40  ? 12.782  -0.118  -1.284  1.00 20.44 ? 1331 LEU A CD1 1 
ATOM   145  C CD2 . LEU A 1 40  ? 13.898  1.967   -2.139  1.00 21.14 ? 1331 LEU A CD2 1 
ATOM   146  N N   . ILE A 1 41  ? 8.677   3.317   -2.769  1.00 15.24 ? 1332 ILE A N   1 
ATOM   147  C CA  . ILE A 1 41  ? 7.481   3.458   -3.642  1.00 14.41 ? 1332 ILE A CA  1 
ATOM   148  C C   . ILE A 1 41  ? 7.377   4.919   -4.101  1.00 15.08 ? 1332 ILE A C   1 
ATOM   149  O O   . ILE A 1 41  ? 7.163   5.146   -5.315  1.00 15.85 ? 1332 ILE A O   1 
ATOM   150  C CB  . ILE A 1 41  ? 6.232   2.982   -2.880  1.00 14.62 ? 1332 ILE A CB  1 
ATOM   151  C CG1 . ILE A 1 41  ? 6.247   1.454   -2.784  1.00 15.77 ? 1332 ILE A CG1 1 
ATOM   152  C CG2 . ILE A 1 41  ? 4.970   3.506   -3.549  1.00 14.47 ? 1332 ILE A CG2 1 
ATOM   153  C CD1 . ILE A 1 41  ? 5.211   0.896   -1.872  1.00 16.54 ? 1332 ILE A CD1 1 
ATOM   154  N N   . PHE A 1 42  ? 7.593   5.912   -3.235  1.00 17.00 ? 1333 PHE A N   1 
ATOM   155  C CA  . PHE A 1 42  ? 7.638   7.355   -3.623  1.00 20.21 ? 1333 PHE A CA  1 
ATOM   156  C C   . PHE A 1 42  ? 8.780   7.640   -4.631  1.00 21.65 ? 1333 PHE A C   1 
ATOM   157  O O   . PHE A 1 42  ? 8.557   8.501   -5.537  1.00 25.89 ? 1333 PHE A O   1 
ATOM   158  C CB  . PHE A 1 42  ? 7.649   8.251   -2.378  1.00 19.07 ? 1333 PHE A CB  1 
ATOM   159  C CG  . PHE A 1 42  ? 6.287   8.540   -1.781  1.00 19.17 ? 1333 PHE A CG  1 
ATOM   160  C CD1 . PHE A 1 42  ? 5.535   9.648   -2.159  1.00 21.37 ? 1333 PHE A CD1 1 
ATOM   161  C CD2 . PHE A 1 42  ? 5.722   7.679   -0.855  1.00 20.94 ? 1333 PHE A CD2 1 
ATOM   162  C CE1 . PHE A 1 42  ? 4.275   9.898   -1.625  1.00 23.22 ? 1333 PHE A CE1 1 
ATOM   163  C CE2 . PHE A 1 42  ? 4.487   7.964   -0.279  1.00 21.93 ? 1333 PHE A CE2 1 
ATOM   164  C CZ  . PHE A 1 42  ? 3.746   9.043   -0.693  1.00 22.36 ? 1333 PHE A CZ  1 
ATOM   165  N N   . GLN A 1 43  ? 9.899   6.905   -4.642  1.00 21.81 ? 1334 GLN A N   1 
ATOM   166  C CA  . GLN A 1 43  ? 10.969  7.098   -5.684  1.00 23.71 ? 1334 GLN A CA  1 
ATOM   167  C C   . GLN A 1 43  ? 10.612  6.493   -7.058  1.00 23.55 ? 1334 GLN A C   1 
ATOM   168  O O   . GLN A 1 43  ? 11.243  6.875   -8.073  1.00 25.20 ? 1334 GLN A O   1 
ATOM   169  C CB  . GLN A 1 43  ? 12.286  6.480   -5.197  1.00 26.57 ? 1334 GLN A CB  1 
ATOM   170  C CG  . GLN A 1 43  ? 12.811  7.122   -3.922  1.00 28.44 ? 1334 GLN A CG  1 
ATOM   171  N N   A CYS A 1 44  ? 9.665   5.554   -7.087  0.34 21.24 ? 1335 CYS A N   1 
ATOM   172  N N   B CYS A 1 44  ? 9.670   5.532   -7.100  0.34 21.12 ? 1335 CYS A N   1 
ATOM   173  C CA  A CYS A 1 44  ? 9.196   4.880   -8.321  0.34 20.62 ? 1335 CYS A CA  1 
ATOM   174  C CA  B CYS A 1 44  ? 9.179   4.831   -8.324  0.34 20.58 ? 1335 CYS A CA  1 
ATOM   175  C C   A CYS A 1 44  ? 8.359   5.877   -9.134  0.34 20.11 ? 1335 CYS A C   1 
ATOM   176  C C   B CYS A 1 44  ? 8.345   5.833   -9.143  0.34 19.92 ? 1335 CYS A C   1 
ATOM   177  O O   A CYS A 1 44  ? 7.405   6.466   -8.577  0.34 18.03 ? 1335 CYS A O   1 
ATOM   178  O O   B CYS A 1 44  ? 7.369   6.390   -8.595  0.34 17.60 ? 1335 CYS A O   1 
ATOM   179  C CB  A CYS A 1 44  ? 8.377   3.631   -8.017  0.34 20.03 ? 1335 CYS A CB  1 
ATOM   180  C CB  B CYS A 1 44  ? 8.334   3.595   -7.992  0.34 20.08 ? 1335 CYS A CB  1 
ATOM   181  S SG  A CYS A 1 44  ? 9.367   2.284   -7.318  0.34 21.55 ? 1335 CYS A SG  1 
ATOM   182  S SG  B CYS A 1 44  ? 8.257   2.295   -9.268  0.34 22.59 ? 1335 CYS A SG  1 
ATOM   183  N N   . GLU A 1 45  ? 8.698   6.075   -10.416 1.00 20.20 ? 1336 GLU A N   1 
ATOM   184  C CA  . GLU A 1 45  ? 7.860   6.920   -11.316 1.00 19.97 ? 1336 GLU A CA  1 
ATOM   185  C C   . GLU A 1 45  ? 6.445   6.331   -11.405 1.00 19.47 ? 1336 GLU A C   1 
ATOM   186  O O   . GLU A 1 45  ? 5.487   7.112   -11.515 1.00 18.34 ? 1336 GLU A O   1 
ATOM   187  C CB  . GLU A 1 45  ? 8.458   7.030   -12.716 1.00 22.51 ? 1336 GLU A CB  1 
ATOM   188  C CG  . GLU A 1 45  ? 9.724   7.870   -12.744 1.00 23.75 ? 1336 GLU A CG  1 
ATOM   189  C CD  . GLU A 1 45  ? 10.406  8.022   -14.095 1.00 26.98 ? 1336 GLU A CD  1 
ATOM   190  O OE1 . GLU A 1 45  ? 9.927   7.404   -15.070 1.00 26.91 ? 1336 GLU A OE1 1 
ATOM   191  O OE2 . GLU A 1 45  ? 11.426  8.777   -14.160 1.00 29.84 ? 1336 GLU A OE2 1 
ATOM   192  N N   . ASP A 1 46  ? 6.308   5.023   -11.241 1.00 17.07 ? 1337 ASP A N   1 
ATOM   193  C CA  . ASP A 1 46  ? 4.996   4.343   -11.325 1.00 17.31 ? 1337 ASP A CA  1 
ATOM   194  C C   . ASP A 1 46  ? 4.034   4.726   -10.198 1.00 16.15 ? 1337 ASP A C   1 
ATOM   195  O O   . ASP A 1 46  ? 2.858   4.458   -10.328 1.00 17.03 ? 1337 ASP A O   1 
ATOM   196  C CB  . ASP A 1 46  ? 5.120   2.827   -11.356 1.00 17.65 ? 1337 ASP A CB  1 
ATOM   197  C CG  . ASP A 1 46  ? 5.595   2.275   -12.701 1.00 21.38 ? 1337 ASP A CG  1 
ATOM   198  O OD1 . ASP A 1 46  ? 5.491   3.040   -13.720 1.00 21.15 ? 1337 ASP A OD1 1 
ATOM   199  O OD2 . ASP A 1 46  ? 5.973   1.070   -12.753 1.00 18.60 ? 1337 ASP A OD2 1 
ATOM   200  N N   . SER A 1 47  ? 4.520   5.323   -9.107  1.00 15.32 ? 1338 SER A N   1 
ATOM   201  C CA  . SER A 1 47  ? 3.627   5.745   -7.996  1.00 14.68 ? 1338 SER A CA  1 
ATOM   202  C C   . SER A 1 47  ? 2.975   7.107   -8.245  1.00 14.53 ? 1338 SER A C   1 
ATOM   203  O O   . SER A 1 47  ? 2.022   7.401   -7.523  1.00 14.23 ? 1338 SER A O   1 
ATOM   204  C CB  . SER A 1 47  ? 4.323   5.716   -6.653  1.00 14.08 ? 1338 SER A CB  1 
ATOM   205  O OG  . SER A 1 47  ? 5.181   6.833   -6.459  1.00 13.23 ? 1338 SER A OG  1 
ATOM   206  N N   . GLU A 1 48  ? 3.398   7.899   -9.242  1.00 15.49 ? 1339 GLU A N   1 
ATOM   207  C CA  . GLU A 1 48  ? 2.976   9.328   -9.335  1.00 17.33 ? 1339 GLU A CA  1 
ATOM   208  C C   . GLU A 1 48  ? 1.457   9.470   -9.192  1.00 15.33 ? 1339 GLU A C   1 
ATOM   209  O O   . GLU A 1 48  ? 1.005   10.284  -8.385  1.00 16.22 ? 1339 GLU A O   1 
ATOM   210  C CB  . GLU A 1 48  ? 3.485   9.977   -10.625 1.00 20.42 ? 1339 GLU A CB  1 
ATOM   211  C CG  . GLU A 1 48  ? 3.381   11.494  -10.616 1.00 22.69 ? 1339 GLU A CG  1 
ATOM   212  C CD  . GLU A 1 48  ? 3.383   12.134  -11.996 1.00 26.14 ? 1339 GLU A CD  1 
ATOM   213  O OE1 . GLU A 1 48  ? 3.668   11.425  -12.986 1.00 26.21 ? 1339 GLU A OE1 1 
ATOM   214  O OE2 . GLU A 1 48  ? 3.105   13.347  -12.069 1.00 29.19 ? 1339 GLU A OE2 1 
ATOM   215  N N   . PRO A 1 49  ? 0.613   8.701   -9.927  1.00 15.19 ? 1340 PRO A N   1 
ATOM   216  C CA  . PRO A 1 49  ? -0.839  8.871   -9.863  1.00 14.77 ? 1340 PRO A CA  1 
ATOM   217  C C   . PRO A 1 49  ? -1.476  8.507   -8.519  1.00 13.56 ? 1340 PRO A C   1 
ATOM   218  O O   . PRO A 1 49  ? -2.617  8.878   -8.306  1.00 12.51 ? 1340 PRO A O   1 
ATOM   219  C CB  . PRO A 1 49  ? -1.393  7.900   -10.929 1.00 15.38 ? 1340 PRO A CB  1 
ATOM   220  C CG  . PRO A 1 49  ? -0.216  7.569   -11.802 1.00 15.88 ? 1340 PRO A CG  1 
ATOM   221  C CD  . PRO A 1 49  ? 0.992   7.660   -10.895 1.00 14.94 ? 1340 PRO A CD  1 
ATOM   222  N N   . PHE A 1 50  ? -0.703  7.855   -7.642  1.00 13.86 ? 1341 PHE A N   1 
ATOM   223  C CA  . PHE A 1 50  ? -1.189  7.241   -6.378  1.00 13.47 ? 1341 PHE A CA  1 
ATOM   224  C C   . PHE A 1 50  ? -0.573  7.940   -5.161  1.00 14.60 ? 1341 PHE A C   1 
ATOM   225  O O   . PHE A 1 50  ? -0.765  7.456   -4.044  1.00 13.53 ? 1341 PHE A O   1 
ATOM   226  C CB  . PHE A 1 50  ? -0.880  5.738   -6.386  1.00 12.85 ? 1341 PHE A CB  1 
ATOM   227  C CG  . PHE A 1 50  ? -1.329  5.051   -7.649  1.00 12.43 ? 1341 PHE A CG  1 
ATOM   228  C CD1 . PHE A 1 50  ? -2.680  4.952   -7.925  1.00 13.72 ? 1341 PHE A CD1 1 
ATOM   229  C CD2 . PHE A 1 50  ? -0.415  4.565   -8.579  1.00 12.73 ? 1341 PHE A CD2 1 
ATOM   230  C CE1 . PHE A 1 50  ? -3.111  4.374   -9.101  1.00 13.38 ? 1341 PHE A CE1 1 
ATOM   231  C CE2 . PHE A 1 50  ? -0.848  3.973   -9.756  1.00 12.84 ? 1341 PHE A CE2 1 
ATOM   232  C CZ  . PHE A 1 50  ? -2.197  3.869   -10.004 1.00 12.82 ? 1341 PHE A CZ  1 
ATOM   233  N N   . ARG A 1 51  ? 0.130   9.058   -5.345  1.00 15.52 ? 1342 ARG A N   1 
ATOM   234  C CA  . ARG A 1 51  ? 0.899   9.723   -4.256  1.00 16.98 ? 1342 ARG A CA  1 
ATOM   235  C C   . ARG A 1 51  ? 0.007   10.661  -3.448  1.00 17.49 ? 1342 ARG A C   1 
ATOM   236  O O   . ARG A 1 51  ? 0.463   11.095  -2.359  1.00 17.84 ? 1342 ARG A O   1 
ATOM   237  C CB  . ARG A 1 51  ? 2.079   10.503  -4.836  1.00 17.35 ? 1342 ARG A CB  1 
ATOM   238  C CG  . ARG A 1 51  ? 3.198   9.602   -5.329  1.00 18.15 ? 1342 ARG A CG  1 
ATOM   239  C CD  . ARG A 1 51  ? 4.329   10.398  -5.920  1.00 18.69 ? 1342 ARG A CD  1 
ATOM   240  N NE  . ARG A 1 51  ? 5.194   9.602   -6.769  1.00 20.43 ? 1342 ARG A NE  1 
ATOM   241  C CZ  . ARG A 1 51  ? 6.088   10.103  -7.614  1.00 21.57 ? 1342 ARG A CZ  1 
ATOM   242  N NH1 . ARG A 1 51  ? 6.249   11.417  -7.709  1.00 22.63 ? 1342 ARG A NH1 1 
ATOM   243  N NH2 . ARG A 1 51  ? 6.819   9.292   -8.361  1.00 21.65 ? 1342 ARG A NH2 1 
ATOM   244  N N   . GLN A 1 52  ? -1.183  10.992  -3.965  1.00 19.30 ? 1343 GLN A N   1 
ATOM   245  C CA  . GLN A 1 52  ? -2.125  11.950  -3.337  1.00 20.71 ? 1343 GLN A CA  1 
ATOM   246  C C   . GLN A 1 52  ? -3.546  11.504  -3.660  1.00 20.43 ? 1343 GLN A C   1 
ATOM   247  O O   . GLN A 1 52  ? -3.778  10.794  -4.643  1.00 20.26 ? 1343 GLN A O   1 
ATOM   248  C CB  . GLN A 1 52  ? -1.839  13.381  -3.813  1.00 22.35 ? 1343 GLN A CB  1 
ATOM   249  C CG  . GLN A 1 52  ? -0.381  13.803  -3.680  1.00 26.16 ? 1343 GLN A CG  1 
ATOM   250  C CD  . GLN A 1 52  ? 0.111   13.887  -2.255  1.00 29.77 ? 1343 GLN A CD  1 
ATOM   251  O OE1 . GLN A 1 52  ? -0.672  13.930  -1.304  1.00 33.03 ? 1343 GLN A OE1 1 
ATOM   252  N NE2 . GLN A 1 52  ? 1.426   13.925  -2.092  1.00 31.65 ? 1343 GLN A NE2 1 
ATOM   253  N N   . PRO A 1 53  ? -4.541  11.867  -2.822  1.00 22.21 ? 1344 PRO A N   1 
ATOM   254  C CA  . PRO A 1 53  ? -5.924  11.492  -3.101  1.00 23.14 ? 1344 PRO A CA  1 
ATOM   255  C C   . PRO A 1 53  ? -6.341  11.965  -4.500  1.00 23.71 ? 1344 PRO A C   1 
ATOM   256  O O   . PRO A 1 53  ? -5.862  13.007  -4.960  1.00 24.50 ? 1344 PRO A O   1 
ATOM   257  C CB  . PRO A 1 53  ? -6.740  12.200  -2.010  1.00 21.95 ? 1344 PRO A CB  1 
ATOM   258  C CG  . PRO A 1 53  ? -5.746  12.505  -0.907  1.00 22.21 ? 1344 PRO A CG  1 
ATOM   259  C CD  . PRO A 1 53  ? -4.397  12.637  -1.576  1.00 21.98 ? 1344 PRO A CD  1 
ATOM   260  N N   . VAL A 1 54  ? -7.183  11.172  -5.168  1.00 24.05 ? 1345 VAL A N   1 
ATOM   261  C CA  . VAL A 1 54  ? -7.779  11.538  -6.487  1.00 24.08 ? 1345 VAL A CA  1 
ATOM   262  C C   . VAL A 1 54  ? -8.590  12.829  -6.304  1.00 26.87 ? 1345 VAL A C   1 
ATOM   263  O O   . VAL A 1 54  ? -9.208  13.006  -5.227  1.00 24.25 ? 1345 VAL A O   1 
ATOM   264  C CB  . VAL A 1 54  ? -8.643  10.403  -7.072  1.00 23.92 ? 1345 VAL A CB  1 
ATOM   265  C CG1 . VAL A 1 54  ? -9.357  10.838  -8.345  1.00 23.13 ? 1345 VAL A CG1 1 
ATOM   266  C CG2 . VAL A 1 54  ? -7.829  9.146   -7.331  1.00 24.18 ? 1345 VAL A CG2 1 
ATOM   267  N N   . ASP A 1 55  ? -8.577  13.686  -7.329  1.00 29.78 ? 1346 ASP A N   1 
ATOM   268  C CA  . ASP A 1 55  ? -9.314  14.977  -7.399  1.00 33.40 ? 1346 ASP A CA  1 
ATOM   269  C C   . ASP A 1 55  ? -10.671 14.722  -8.066  1.00 35.59 ? 1346 ASP A C   1 
ATOM   270  O O   . ASP A 1 55  ? -10.687 14.123  -9.162  1.00 36.36 ? 1346 ASP A O   1 
ATOM   271  C CB  . ASP A 1 55  ? -8.500  16.028  -8.168  1.00 34.23 ? 1346 ASP A CB  1 
ATOM   272  C CG  . ASP A 1 55  ? -9.052  17.445  -8.091  1.00 35.94 ? 1346 ASP A CG  1 
ATOM   273  O OD1 . ASP A 1 55  ? -10.220 17.604  -7.691  1.00 34.92 ? 1346 ASP A OD1 1 
ATOM   274  O OD2 . ASP A 1 55  ? -8.303  18.386  -8.433  1.00 37.76 ? 1346 ASP A OD2 1 
ATOM   275  N N   . LEU A 1 56  ? -11.764 15.172  -7.442  1.00 42.67 ? 1347 LEU A N   1 
ATOM   276  C CA  . LEU A 1 56  ? -13.143 14.992  -7.974  1.00 46.21 ? 1347 LEU A CA  1 
ATOM   277  C C   . LEU A 1 56  ? -13.323 15.834  -9.245  1.00 48.51 ? 1347 LEU A C   1 
ATOM   278  O O   . LEU A 1 56  ? -13.942 15.328  -10.193 1.00 50.30 ? 1347 LEU A O   1 
ATOM   279  C CB  . LEU A 1 56  ? -14.181 15.373  -6.912  1.00 48.43 ? 1347 LEU A CB  1 
ATOM   280  C CG  . LEU A 1 56  ? -14.384 14.380  -5.762  1.00 50.17 ? 1347 LEU A CG  1 
ATOM   281  C CD1 . LEU A 1 56  ? -14.377 12.935  -6.251  1.00 51.04 ? 1347 LEU A CD1 1 
ATOM   282  C CD2 . LEU A 1 56  ? -13.350 14.579  -4.663  1.00 50.64 ? 1347 LEU A CD2 1 
ATOM   283  N N   . LEU A 1 57  ? -12.799 17.062  -9.273  1.00 50.44 ? 1348 LEU A N   1 
ATOM   284  C CA  . LEU A 1 57  ? -12.964 17.990  -10.426 1.00 51.56 ? 1348 LEU A CA  1 
ATOM   285  C C   . LEU A 1 57  ? -12.646 17.250  -11.729 1.00 51.10 ? 1348 LEU A C   1 
ATOM   286  O O   . LEU A 1 57  ? -13.484 17.302  -12.652 1.00 52.13 ? 1348 LEU A O   1 
ATOM   287  C CB  . LEU A 1 57  ? -12.064 19.218  -10.250 1.00 54.85 ? 1348 LEU A CB  1 
ATOM   288  C CG  . LEU A 1 57  ? -12.720 20.422  -9.576  1.00 56.99 ? 1348 LEU A CG  1 
ATOM   289  C CD1 . LEU A 1 57  ? -13.761 21.054  -10.492 1.00 56.93 ? 1348 LEU A CD1 1 
ATOM   290  C CD2 . LEU A 1 57  ? -13.337 20.034  -8.236  1.00 58.58 ? 1348 LEU A CD2 1 
ATOM   291  N N   . GLU A 1 58  ? -11.497 16.570  -11.790 1.00 46.53 ? 1349 GLU A N   1 
ATOM   292  C CA  . GLU A 1 58  ? -11.014 15.882  -13.018 1.00 46.36 ? 1349 GLU A CA  1 
ATOM   293  C C   . GLU A 1 58  ? -11.806 14.580  -13.216 1.00 43.76 ? 1349 GLU A C   1 
ATOM   294  O O   . GLU A 1 58  ? -12.032 14.200  -14.390 1.00 43.33 ? 1349 GLU A O   1 
ATOM   295  C CB  . GLU A 1 58  ? -9.505  15.638  -12.933 1.00 47.31 ? 1349 GLU A CB  1 
ATOM   296  C CG  . GLU A 1 58  ? -8.766  15.995  -14.209 1.00 49.92 ? 1349 GLU A CG  1 
ATOM   297  C CD  . GLU A 1 58  ? -9.127  15.151  -15.420 1.00 50.64 ? 1349 GLU A CD  1 
ATOM   298  O OE1 . GLU A 1 58  ? -9.322  15.732  -16.509 1.00 51.60 ? 1349 GLU A OE1 1 
ATOM   299  O OE2 . GLU A 1 58  ? -9.185  13.916  -15.280 1.00 53.76 ? 1349 GLU A OE2 1 
ATOM   300  N N   . TYR A 1 59  ? -12.218 13.934  -12.115 1.00 40.26 ? 1350 TYR A N   1 
ATOM   301  C CA  . TYR A 1 59  ? -12.994 12.663  -12.102 1.00 37.22 ? 1350 TYR A CA  1 
ATOM   302  C C   . TYR A 1 59  ? -14.224 12.830  -11.203 1.00 34.42 ? 1350 TYR A C   1 
ATOM   303  O O   . TYR A 1 59  ? -14.293 12.260  -10.113 1.00 33.36 ? 1350 TYR A O   1 
ATOM   304  C CB  . TYR A 1 59  ? -12.071 11.505  -11.704 1.00 38.16 ? 1350 TYR A CB  1 
ATOM   305  C CG  . TYR A 1 59  ? -10.905 11.274  -12.642 1.00 38.17 ? 1350 TYR A CG  1 
ATOM   306  C CD1 . TYR A 1 59  ? -11.065 10.570  -13.825 1.00 39.26 ? 1350 TYR A CD1 1 
ATOM   307  C CD2 . TYR A 1 59  ? -9.637  11.752  -12.352 1.00 39.00 ? 1350 TYR A CD2 1 
ATOM   308  C CE1 . TYR A 1 59  ? -10.010 10.352  -14.697 1.00 39.04 ? 1350 TYR A CE1 1 
ATOM   309  C CE2 . TYR A 1 59  ? -8.568  11.547  -13.214 1.00 39.85 ? 1350 TYR A CE2 1 
ATOM   310  C CZ  . TYR A 1 59  ? -8.751  10.840  -14.390 1.00 40.64 ? 1350 TYR A CZ  1 
ATOM   311  O OH  . TYR A 1 59  ? -7.708  10.616  -15.249 1.00 41.26 ? 1350 TYR A OH  1 
ATOM   312  N N   . PRO A 1 60  ? -15.246 13.617  -11.636 1.00 32.31 ? 1351 PRO A N   1 
ATOM   313  C CA  . PRO A 1 60  ? -16.405 13.937  -10.793 1.00 28.75 ? 1351 PRO A CA  1 
ATOM   314  C C   . PRO A 1 60  ? -17.328 12.748  -10.469 1.00 27.37 ? 1351 PRO A C   1 
ATOM   315  O O   . PRO A 1 60  ? -18.134 12.868  -9.563  1.00 25.67 ? 1351 PRO A O   1 
ATOM   316  C CB  . PRO A 1 60  ? -17.162 15.020  -11.596 1.00 30.40 ? 1351 PRO A CB  1 
ATOM   317  C CG  . PRO A 1 60  ? -16.728 14.812  -13.032 1.00 32.34 ? 1351 PRO A CG  1 
ATOM   318  C CD  . PRO A 1 60  ? -15.313 14.275  -12.949 1.00 32.73 ? 1351 PRO A CD  1 
ATOM   319  N N   . ASP A 1 61  ? -17.169 11.626  -11.174 1.00 24.79 ? 1352 ASP A N   1 
ATOM   320  C CA  . ASP A 1 61  ? -17.935 10.371  -10.937 1.00 23.88 ? 1352 ASP A CA  1 
ATOM   321  C C   . ASP A 1 61  ? -17.137 9.390   -10.059 1.00 22.14 ? 1352 ASP A C   1 
ATOM   322  O O   . ASP A 1 61  ? -17.630 8.268   -9.854  1.00 19.07 ? 1352 ASP A O   1 
ATOM   323  C CB  . ASP A 1 61  ? -18.267 9.695   -12.267 1.00 25.50 ? 1352 ASP A CB  1 
ATOM   324  C CG  . ASP A 1 61  ? -17.035 9.133   -12.955 1.00 26.89 ? 1352 ASP A CG  1 
ATOM   325  O OD1 . ASP A 1 61  ? -15.922 9.667   -12.710 1.00 28.69 ? 1352 ASP A OD1 1 
ATOM   326  O OD2 . ASP A 1 61  ? -17.185 8.146   -13.681 1.00 30.51 ? 1352 ASP A OD2 1 
ATOM   327  N N   . TYR A 1 62  ? -15.950 9.766   -9.569  1.00 19.98 ? 1353 TYR A N   1 
ATOM   328  C CA  . TYR A 1 62  ? -15.045 8.824   -8.850  1.00 19.51 ? 1353 TYR A CA  1 
ATOM   329  C C   . TYR A 1 62  ? -15.800 8.152   -7.692  1.00 19.66 ? 1353 TYR A C   1 
ATOM   330  O O   . TYR A 1 62  ? -15.707 6.920   -7.578  1.00 18.86 ? 1353 TYR A O   1 
ATOM   331  C CB  . TYR A 1 62  ? -13.762 9.519   -8.380  1.00 19.91 ? 1353 TYR A CB  1 
ATOM   332  C CG  . TYR A 1 62  ? -12.669 8.573   -7.944  1.00 18.22 ? 1353 TYR A CG  1 
ATOM   333  C CD1 . TYR A 1 62  ? -12.073 7.714   -8.856  1.00 18.00 ? 1353 TYR A CD1 1 
ATOM   334  C CD2 . TYR A 1 62  ? -12.253 8.507   -6.623  1.00 18.07 ? 1353 TYR A CD2 1 
ATOM   335  C CE1 . TYR A 1 62  ? -11.077 6.825   -8.477  1.00 17.36 ? 1353 TYR A CE1 1 
ATOM   336  C CE2 . TYR A 1 62  ? -11.241 7.640   -6.232  1.00 16.91 ? 1353 TYR A CE2 1 
ATOM   337  C CZ  . TYR A 1 62  ? -10.661 6.790   -7.157  1.00 17.72 ? 1353 TYR A CZ  1 
ATOM   338  O OH  . TYR A 1 62  ? -9.692  5.904   -6.760  1.00 16.90 ? 1353 TYR A OH  1 
ATOM   339  N N   . ARG A 1 63  ? -16.525 8.907   -6.859  1.00 18.90 ? 1354 ARG A N   1 
ATOM   340  C CA  . ARG A 1 63  ? -17.198 8.344   -5.654  1.00 22.19 ? 1354 ARG A CA  1 
ATOM   341  C C   . ARG A 1 63  ? -18.442 7.547   -6.049  1.00 21.49 ? 1354 ARG A C   1 
ATOM   342  O O   . ARG A 1 63  ? -18.943 6.815   -5.193  1.00 23.41 ? 1354 ARG A O   1 
ATOM   343  C CB  . ARG A 1 63  ? -17.553 9.423   -4.627  1.00 23.51 ? 1354 ARG A CB  1 
ATOM   344  C CG  . ARG A 1 63  ? -16.351 10.064  -3.948  1.00 26.13 ? 1354 ARG A CG  1 
ATOM   345  C CD  . ARG A 1 63  ? -15.382 9.067   -3.328  1.00 28.51 ? 1354 ARG A CD  1 
ATOM   346  N NE  . ARG A 1 63  ? -16.005 8.245   -2.293  1.00 32.38 ? 1354 ARG A NE  1 
ATOM   347  C CZ  . ARG A 1 63  ? -16.158 8.601   -1.014  1.00 33.54 ? 1354 ARG A CZ  1 
ATOM   348  N NH1 . ARG A 1 63  ? -15.751 9.785   -0.581  1.00 33.68 ? 1354 ARG A NH1 1 
ATOM   349  N NH2 . ARG A 1 63  ? -16.737 7.768   -0.164  1.00 36.17 ? 1354 ARG A NH2 1 
ATOM   350  N N   . ASP A 1 64  ? -18.922 7.645   -7.295  1.00 21.20 ? 1355 ASP A N   1 
ATOM   351  C CA  . ASP A 1 64  ? -20.005 6.743   -7.774  1.00 21.73 ? 1355 ASP A CA  1 
ATOM   352  C C   . ASP A 1 64  ? -19.439 5.325   -7.925  1.00 21.01 ? 1355 ASP A C   1 
ATOM   353  O O   . ASP A 1 64  ? -20.195 4.369   -7.710  1.00 23.34 ? 1355 ASP A O   1 
ATOM   354  C CB  . ASP A 1 64  ? -20.608 7.198   -9.104  1.00 23.00 ? 1355 ASP A CB  1 
ATOM   355  C CG  . ASP A 1 64  ? -21.239 8.580   -9.075  1.00 23.34 ? 1355 ASP A CG  1 
ATOM   356  O OD1 . ASP A 1 64  ? -21.604 9.052   -7.980  1.00 26.90 ? 1355 ASP A OD1 1 
ATOM   357  O OD2 . ASP A 1 64  ? -21.362 9.177   -10.154 1.00 25.82 ? 1355 ASP A OD2 1 
ATOM   358  N N   . ILE A 1 65  ? -18.157 5.211   -8.294  1.00 20.03 ? 1356 ILE A N   1 
ATOM   359  C CA  . ILE A 1 65  ? -17.457 3.938   -8.636  1.00 19.13 ? 1356 ILE A CA  1 
ATOM   360  C C   . ILE A 1 65  ? -16.717 3.403   -7.397  1.00 18.65 ? 1356 ILE A C   1 
ATOM   361  O O   . ILE A 1 65  ? -16.804 2.171   -7.144  1.00 20.03 ? 1356 ILE A O   1 
ATOM   362  C CB  . ILE A 1 65  ? -16.514 4.169   -9.842  1.00 19.64 ? 1356 ILE A CB  1 
ATOM   363  C CG1 . ILE A 1 65  ? -17.233 4.848   -11.016 1.00 19.55 ? 1356 ILE A CG1 1 
ATOM   364  C CG2 . ILE A 1 65  ? -15.834 2.880   -10.272 1.00 19.48 ? 1356 ILE A CG2 1 
ATOM   365  C CD1 . ILE A 1 65  ? -18.444 4.105   -11.532 1.00 20.83 ? 1356 ILE A CD1 1 
ATOM   366  N N   . ILE A 1 66  ? -16.047 4.292   -6.653  1.00 18.04 ? 1357 ILE A N   1 
ATOM   367  C CA  . ILE A 1 66  ? -15.084 3.943   -5.577  1.00 18.72 ? 1357 ILE A CA  1 
ATOM   368  C C   . ILE A 1 66  ? -15.685 4.354   -4.240  1.00 18.65 ? 1357 ILE A C   1 
ATOM   369  O O   . ILE A 1 66  ? -15.804 5.585   -4.000  1.00 21.97 ? 1357 ILE A O   1 
ATOM   370  C CB  . ILE A 1 66  ? -13.746 4.638   -5.872  1.00 17.33 ? 1357 ILE A CB  1 
ATOM   371  C CG1 . ILE A 1 66  ? -13.131 4.167   -7.206  1.00 18.08 ? 1357 ILE A CG1 1 
ATOM   372  C CG2 . ILE A 1 66  ? -12.781 4.474   -4.714  1.00 18.84 ? 1357 ILE A CG2 1 
ATOM   373  C CD1 . ILE A 1 66  ? -13.031 2.687   -7.359  1.00 18.23 ? 1357 ILE A CD1 1 
ATOM   374  N N   . ASP A 1 67  ? -15.954 3.375   -3.381  1.00 20.19 ? 1358 ASP A N   1 
ATOM   375  C CA  . ASP A 1 67  ? -16.522 3.645   -2.026  1.00 22.76 ? 1358 ASP A CA  1 
ATOM   376  C C   . ASP A 1 67  ? -15.481 4.246   -1.075  1.00 21.13 ? 1358 ASP A C   1 
ATOM   377  O O   . ASP A 1 67  ? -15.830 5.058   -0.218  1.00 22.37 ? 1358 ASP A O   1 
ATOM   378  C CB  . ASP A 1 67  ? -16.954 2.362   -1.336  1.00 25.99 ? 1358 ASP A CB  1 
ATOM   379  C CG  . ASP A 1 67  ? -18.150 1.686   -1.969  1.00 34.19 ? 1358 ASP A CG  1 
ATOM   380  O OD1 . ASP A 1 67  ? -18.825 2.342   -2.797  1.00 37.44 ? 1358 ASP A OD1 1 
ATOM   381  O OD2 . ASP A 1 67  ? -18.392 0.509   -1.636  1.00 42.91 ? 1358 ASP A OD2 1 
ATOM   382  N N   . THR A 1 68  ? -14.245 3.745   -1.126  1.00 17.77 ? 1359 THR A N   1 
ATOM   383  C CA  . THR A 1 68  ? -13.219 4.126   -0.126  1.00 18.47 ? 1359 THR A CA  1 
ATOM   384  C C   . THR A 1 68  ? -11.941 4.517   -0.848  1.00 17.32 ? 1359 THR A C   1 
ATOM   385  O O   . THR A 1 68  ? -11.116 3.640   -1.163  1.00 18.71 ? 1359 THR A O   1 
ATOM   386  C CB  . THR A 1 68  ? -12.899 2.992   0.840   1.00 19.54 ? 1359 THR A CB  1 
ATOM   387  O OG1 . THR A 1 68  ? -14.149 2.534   1.352   1.00 21.93 ? 1359 THR A OG1 1 
ATOM   388  C CG2 . THR A 1 68  ? -11.985 3.432   1.972   1.00 21.24 ? 1359 THR A CG2 1 
ATOM   389  N N   . PRO A 1 69  ? -11.715 5.825   -1.058  1.00 17.40 ? 1360 PRO A N   1 
ATOM   390  C CA  . PRO A 1 69  ? -10.496 6.301   -1.705  1.00 17.77 ? 1360 PRO A CA  1 
ATOM   391  C C   . PRO A 1 69  ? -9.290  5.978   -0.821  1.00 15.52 ? 1360 PRO A C   1 
ATOM   392  O O   . PRO A 1 69  ? -9.409  5.933   0.392   1.00 16.46 ? 1360 PRO A O   1 
ATOM   393  C CB  . PRO A 1 69  ? -10.690 7.808   -1.848  1.00 19.11 ? 1360 PRO A CB  1 
ATOM   394  C CG  . PRO A 1 69  ? -12.208 7.939   -1.860  1.00 23.26 ? 1360 PRO A CG  1 
ATOM   395  C CD  . PRO A 1 69  ? -12.662 6.947   -0.809  1.00 20.85 ? 1360 PRO A CD  1 
ATOM   396  N N   . MET A 1 70  ? -8.145  5.775   -1.466  1.00 14.88 ? 1361 MET A N   1 
ATOM   397  C CA  . MET A 1 70  ? -6.899  5.548   -0.698  1.00 13.90 ? 1361 MET A CA  1 
ATOM   398  C C   . MET A 1 70  ? -5.728  5.919   -1.589  1.00 13.51 ? 1361 MET A C   1 
ATOM   399  O O   . MET A 1 70  ? -5.845  5.799   -2.819  1.00 12.94 ? 1361 MET A O   1 
ATOM   400  C CB  . MET A 1 70  ? -6.807  4.089   -0.252  1.00 14.21 ? 1361 MET A CB  1 
ATOM   401  C CG  . MET A 1 70  ? -5.693  3.793   0.724   1.00 14.21 ? 1361 MET A CG  1 
ATOM   402  S SD  . MET A 1 70  ? -5.558  4.842   2.186   1.00 14.36 ? 1361 MET A SD  1 
ATOM   403  C CE  . MET A 1 70  ? -7.153  4.587   2.944   1.00 15.79 ? 1361 MET A CE  1 
ATOM   404  N N   . ASP A 1 71  ? -4.662  6.409   -0.983  1.00 12.58 ? 1362 ASP A N   1 
ATOM   405  C CA  . ASP A 1 71  ? -3.446  6.864   -1.681  1.00 13.71 ? 1362 ASP A CA  1 
ATOM   406  C C   . ASP A 1 71  ? -2.258  6.685   -0.740  1.00 12.58 ? 1362 ASP A C   1 
ATOM   407  O O   . ASP A 1 71  ? -2.452  6.506   0.479   1.00 13.23 ? 1362 ASP A O   1 
ATOM   408  C CB  . ASP A 1 71  ? -3.616  8.322   -2.098  1.00 14.75 ? 1362 ASP A CB  1 
ATOM   409  C CG  . ASP A 1 71  ? -3.719  9.204   -0.873  1.00 16.11 ? 1362 ASP A CG  1 
ATOM   410  O OD1 . ASP A 1 71  ? -4.844  9.294   -0.311  1.00 17.38 ? 1362 ASP A OD1 1 
ATOM   411  O OD2 . ASP A 1 71  ? -2.676  9.663   -0.439  1.00 15.43 ? 1362 ASP A OD2 1 
ATOM   412  N N   . PHE A 1 72  ? -1.046  6.790   -1.272  1.00 12.79 ? 1363 PHE A N   1 
ATOM   413  C CA  . PHE A 1 72  ? 0.174   6.510   -0.482  1.00 12.49 ? 1363 PHE A CA  1 
ATOM   414  C C   . PHE A 1 72  ? 0.489   7.615   0.528   1.00 14.50 ? 1363 PHE A C   1 
ATOM   415  O O   . PHE A 1 72  ? 1.112   7.297   1.569   1.00 13.86 ? 1363 PHE A O   1 
ATOM   416  C CB  . PHE A 1 72  ? 1.375   6.247   -1.388  1.00 12.48 ? 1363 PHE A CB  1 
ATOM   417  C CG  . PHE A 1 72  ? 1.342   4.881   -2.032  1.00 12.19 ? 1363 PHE A CG  1 
ATOM   418  C CD1 . PHE A 1 72  ? 1.583   3.750   -1.281  1.00 11.78 ? 1363 PHE A CD1 1 
ATOM   419  C CD2 . PHE A 1 72  ? 1.074   4.721   -3.381  1.00 12.22 ? 1363 PHE A CD2 1 
ATOM   420  C CE1 . PHE A 1 72  ? 1.503   2.488   -1.843  1.00 13.25 ? 1363 PHE A CE1 1 
ATOM   421  C CE2 . PHE A 1 72  ? 1.004   3.462   -3.946  1.00 11.80 ? 1363 PHE A CE2 1 
ATOM   422  C CZ  . PHE A 1 72  ? 1.217   2.342   -3.174  1.00 12.18 ? 1363 PHE A CZ  1 
ATOM   423  N N   . ALA A 1 73  ? 0.060   8.860   0.302   1.00 12.84 ? 1364 ALA A N   1 
ATOM   424  C CA  . ALA A 1 73  ? 0.279   9.895   1.337   1.00 14.54 ? 1364 ALA A CA  1 
ATOM   425  C C   . ALA A 1 73  ? -0.608  9.599   2.561   1.00 14.07 ? 1364 ALA A C   1 
ATOM   426  O O   . ALA A 1 73  ? -0.124  9.689   3.716   1.00 14.09 ? 1364 ALA A O   1 
ATOM   427  C CB  . ALA A 1 73  ? -0.015  11.266  0.800   1.00 15.10 ? 1364 ALA A CB  1 
ATOM   428  N N   . THR A 1 74  ? -1.840  9.167   2.342   1.00 13.40 ? 1365 THR A N   1 
ATOM   429  C CA  . THR A 1 74  ? -2.739  8.799   3.455   1.00 13.98 ? 1365 THR A CA  1 
ATOM   430  C C   . THR A 1 74  ? -2.125  7.609   4.188   1.00 12.63 ? 1365 THR A C   1 
ATOM   431  O O   . THR A 1 74  ? -2.104  7.607   5.419   1.00 12.63 ? 1365 THR A O   1 
ATOM   432  C CB  . THR A 1 74  ? -4.138  8.491   2.971   1.00 12.81 ? 1365 THR A CB  1 
ATOM   433  O OG1 . THR A 1 74  ? -4.678  9.692   2.362   1.00 15.66 ? 1365 THR A OG1 1 
ATOM   434  C CG2 . THR A 1 74  ? -5.066  7.992   4.051   1.00 14.58 ? 1365 THR A CG2 1 
ATOM   435  N N   . VAL A 1 75  ? -1.584  6.611   3.477   1.00 11.33 ? 1366 VAL A N   1 
ATOM   436  C CA  . VAL A 1 75  ? -0.980  5.433   4.189   1.00 11.81 ? 1366 VAL A CA  1 
ATOM   437  C C   . VAL A 1 75  ? 0.202   5.911   5.042   1.00 11.63 ? 1366 VAL A C   1 
ATOM   438  O O   . VAL A 1 75  ? 0.341   5.513   6.218   1.00 11.91 ? 1366 VAL A O   1 
ATOM   439  C CB  . VAL A 1 75  ? -0.561  4.335   3.198   1.00 12.72 ? 1366 VAL A CB  1 
ATOM   440  C CG1 . VAL A 1 75  ? 0.238   3.251   3.897   1.00 13.49 ? 1366 VAL A CG1 1 
ATOM   441  C CG2 . VAL A 1 75  ? -1.749  3.752   2.480   1.00 12.66 ? 1366 VAL A CG2 1 
ATOM   442  N N   . ARG A 1 76  ? 1.110   6.703   4.475   1.00 12.48 ? 1367 ARG A N   1 
ATOM   443  C CA  . ARG A 1 76  ? 2.284   7.208   5.221   1.00 13.22 ? 1367 ARG A CA  1 
ATOM   444  C C   . ARG A 1 76  ? 1.834   8.020   6.456   1.00 13.39 ? 1367 ARG A C   1 
ATOM   445  O O   . ARG A 1 76  ? 2.420   7.838   7.554   1.00 13.26 ? 1367 ARG A O   1 
ATOM   446  C CB  . ARG A 1 76  ? 3.108   8.125   4.314   1.00 15.73 ? 1367 ARG A CB  1 
ATOM   447  C CG  . ARG A 1 76  ? 4.356   8.688   4.949   1.00 19.34 ? 1367 ARG A CG  1 
ATOM   448  C CD  . ARG A 1 76  ? 5.022   9.484   3.826   1.00 24.78 ? 1367 ARG A CD  1 
ATOM   449  N NE  . ARG A 1 76  ? 6.110   8.786   3.197   1.00 26.08 ? 1367 ARG A NE  1 
ATOM   450  C CZ  . ARG A 1 76  ? 6.767   9.205   2.113   1.00 29.88 ? 1367 ARG A CZ  1 
ATOM   451  N NH1 . ARG A 1 76  ? 6.365   10.282  1.451   1.00 27.56 ? 1367 ARG A NH1 1 
ATOM   452  N NH2 . ARG A 1 76  ? 7.820   8.520   1.708   1.00 30.66 ? 1367 ARG A NH2 1 
ATOM   453  N N   . GLU A 1 77  ? 0.829   8.893   6.308   1.00 13.51 ? 1368 GLU A N   1 
ATOM   454  C CA  . GLU A 1 77  ? 0.337   9.719   7.433   1.00 15.16 ? 1368 GLU A CA  1 
ATOM   455  C C   . GLU A 1 77  ? -0.259  8.820   8.516   1.00 13.90 ? 1368 GLU A C   1 
ATOM   456  O O   . GLU A 1 77  ? -0.072  9.119   9.723   1.00 14.05 ? 1368 GLU A O   1 
ATOM   457  C CB  . GLU A 1 77  ? -0.646  10.746  6.905   1.00 17.61 ? 1368 GLU A CB  1 
ATOM   458  C CG  . GLU A 1 77  ? 0.025   11.870  6.132   1.00 21.45 ? 1368 GLU A CG  1 
ATOM   459  C CD  . GLU A 1 77  ? -0.864  12.655  5.168   1.00 30.99 ? 1368 GLU A CD  1 
ATOM   460  O OE1 . GLU A 1 77  ? -2.123  12.662  5.361   1.00 35.19 ? 1368 GLU A OE1 1 
ATOM   461  O OE2 . GLU A 1 77  ? -0.288  13.265  4.210   1.00 38.62 ? 1368 GLU A OE2 1 
ATOM   462  N N   . THR A 1 78  ? -1.028  7.811   8.138   1.00 12.25 ? 1369 THR A N   1 
ATOM   463  C CA  . THR A 1 78  ? -1.674  6.882   9.112   1.00 12.15 ? 1369 THR A CA  1 
ATOM   464  C C   . THR A 1 78  ? -0.582  6.149   9.896   1.00 13.42 ? 1369 THR A C   1 
ATOM   465  O O   . THR A 1 78  ? -0.676  6.018   11.154  1.00 13.60 ? 1369 THR A O   1 
ATOM   466  C CB  . THR A 1 78  ? -2.626  5.932   8.365   1.00 12.92 ? 1369 THR A CB  1 
ATOM   467  O OG1 . THR A 1 78  ? -3.638  6.631   7.633   1.00 14.27 ? 1369 THR A OG1 1 
ATOM   468  C CG2 . THR A 1 78  ? -3.324  4.961   9.273   1.00 13.14 ? 1369 THR A CG2 1 
ATOM   469  N N   . LEU A 1 79  ? 0.446   5.657   9.180   1.00 12.08 ? 1370 LEU A N   1 
ATOM   470  C CA  . LEU A 1 79  ? 1.614   5.011   9.835   1.00 13.04 ? 1370 LEU A CA  1 
ATOM   471  C C   . LEU A 1 79  ? 2.299   5.980   10.832  1.00 13.38 ? 1370 LEU A C   1 
ATOM   472  O O   . LEU A 1 79  ? 2.541   5.607   12.043  1.00 13.63 ? 1370 LEU A O   1 
ATOM   473  C CB  . LEU A 1 79  ? 2.564   4.524   8.731   1.00 12.88 ? 1370 LEU A CB  1 
ATOM   474  C CG  . LEU A 1 79  ? 3.743   3.654   9.209   1.00 12.86 ? 1370 LEU A CG  1 
ATOM   475  C CD1 . LEU A 1 79  ? 3.272   2.326   9.820   1.00 12.25 ? 1370 LEU A CD1 1 
ATOM   476  C CD2 . LEU A 1 79  ? 4.717   3.417   8.053   1.00 14.27 ? 1370 LEU A CD2 1 
ATOM   477  N N   . GLU A 1 80  ? 2.646   7.190   10.382  1.00 14.14 ? 1371 GLU A N   1 
ATOM   478  C CA  . GLU A 1 80  ? 3.468   8.138   11.186  1.00 15.62 ? 1371 GLU A CA  1 
ATOM   479  C C   . GLU A 1 80  ? 2.699   8.626   12.418  1.00 14.95 ? 1371 GLU A C   1 
ATOM   480  O O   . GLU A 1 80  ? 3.348   8.988   13.416  1.00 16.27 ? 1371 GLU A O   1 
ATOM   481  C CB  . GLU A 1 80  ? 3.880   9.353   10.365  1.00 16.77 ? 1371 GLU A CB  1 
ATOM   482  C CG  . GLU A 1 80  ? 4.637   10.363  11.201  1.00 18.03 ? 1371 GLU A CG  1 
ATOM   483  C CD  . GLU A 1 80  ? 5.799   9.782   11.993  1.00 20.07 ? 1371 GLU A CD  1 
ATOM   484  O OE1 . GLU A 1 80  ? 6.238   8.645   11.677  1.00 20.97 ? 1371 GLU A OE1 1 
ATOM   485  O OE2 . GLU A 1 80  ? 6.260   10.457  12.941  1.00 22.23 ? 1371 GLU A OE2 1 
ATOM   486  N N   . ALA A 1 81  ? 1.374   8.672   12.342  1.00 14.61 ? 1372 ALA A N   1 
ATOM   487  C CA  . ALA A 1 81  ? 0.487   9.072   13.457  1.00 14.32 ? 1372 ALA A CA  1 
ATOM   488  C C   . ALA A 1 81  ? 0.395   7.975   14.529  1.00 14.19 ? 1372 ALA A C   1 
ATOM   489  O O   . ALA A 1 81  ? -0.045  8.289   15.637  1.00 14.59 ? 1372 ALA A O   1 
ATOM   490  C CB  . ALA A 1 81  ? -0.871  9.403   12.909  1.00 14.16 ? 1372 ALA A CB  1 
ATOM   491  N N   . GLY A 1 82  ? 0.816   6.739   14.219  1.00 14.05 ? 1373 GLY A N   1 
ATOM   492  C CA  . GLY A 1 82  ? 0.639   5.600   15.119  1.00 13.10 ? 1373 GLY A CA  1 
ATOM   493  C C   . GLY A 1 82  ? -0.757  5.037   15.050  1.00 12.89 ? 1373 GLY A C   1 
ATOM   494  O O   . GLY A 1 82  ? -1.286  4.592   16.057  1.00 13.78 ? 1373 GLY A O   1 
ATOM   495  N N   . ASN A 1 83  ? -1.391  5.027   13.861  1.00 11.67 ? 1374 ASN A N   1 
ATOM   496  C CA  . ASN A 1 83  ? -2.786  4.530   13.694  1.00 11.64 ? 1374 ASN A CA  1 
ATOM   497  C C   . ASN A 1 83  ? -2.884  3.202   12.903  1.00 11.65 ? 1374 ASN A C   1 
ATOM   498  O O   . ASN A 1 83  ? -3.994  2.749   12.601  1.00 13.16 ? 1374 ASN A O   1 
ATOM   499  C CB  . ASN A 1 83  ? -3.678  5.613   13.106  1.00 13.56 ? 1374 ASN A CB  1 
ATOM   500  C CG  . ASN A 1 83  ? -3.960  6.816   13.990  1.00 15.60 ? 1374 ASN A CG  1 
ATOM   501  O OD1 . ASN A 1 83  ? -4.610  7.752   13.521  1.00 18.40 ? 1374 ASN A OD1 1 
ATOM   502  N ND2 . ASN A 1 83  ? -3.526  6.841   15.242  1.00 14.33 ? 1374 ASN A ND2 1 
ATOM   503  N N   . TYR A 1 84  ? -1.753  2.545   12.639  1.00 12.79 ? 1375 TYR A N   1 
ATOM   504  C CA  . TYR A 1 84  ? -1.734  1.112   12.271  1.00 11.50 ? 1375 TYR A CA  1 
ATOM   505  C C   . TYR A 1 84  ? -1.252  0.320   13.511  1.00 12.90 ? 1375 TYR A C   1 
ATOM   506  O O   . TYR A 1 84  ? -0.182  0.691   14.061  1.00 13.11 ? 1375 TYR A O   1 
ATOM   507  C CB  . TYR A 1 84  ? -0.822  0.870   11.059  1.00 12.03 ? 1375 TYR A CB  1 
ATOM   508  C CG  . TYR A 1 84  ? -1.363  1.361   9.752   1.00 11.07 ? 1375 TYR A CG  1 
ATOM   509  C CD1 . TYR A 1 84  ? -2.628  1.022   9.299   1.00 11.51 ? 1375 TYR A CD1 1 
ATOM   510  C CD2 . TYR A 1 84  ? -0.571  2.183   8.948   1.00 11.22 ? 1375 TYR A CD2 1 
ATOM   511  C CE1 . TYR A 1 84  ? -3.094  1.487   8.077   1.00 10.98 ? 1375 TYR A CE1 1 
ATOM   512  C CE2 . TYR A 1 84  ? -1.014  2.641   7.733   1.00 11.22 ? 1375 TYR A CE2 1 
ATOM   513  C CZ  . TYR A 1 84  ? -2.288  2.310   7.305   1.00 11.40 ? 1375 TYR A CZ  1 
ATOM   514  O OH  . TYR A 1 84  ? -2.703  2.828   6.110   1.00 12.36 ? 1375 TYR A OH  1 
ATOM   515  N N   . GLU A 1 85  ? -1.913  -0.795  13.819  1.00 14.19 ? 1376 GLU A N   1 
ATOM   516  C CA  . GLU A 1 85  ? -1.451  -1.718  14.897  1.00 15.62 ? 1376 GLU A CA  1 
ATOM   517  C C   . GLU A 1 85  ? -0.517  -2.802  14.328  1.00 14.77 ? 1376 GLU A C   1 
ATOM   518  O O   . GLU A 1 85  ? 0.336   -3.358  15.095  1.00 19.41 ? 1376 GLU A O   1 
ATOM   519  C CB  . GLU A 1 85  ? -2.659  -2.371  15.554  1.00 18.58 ? 1376 GLU A CB  1 
ATOM   520  C CG  . GLU A 1 85  ? -2.193  -3.283  16.686  1.00 25.52 ? 1376 GLU A CG  1 
ATOM   521  C CD  . GLU A 1 85  ? -3.275  -3.700  17.651  1.00 29.94 ? 1376 GLU A CD  1 
ATOM   522  O OE1 . GLU A 1 85  ? -4.453  -3.782  17.201  1.00 38.78 ? 1376 GLU A OE1 1 
ATOM   523  O OE2 . GLU A 1 85  ? -2.926  -3.882  18.876  1.00 36.82 ? 1376 GLU A OE2 1 
ATOM   524  N N   . SER A 1 86  ? -0.615  -3.101  13.018  1.00 14.17 ? 1377 SER A N   1 
ATOM   525  C CA  . SER A 1 86  ? 0.125   -4.234  12.407  1.00 13.51 ? 1377 SER A CA  1 
ATOM   526  C C   . SER A 1 86  ? 0.418   -3.920  10.946  1.00 13.20 ? 1377 SER A C   1 
ATOM   527  O O   . SER A 1 86  ? -0.249  -3.083  10.322  1.00 13.27 ? 1377 SER A O   1 
ATOM   528  C CB  . SER A 1 86  ? -0.664  -5.493  12.485  1.00 14.44 ? 1377 SER A CB  1 
ATOM   529  O OG  . SER A 1 86  ? -1.778  -5.459  11.617  1.00 14.80 ? 1377 SER A OG  1 
ATOM   530  N N   . PRO A 1 87  ? 1.430   -4.599  10.355  1.00 12.44 ? 1378 PRO A N   1 
ATOM   531  C CA  . PRO A 1 87  ? 1.703   -4.408  8.940   1.00 12.54 ? 1378 PRO A CA  1 
ATOM   532  C C   . PRO A 1 87  ? 0.554   -4.995  8.083   1.00 11.68 ? 1378 PRO A C   1 
ATOM   533  O O   . PRO A 1 87  ? 0.400   -4.583  6.940   1.00 12.27 ? 1378 PRO A O   1 
ATOM   534  C CB  . PRO A 1 87  ? 3.002   -5.175  8.702   1.00 12.76 ? 1378 PRO A CB  1 
ATOM   535  C CG  . PRO A 1 87  ? 3.088   -6.200  9.871   1.00 12.72 ? 1378 PRO A CG  1 
ATOM   536  C CD  . PRO A 1 87  ? 2.391   -5.511  11.031  1.00 13.17 ? 1378 PRO A CD  1 
ATOM   537  N N   . MET A 1 88  ? -0.240  -5.933  8.614   1.00 11.60 ? 1379 MET A N   1 
ATOM   538  C CA  . MET A 1 88  ? -1.432  -6.435  7.880   1.00 11.91 ? 1379 MET A CA  1 
ATOM   539  C C   . MET A 1 88  ? -2.399  -5.286  7.585   1.00 11.34 ? 1379 MET A C   1 
ATOM   540  O O   . MET A 1 88  ? -3.008  -5.257  6.528   1.00 11.14 ? 1379 MET A O   1 
ATOM   541  C CB  . MET A 1 88  ? -2.132  -7.586  8.647   1.00 13.21 ? 1379 MET A CB  1 
ATOM   542  C CG  . MET A 1 88  ? -1.269  -8.829  8.805   1.00 13.98 ? 1379 MET A CG  1 
ATOM   543  S SD  . MET A 1 88  ? -0.077  -8.798  10.192  1.00 15.49 ? 1379 MET A SD  1 
ATOM   544  C CE  . MET A 1 88  ? -1.234  -9.196  11.496  1.00 18.78 ? 1379 MET A CE  1 
ATOM   545  N N   . GLU A 1 89  ? -2.612  -4.384  8.536   1.00 12.29 ? 1380 GLU A N   1 
ATOM   546  C CA  . GLU A 1 89  ? -3.555  -3.278  8.336   1.00 12.85 ? 1380 GLU A CA  1 
ATOM   547  C C   . GLU A 1 89  ? -3.004  -2.345  7.250   1.00 12.81 ? 1380 GLU A C   1 
ATOM   548  O O   . GLU A 1 89  ? -3.762  -1.831  6.370   1.00 12.17 ? 1380 GLU A O   1 
ATOM   549  C CB  . GLU A 1 89  ? -3.738  -2.498  9.640   1.00 13.06 ? 1380 GLU A CB  1 
ATOM   550  C CG  . GLU A 1 89  ? -4.520  -3.242  10.721  1.00 13.55 ? 1380 GLU A CG  1 
ATOM   551  C CD  . GLU A 1 89  ? -4.679  -2.433  11.994  1.00 15.88 ? 1380 GLU A CD  1 
ATOM   552  O OE1 . GLU A 1 89  ? -4.059  -1.398  12.094  1.00 15.57 ? 1380 GLU A OE1 1 
ATOM   553  O OE2 . GLU A 1 89  ? -5.480  -2.889  12.878  1.00 20.63 ? 1380 GLU A OE2 1 
ATOM   554  N N   . LEU A 1 90  ? -1.711  -2.040  7.303   1.00 11.23 ? 1381 LEU A N   1 
ATOM   555  C CA  . LEU A 1 90  ? -1.088  -1.198  6.238   1.00 11.91 ? 1381 LEU A CA  1 
ATOM   556  C C   . LEU A 1 90  ? -1.242  -1.870  4.861   1.00 12.42 ? 1381 LEU A C   1 
ATOM   557  O O   . LEU A 1 90  ? -1.548  -1.200  3.868   1.00 11.99 ? 1381 LEU A O   1 
ATOM   558  C CB  . LEU A 1 90  ? 0.387   -0.951  6.556   1.00 13.06 ? 1381 LEU A CB  1 
ATOM   559  C CG  . LEU A 1 90  ? 1.172   -0.094  5.555   1.00 12.57 ? 1381 LEU A CG  1 
ATOM   560  C CD1 . LEU A 1 90  ? 2.181   0.795   6.255   1.00 13.24 ? 1381 LEU A CD1 1 
ATOM   561  C CD2 . LEU A 1 90  ? 1.853   -0.975  4.500   1.00 13.55 ? 1381 LEU A CD2 1 
ATOM   562  N N   A CYS A 1 91  ? -1.003  -3.184  4.807   0.35 12.29 ? 1382 CYS A N   1 
ATOM   563  N N   B CYS A 1 91  ? -0.990  -3.178  4.778   0.15 12.15 ? 1382 CYS A N   1 
ATOM   564  C CA  A CYS A 1 91  ? -1.075  -3.983  3.558   0.35 13.08 ? 1382 CYS A CA  1 
ATOM   565  C CA  B CYS A 1 91  ? -1.147  -3.945  3.515   0.15 12.40 ? 1382 CYS A CA  1 
ATOM   566  C C   A CYS A 1 91  ? -2.509  -3.915  2.990   0.35 12.97 ? 1382 CYS A C   1 
ATOM   567  C C   B CYS A 1 91  ? -2.555  -3.790  2.970   0.15 12.57 ? 1382 CYS A C   1 
ATOM   568  O O   A CYS A 1 91  ? -2.669  -3.826  1.743   0.35 12.56 ? 1382 CYS A O   1 
ATOM   569  O O   B CYS A 1 91  ? -2.719  -3.597  1.745   0.15 12.56 ? 1382 CYS A O   1 
ATOM   570  C CB  A CYS A 1 91  ? -0.589  -5.402  3.850   0.35 13.24 ? 1382 CYS A CB  1 
ATOM   571  C CB  B CYS A 1 91  ? -0.970  -5.433  3.730   0.15 12.30 ? 1382 CYS A CB  1 
ATOM   572  S SG  A CYS A 1 91  ? -0.376  -6.415  2.363   0.35 14.63 ? 1382 CYS A SG  1 
ATOM   573  S SG  B CYS A 1 91  ? 0.777   -5.843  3.791   0.15 12.04 ? 1382 CYS A SG  1 
ATOM   574  N N   . LYS A 1 92  ? -3.535  -3.961  3.851   1.00 12.78 ? 1383 LYS A N   1 
ATOM   575  C CA  . LYS A 1 92  ? -4.927  -3.897  3.402   1.00 12.98 ? 1383 LYS A CA  1 
ATOM   576  C C   . LYS A 1 92  ? -5.163  -2.530  2.725   1.00 12.28 ? 1383 LYS A C   1 
ATOM   577  O O   . LYS A 1 92  ? -5.780  -2.473  1.633   1.00 12.77 ? 1383 LYS A O   1 
ATOM   578  C CB  . LYS A 1 92  ? -5.846  -4.138  4.599   1.00 16.27 ? 1383 LYS A CB  1 
ATOM   579  C CG  . LYS A 1 92  ? -7.307  -4.121  4.257   1.00 18.21 ? 1383 LYS A CG  1 
ATOM   580  C CD  . LYS A 1 92  ? -8.211  -4.518  5.390   1.00 22.42 ? 1383 LYS A CD  1 
ATOM   581  C CE  . LYS A 1 92  ? -9.663  -4.206  5.095   1.00 28.21 ? 1383 LYS A CE  1 
ATOM   582  N NZ  . LYS A 1 92  ? -10.560 -4.527  6.240   1.00 33.56 ? 1383 LYS A NZ  1 
ATOM   583  N N   . ASP A 1 93  ? -4.698  -1.420  3.287   1.00 12.28 ? 1384 ASP A N   1 
ATOM   584  C CA  . ASP A 1 93  ? -4.871  -0.080  2.674   1.00 11.65 ? 1384 ASP A CA  1 
ATOM   585  C C   . ASP A 1 93  ? -4.080  0.022   1.355   1.00 10.48 ? 1384 ASP A C   1 
ATOM   586  O O   . ASP A 1 93  ? -4.578  0.591   0.409   1.00 11.02 ? 1384 ASP A O   1 
ATOM   587  C CB  . ASP A 1 93  ? -4.490  1.028   3.639   1.00 12.56 ? 1384 ASP A CB  1 
ATOM   588  C CG  . ASP A 1 93  ? -5.554  1.378   4.684   1.00 15.98 ? 1384 ASP A CG  1 
ATOM   589  O OD1 . ASP A 1 93  ? -6.666  0.837   4.584   1.00 18.35 ? 1384 ASP A OD1 1 
ATOM   590  O OD2 . ASP A 1 93  ? -5.232  2.160   5.645   1.00 14.88 ? 1384 ASP A OD2 1 
ATOM   591  N N   . VAL A 1 94  ? -2.860  -0.493  1.313   1.00 10.86 ? 1385 VAL A N   1 
ATOM   592  C CA  . VAL A 1 94  ? -2.067  -0.426  0.044   1.00 11.43 ? 1385 VAL A CA  1 
ATOM   593  C C   . VAL A 1 94  ? -2.786  -1.245  -1.025  1.00 11.21 ? 1385 VAL A C   1 
ATOM   594  O O   . VAL A 1 94  ? -2.935  -0.769  -2.155  1.00 11.86 ? 1385 VAL A O   1 
ATOM   595  C CB  . VAL A 1 94  ? -0.609  -0.866  0.243   1.00 12.49 ? 1385 VAL A CB  1 
ATOM   596  C CG1 . VAL A 1 94  ? 0.044   -1.031  -1.111  1.00 12.54 ? 1385 VAL A CG1 1 
ATOM   597  C CG2 . VAL A 1 94  ? 0.130   0.153   1.076   1.00 12.55 ? 1385 VAL A CG2 1 
ATOM   598  N N   . ARG A 1 95  ? -3.315  -2.431  -0.696  1.00 11.25 ? 1386 ARG A N   1 
ATOM   599  C CA  . ARG A 1 95  ? -4.025  -3.260  -1.689  1.00 11.39 ? 1386 ARG A CA  1 
ATOM   600  C C   . ARG A 1 95  ? -5.311  -2.564  -2.150  1.00 11.34 ? 1386 ARG A C   1 
ATOM   601  O O   . ARG A 1 95  ? -5.708  -2.734  -3.306  1.00 11.97 ? 1386 ARG A O   1 
ATOM   602  C CB  . ARG A 1 95  ? -4.266  -4.655  -1.107  1.00 11.97 ? 1386 ARG A CB  1 
ATOM   603  C CG  . ARG A 1 95  ? -2.997  -5.494  -1.047  1.00 12.91 ? 1386 ARG A CG  1 
ATOM   604  C CD  . ARG A 1 95  ? -3.151  -6.724  -0.155  1.00 16.10 ? 1386 ARG A CD  1 
ATOM   605  N NE  . ARG A 1 95  ? -1.969  -7.558  -0.195  1.00 15.95 ? 1386 ARG A NE  1 
ATOM   606  C CZ  . ARG A 1 95  ? -1.844  -8.726  0.446   1.00 19.05 ? 1386 ARG A CZ  1 
ATOM   607  N NH1 . ARG A 1 95  ? -2.785  -9.123  1.297   1.00 20.38 ? 1386 ARG A NH1 1 
ATOM   608  N NH2 . ARG A 1 95  ? -0.739  -9.450  0.280   1.00 21.66 ? 1386 ARG A NH2 1 
ATOM   609  N N   . LEU A 1 96  ? -5.913  -1.727  -1.301  1.00 12.00 ? 1387 LEU A N   1 
ATOM   610  C CA  . LEU A 1 96  ? -7.117  -0.926  -1.686  1.00 13.08 ? 1387 LEU A CA  1 
ATOM   611  C C   . LEU A 1 96  ? -6.734  0.124   -2.746  1.00 12.53 ? 1387 LEU A C   1 
ATOM   612  O O   . LEU A 1 96  ? -7.503  0.376   -3.676  1.00 12.62 ? 1387 LEU A O   1 
ATOM   613  C CB  . LEU A 1 96  ? -7.688  -0.297  -0.415  1.00 13.36 ? 1387 LEU A CB  1 
ATOM   614  C CG  . LEU A 1 96  ? -8.908  0.583   -0.589  1.00 14.65 ? 1387 LEU A CG  1 
ATOM   615  C CD1 . LEU A 1 96  ? -10.047 -0.202  -1.182  1.00 15.32 ? 1387 LEU A CD1 1 
ATOM   616  C CD2 . LEU A 1 96  ? -9.330  1.179   0.734   1.00 14.90 ? 1387 LEU A CD2 1 
ATOM   617  N N   . ILE A 1 97  ? -5.525  0.702   -2.693  1.00 11.87 ? 1388 ILE A N   1 
ATOM   618  C CA  . ILE A 1 97  ? -5.084  1.643   -3.775  1.00 11.98 ? 1388 ILE A CA  1 
ATOM   619  C C   . ILE A 1 97  ? -5.165  0.886   -5.101  1.00 12.00 ? 1388 ILE A C   1 
ATOM   620  O O   . ILE A 1 97  ? -5.691  1.401   -6.081  1.00 12.85 ? 1388 ILE A O   1 
ATOM   621  C CB  . ILE A 1 97  ? -3.646  2.155   -3.521  1.00 11.71 ? 1388 ILE A CB  1 
ATOM   622  C CG1 . ILE A 1 97  ? -3.591  2.937   -2.214  1.00 11.61 ? 1388 ILE A CG1 1 
ATOM   623  C CG2 . ILE A 1 97  ? -3.134  2.969   -4.701  1.00 12.24 ? 1388 ILE A CG2 1 
ATOM   624  C CD1 . ILE A 1 97  ? -2.187  3.258   -1.709  1.00 11.97 ? 1388 ILE A CD1 1 
ATOM   625  N N   . PHE A 1 98  ? -4.688  -0.361  -5.151  1.00 12.33 ? 1389 PHE A N   1 
ATOM   626  C CA  . PHE A 1 98  ? -4.555  -1.099  -6.426  1.00 12.72 ? 1389 PHE A CA  1 
ATOM   627  C C   . PHE A 1 98  ? -5.936  -1.601  -6.835  1.00 12.19 ? 1389 PHE A C   1 
ATOM   628  O O   . PHE A 1 98  ? -6.259  -1.548  -8.003  1.00 12.70 ? 1389 PHE A O   1 
ATOM   629  C CB  . PHE A 1 98  ? -3.506  -2.203  -6.287  1.00 13.33 ? 1389 PHE A CB  1 
ATOM   630  C CG  . PHE A 1 98  ? -2.135  -1.697  -5.935  1.00 13.18 ? 1389 PHE A CG  1 
ATOM   631  C CD1 . PHE A 1 98  ? -1.572  -0.629  -6.604  1.00 15.56 ? 1389 PHE A CD1 1 
ATOM   632  C CD2 . PHE A 1 98  ? -1.387  -2.318  -4.933  1.00 13.89 ? 1389 PHE A CD2 1 
ATOM   633  C CE1 . PHE A 1 98  ? -0.274  -0.196  -6.317  1.00 16.47 ? 1389 PHE A CE1 1 
ATOM   634  C CE2 . PHE A 1 98  ? -0.104  -1.828  -4.634  1.00 13.23 ? 1389 PHE A CE2 1 
ATOM   635  C CZ  . PHE A 1 98  ? 0.416   -0.772  -5.301  1.00 15.42 ? 1389 PHE A CZ  1 
ATOM   636  N N   . SER A 1 99  ? -6.762  -2.084  -5.908  1.00 12.36 ? 1390 SER A N   1 
ATOM   637  C CA  . SER A 1 99  ? -8.128  -2.523  -6.309  1.00 12.53 ? 1390 SER A CA  1 
ATOM   638  C C   . SER A 1 99  ? -8.977  -1.351  -6.791  1.00 13.06 ? 1390 SER A C   1 
ATOM   639  O O   . SER A 1 99  ? -9.793  -1.535  -7.715  1.00 12.88 ? 1390 SER A O   1 
ATOM   640  C CB  . SER A 1 99  ? -8.809  -3.323  -5.220  1.00 13.70 ? 1390 SER A CB  1 
ATOM   641  O OG  . SER A 1 99  ? -8.978  -2.584  -4.056  1.00 15.09 ? 1390 SER A OG  1 
ATOM   642  N N   . ASN A 1 100 ? -8.801  -0.156  -6.225  1.00 12.14 ? 1391 ASN A N   1 
ATOM   643  C CA  . ASN A 1 100 ? -9.536  1.054   -6.683  1.00 12.35 ? 1391 ASN A CA  1 
ATOM   644  C C   . ASN A 1 100 ? -9.112  1.390   -8.120  1.00 12.66 ? 1391 ASN A C   1 
ATOM   645  O O   . ASN A 1 100 ? -9.969  1.793   -8.951  1.00 12.79 ? 1391 ASN A O   1 
ATOM   646  C CB  . ASN A 1 100 ? -9.343  2.250   -5.752  1.00 12.12 ? 1391 ASN A CB  1 
ATOM   647  C CG  . ASN A 1 100 ? -10.077 2.114   -4.429  1.00 12.25 ? 1391 ASN A CG  1 
ATOM   648  O OD1 . ASN A 1 100 ? -10.972 1.284   -4.276  1.00 13.20 ? 1391 ASN A OD1 1 
ATOM   649  N ND2 . ASN A 1 100 ? -9.721  2.941   -3.468  1.00 12.60 ? 1391 ASN A ND2 1 
ATOM   650  N N   . SER A 1 101 ? -7.833  1.235   -8.432  1.00 13.39 ? 1392 SER A N   1 
ATOM   651  C CA  . SER A 1 101 ? -7.337  1.481   -9.809  1.00 13.69 ? 1392 SER A CA  1 
ATOM   652  C C   . SER A 1 101 ? -7.978  0.487   -10.795 1.00 14.19 ? 1392 SER A C   1 
ATOM   653  O O   . SER A 1 101 ? -8.424  0.874   -11.895 1.00 15.28 ? 1392 SER A O   1 
ATOM   654  C CB  . SER A 1 101 ? -5.830  1.480   -9.854  1.00 13.59 ? 1392 SER A CB  1 
ATOM   655  O OG  . SER A 1 101 ? -5.392  1.869   -11.159 1.00 15.00 ? 1392 SER A OG  1 
ATOM   656  N N   . LYS A 1 102 ? -8.003  -0.798  -10.450 1.00 14.25 ? 1393 LYS A N   1 
ATOM   657  C CA  . LYS A 1 102 ? -8.550  -1.868  -11.322 1.00 15.75 ? 1393 LYS A CA  1 
ATOM   658  C C   . LYS A 1 102 ? -10.051 -1.651  -11.545 1.00 16.01 ? 1393 LYS A C   1 
ATOM   659  O O   . LYS A 1 102 ? -10.561 -2.017  -12.626 1.00 16.01 ? 1393 LYS A O   1 
ATOM   660  C CB  . LYS A 1 102 ? -8.305  -3.239  -10.690 1.00 16.51 ? 1393 LYS A CB  1 
ATOM   661  C CG  . LYS A 1 102 ? -8.813  -4.390  -11.536 1.00 17.97 ? 1393 LYS A CG  1 
ATOM   662  C CD  . LYS A 1 102 ? -8.471  -5.744  -11.005 1.00 18.82 ? 1393 LYS A CD  1 
ATOM   663  C CE  . LYS A 1 102 ? -8.737  -6.826  -12.029 1.00 19.81 ? 1393 LYS A CE  1 
ATOM   664  N NZ  . LYS A 1 102 ? -8.188  -8.127  -11.589 1.00 21.51 ? 1393 LYS A NZ  1 
ATOM   665  N N   . ALA A 1 103 ? -10.744 -1.087  -10.556 1.00 15.87 ? 1394 ALA A N   1 
ATOM   666  C CA  . ALA A 1 103 ? -12.209 -0.885  -10.603 1.00 15.83 ? 1394 ALA A CA  1 
ATOM   667  C C   . ALA A 1 103 ? -12.530 0.390   -11.382 1.00 16.63 ? 1394 ALA A C   1 
ATOM   668  O O   . ALA A 1 103 ? -13.652 0.494   -11.951 1.00 16.15 ? 1394 ALA A O   1 
ATOM   669  C CB  . ALA A 1 103 ? -12.757 -0.812  -9.200  1.00 15.05 ? 1394 ALA A CB  1 
ATOM   670  N N   . TYR A 1 104 ? -11.617 1.357   -11.412 1.00 15.62 ? 1395 TYR A N   1 
ATOM   671  C CA  . TYR A 1 104 ? -11.842 2.624   -12.154 1.00 17.00 ? 1395 TYR A CA  1 
ATOM   672  C C   . TYR A 1 104 ? -11.442 2.483   -13.632 1.00 16.73 ? 1395 TYR A C   1 
ATOM   673  O O   . TYR A 1 104 ? -11.949 3.273   -14.432 1.00 15.93 ? 1395 TYR A O   1 
ATOM   674  C CB  . TYR A 1 104 ? -11.145 3.823   -11.509 1.00 17.47 ? 1395 TYR A CB  1 
ATOM   675  C CG  . TYR A 1 104 ? -11.658 5.116   -12.084 1.00 18.39 ? 1395 TYR A CG  1 
ATOM   676  C CD1 . TYR A 1 104 ? -12.958 5.529   -11.839 1.00 18.39 ? 1395 TYR A CD1 1 
ATOM   677  C CD2 . TYR A 1 104 ? -10.884 5.874   -12.941 1.00 19.64 ? 1395 TYR A CD2 1 
ATOM   678  C CE1 . TYR A 1 104 ? -13.474 6.676   -12.417 1.00 18.98 ? 1395 TYR A CE1 1 
ATOM   679  C CE2 . TYR A 1 104 ? -11.383 7.027   -13.522 1.00 19.32 ? 1395 TYR A CE2 1 
ATOM   680  C CZ  . TYR A 1 104 ? -12.675 7.440   -13.245 1.00 19.37 ? 1395 TYR A CZ  1 
ATOM   681  O OH  . TYR A 1 104 ? -13.172 8.573   -13.819 1.00 20.94 ? 1395 TYR A OH  1 
ATOM   682  N N   . THR A 1 105 ? -10.553 1.551   -14.005 1.00 17.64 ? 1396 THR A N   1 
ATOM   683  C CA  . THR A 1 105 ? -9.958  1.493   -15.371 1.00 18.07 ? 1396 THR A CA  1 
ATOM   684  C C   . THR A 1 105 ? -11.013 1.075   -16.403 1.00 18.20 ? 1396 THR A C   1 
ATOM   685  O O   . THR A 1 105 ? -11.804 0.156   -16.182 1.00 16.88 ? 1396 THR A O   1 
ATOM   686  C CB  . THR A 1 105 ? -8.711  0.596   -15.418 1.00 18.21 ? 1396 THR A CB  1 
ATOM   687  O OG1 . THR A 1 105 ? -8.046  0.841   -16.662 1.00 18.15 ? 1396 THR A OG1 1 
ATOM   688  C CG2 . THR A 1 105 ? -9.008  -0.884  -15.322 1.00 18.69 ? 1396 THR A CG2 1 
ATOM   689  N N   . PRO A 1 106 ? -11.037 1.731   -17.585 1.00 20.87 ? 1397 PRO A N   1 
ATOM   690  C CA  . PRO A 1 106 ? -11.942 1.322   -18.660 1.00 21.53 ? 1397 PRO A CA  1 
ATOM   691  C C   . PRO A 1 106 ? -11.423 0.132   -19.477 1.00 23.23 ? 1397 PRO A C   1 
ATOM   692  O O   . PRO A 1 106 ? -12.196 -0.422  -20.245 1.00 21.99 ? 1397 PRO A O   1 
ATOM   693  C CB  . PRO A 1 106 ? -12.008 2.569   -19.554 1.00 22.81 ? 1397 PRO A CB  1 
ATOM   694  C CG  . PRO A 1 106 ? -10.650 3.224   -19.377 1.00 22.29 ? 1397 PRO A CG  1 
ATOM   695  C CD  . PRO A 1 106 ? -10.231 2.908   -17.949 1.00 21.43 ? 1397 PRO A CD  1 
ATOM   696  N N   . SER A 1 107 ? -10.131 -0.191  -19.326 1.00 23.69 ? 1398 SER A N   1 
ATOM   697  C CA  . SER A 1 107 ? -9.408  -1.268  -20.053 1.00 25.36 ? 1398 SER A CA  1 
ATOM   698  C C   . SER A 1 107 ? -8.148  -1.676  -19.285 1.00 25.91 ? 1398 SER A C   1 
ATOM   699  O O   . SER A 1 107 ? -7.599  -0.858  -18.516 1.00 23.56 ? 1398 SER A O   1 
ATOM   700  C CB  . SER A 1 107 ? -9.047  -0.835  -21.442 1.00 26.35 ? 1398 SER A CB  1 
ATOM   701  O OG  . SER A 1 107 ? -8.043  0.159   -21.400 1.00 27.36 ? 1398 SER A OG  1 
ATOM   702  N N   . LYS A 1 108 ? -7.661  -2.887  -19.542 1.00 28.66 ? 1399 LYS A N   1 
ATOM   703  C CA  . LYS A 1 108 ? -6.420  -3.405  -18.917 1.00 30.67 ? 1399 LYS A CA  1 
ATOM   704  C C   . LYS A 1 108 ? -5.206  -2.833  -19.656 1.00 32.33 ? 1399 LYS A C   1 
ATOM   705  O O   . LYS A 1 108 ? -4.087  -3.040  -19.166 1.00 35.25 ? 1399 LYS A O   1 
ATOM   706  C CB  . LYS A 1 108 ? -6.459  -4.933  -18.873 1.00 33.66 ? 1399 LYS A CB  1 
ATOM   707  C CG  . LYS A 1 108 ? -7.613  -5.530  -18.066 1.00 35.63 ? 1399 LYS A CG  1 
ATOM   708  C CD  . LYS A 1 108 ? -8.195  -4.651  -16.952 1.00 36.90 ? 1399 LYS A CD  1 
ATOM   709  C CE  . LYS A 1 108 ? -8.432  -5.379  -15.643 1.00 38.42 ? 1399 LYS A CE  1 
ATOM   710  N NZ  . LYS A 1 108 ? -9.782  -5.990  -15.567 1.00 39.54 ? 1399 LYS A NZ  1 
ATOM   711  N N   . ARG A 1 109 ? -5.433  -2.078  -20.737 1.00 31.07 ? 1400 ARG A N   1 
ATOM   712  C CA  . ARG A 1 109 ? -4.376  -1.478  -21.592 1.00 31.81 ? 1400 ARG A CA  1 
ATOM   713  C C   . ARG A 1 109 ? -4.213  0.007   -21.240 1.00 28.39 ? 1400 ARG A C   1 
ATOM   714  O O   . ARG A 1 109 ? -3.617  0.736   -22.041 1.00 29.94 ? 1400 ARG A O   1 
ATOM   715  C CB  . ARG A 1 109 ? -4.731  -1.651  -23.076 1.00 33.54 ? 1400 ARG A CB  1 
ATOM   716  C CG  . ARG A 1 109 ? -5.281  -3.026  -23.434 1.00 36.79 ? 1400 ARG A CG  1 
ATOM   717  C CD  . ARG A 1 109 ? -5.597  -3.162  -24.914 1.00 38.90 ? 1400 ARG A CD  1 
ATOM   718  N NE  . ARG A 1 109 ? -4.396  -3.363  -25.719 1.00 40.53 ? 1400 ARG A NE  1 
ATOM   719  C CZ  . ARG A 1 109 ? -3.708  -2.411  -26.358 1.00 42.28 ? 1400 ARG A CZ  1 
ATOM   720  N NH1 . ARG A 1 109 ? -4.079  -1.139  -26.309 1.00 41.75 ? 1400 ARG A NH1 1 
ATOM   721  N NH2 . ARG A 1 109 ? -2.631  -2.745  -27.049 1.00 43.15 ? 1400 ARG A NH2 1 
ATOM   722  N N   . SER A 1 110 ? -4.729  0.452   -20.090 1.00 25.46 ? 1401 SER A N   1 
ATOM   723  C CA  . SER A 1 110 ? -4.685  1.879   -19.675 1.00 21.87 ? 1401 SER A CA  1 
ATOM   724  C C   . SER A 1 110 ? -3.323  2.176   -19.041 1.00 20.56 ? 1401 SER A C   1 
ATOM   725  O O   . SER A 1 110 ? -2.734  1.259   -18.420 1.00 19.67 ? 1401 SER A O   1 
ATOM   726  C CB  . SER A 1 110 ? -5.846  2.236   -18.778 1.00 22.68 ? 1401 SER A CB  1 
ATOM   727  O OG  . SER A 1 110 ? -5.497  2.258   -17.404 1.00 23.27 ? 1401 SER A OG  1 
ATOM   728  N N   . ARG A 1 111 ? -2.830  3.398   -19.231 1.00 18.15 ? 1402 ARG A N   1 
ATOM   729  C CA  . ARG A 1 111 ? -1.523  3.858   -18.705 1.00 18.28 ? 1402 ARG A CA  1 
ATOM   730  C C   . ARG A 1 111 ? -1.527  3.650   -17.191 1.00 17.43 ? 1402 ARG A C   1 
ATOM   731  O O   . ARG A 1 111 ? -0.637  2.955   -16.697 1.00 17.37 ? 1402 ARG A O   1 
ATOM   732  C CB  . ARG A 1 111 ? -1.287  5.330   -19.058 1.00 18.27 ? 1402 ARG A CB  1 
ATOM   733  C CG  . ARG A 1 111 ? -0.015  5.927   -18.475 1.00 19.04 ? 1402 ARG A CG  1 
ATOM   734  C CD  . ARG A 1 111 ? 1.220   5.425   -19.197 1.00 19.95 ? 1402 ARG A CD  1 
ATOM   735  N NE  . ARG A 1 111 ? 2.433   5.634   -18.422 1.00 22.44 ? 1402 ARG A NE  1 
ATOM   736  C CZ  . ARG A 1 111 ? 3.171   6.735   -18.398 1.00 22.76 ? 1402 ARG A CZ  1 
ATOM   737  N NH1 . ARG A 1 111 ? 2.862   7.781   -19.143 1.00 23.22 ? 1402 ARG A NH1 1 
ATOM   738  N NH2 . ARG A 1 111 ? 4.246   6.779   -17.626 1.00 24.84 ? 1402 ARG A NH2 1 
ATOM   739  N N   . ILE A 1 112 ? -2.503  4.237   -16.500 1.00 16.19 ? 1403 ILE A N   1 
ATOM   740  C CA  . ILE A 1 112 ? -2.506  4.311   -15.004 1.00 15.90 ? 1403 ILE A CA  1 
ATOM   741  C C   . ILE A 1 112 ? -2.742  2.911   -14.426 1.00 15.81 ? 1403 ILE A C   1 
ATOM   742  O O   . ILE A 1 112 ? -1.998  2.521   -13.521 1.00 13.54 ? 1403 ILE A O   1 
ATOM   743  C CB  . ILE A 1 112 ? -3.479  5.394   -14.486 1.00 15.96 ? 1403 ILE A CB  1 
ATOM   744  C CG1 . ILE A 1 112 ? -3.018  6.774   -14.969 1.00 16.56 ? 1403 ILE A CG1 1 
ATOM   745  C CG2 . ILE A 1 112 ? -3.615  5.345   -12.962 1.00 16.75 ? 1403 ILE A CG2 1 
ATOM   746  C CD1 . ILE A 1 112 ? -3.994  7.913   -14.751 1.00 17.37 ? 1403 ILE A CD1 1 
ATOM   747  N N   . TYR A 1 113 ? -3.676  2.121   -14.952 1.00 15.52 ? 1404 TYR A N   1 
ATOM   748  C CA  . TYR A 1 113 ? -3.865  0.722   -14.490 1.00 15.90 ? 1404 TYR A CA  1 
ATOM   749  C C   . TYR A 1 113 ? -2.565  -0.070  -14.706 1.00 16.44 ? 1404 TYR A C   1 
ATOM   750  O O   . TYR A 1 113 ? -2.160  -0.801  -13.791 1.00 16.11 ? 1404 TYR A O   1 
ATOM   751  C CB  . TYR A 1 113 ? -5.066  0.063   -15.165 1.00 16.78 ? 1404 TYR A CB  1 
ATOM   752  C CG  . TYR A 1 113 ? -5.290  -1.358  -14.723 1.00 17.06 ? 1404 TYR A CG  1 
ATOM   753  C CD1 . TYR A 1 113 ? -5.498  -1.669  -13.386 1.00 17.42 ? 1404 TYR A CD1 1 
ATOM   754  C CD2 . TYR A 1 113 ? -5.262  -2.400  -15.638 1.00 16.62 ? 1404 TYR A CD2 1 
ATOM   755  C CE1 . TYR A 1 113 ? -5.694  -2.981  -12.979 1.00 18.29 ? 1404 TYR A CE1 1 
ATOM   756  C CE2 . TYR A 1 113 ? -5.471  -3.713  -15.250 1.00 19.25 ? 1404 TYR A CE2 1 
ATOM   757  C CZ  . TYR A 1 113 ? -5.691  -4.006  -13.916 1.00 18.25 ? 1404 TYR A CZ  1 
ATOM   758  O OH  . TYR A 1 113 ? -5.879  -5.317  -13.564 1.00 19.16 ? 1404 TYR A OH  1 
ATOM   759  N N   A SER A 1 114 ? -1.869  0.106   -15.833 0.34 16.32 ? 1405 SER A N   1 
ATOM   760  N N   B SER A 1 114 ? -1.863  0.119   -15.818 0.34 16.80 ? 1405 SER A N   1 
ATOM   761  C CA  A SER A 1 114 ? -0.585  -0.591  -16.117 0.34 16.62 ? 1405 SER A CA  1 
ATOM   762  C CA  B SER A 1 114 ? -0.594  -0.598  -16.114 0.34 17.29 ? 1405 SER A CA  1 
ATOM   763  C C   A SER A 1 114 ? 0.482   -0.211  -15.073 0.34 15.99 ? 1405 SER A C   1 
ATOM   764  C C   B SER A 1 114 ? 0.516   -0.199  -15.118 0.34 16.44 ? 1405 SER A C   1 
ATOM   765  O O   A SER A 1 114 ? 1.253   -1.102  -14.627 0.34 15.61 ? 1405 SER A O   1 
ATOM   766  O O   B SER A 1 114 ? 1.339   -1.071  -14.732 0.34 15.99 ? 1405 SER A O   1 
ATOM   767  C CB  A SER A 1 114 ? -0.098  -0.325  -17.507 0.34 17.52 ? 1405 SER A CB  1 
ATOM   768  C CB  B SER A 1 114 ? -0.185  -0.391  -17.539 0.34 18.62 ? 1405 SER A CB  1 
ATOM   769  O OG  A SER A 1 114 ? 0.353   1.006   -17.639 0.34 17.65 ? 1405 SER A OG  1 
ATOM   770  O OG  B SER A 1 114 ? -1.159  -0.964  -18.409 0.34 19.84 ? 1405 SER A OG  1 
ATOM   771  N N   . MET A 1 115 ? 0.564   1.070   -14.715 1.00 14.60 ? 1406 MET A N   1 
ATOM   772  C CA  . MET A 1 115 ? 1.481   1.536   -13.643 1.00 14.05 ? 1406 MET A CA  1 
ATOM   773  C C   . MET A 1 115 ? 1.090   0.833   -12.317 1.00 14.06 ? 1406 MET A C   1 
ATOM   774  O O   . MET A 1 115 ? 1.996   0.385   -11.529 1.00 13.27 ? 1406 MET A O   1 
ATOM   775  C CB  . MET A 1 115 ? 1.408   3.043   -13.491 1.00 14.70 ? 1406 MET A CB  1 
ATOM   776  C CG  . MET A 1 115 ? 1.938   3.777   -14.711 1.00 15.33 ? 1406 MET A CG  1 
ATOM   777  S SD  . MET A 1 115 ? 1.516   5.540   -14.779 1.00 19.07 ? 1406 MET A SD  1 
ATOM   778  C CE  . MET A 1 115 ? 2.783   6.224   -13.749 1.00 19.79 ? 1406 MET A CE  1 
ATOM   779  N N   . SER A 1 116 ? -0.212  0.696   -12.055 1.00 13.65 ? 1407 SER A N   1 
ATOM   780  C CA  . SER A 1 116 ? -0.673  0.094   -10.785 1.00 13.72 ? 1407 SER A CA  1 
ATOM   781  C C   . SER A 1 116 ? -0.177  -1.357  -10.731 1.00 13.35 ? 1407 SER A C   1 
ATOM   782  O O   . SER A 1 116 ? 0.179   -1.823  -9.647  1.00 13.49 ? 1407 SER A O   1 
ATOM   783  C CB  . SER A 1 116 ? -2.177  0.210   -10.572 1.00 16.15 ? 1407 SER A CB  1 
ATOM   784  O OG  . SER A 1 116 ? -2.888  -0.819  -11.178 1.00 16.21 ? 1407 SER A OG  1 
ATOM   785  N N   . LEU A 1 117 ? -0.209  -2.109  -11.830 1.00 13.96 ? 1408 LEU A N   1 
ATOM   786  C CA  . LEU A 1 117 ? 0.136   -3.538  -11.789 1.00 15.19 ? 1408 LEU A CA  1 
ATOM   787  C C   . LEU A 1 117 ? 1.637   -3.685  -11.520 1.00 14.84 ? 1408 LEU A C   1 
ATOM   788  O O   . LEU A 1 117 ? 1.995   -4.612  -10.761 1.00 14.13 ? 1408 LEU A O   1 
ATOM   789  C CB  . LEU A 1 117 ? -0.258  -4.242  -13.081 1.00 17.34 ? 1408 LEU A CB  1 
ATOM   790  C CG  . LEU A 1 117 ? -1.751  -4.335  -13.360 1.00 19.03 ? 1408 LEU A CG  1 
ATOM   791  C CD1 . LEU A 1 117 ? -1.968  -4.999  -14.724 1.00 20.46 ? 1408 LEU A CD1 1 
ATOM   792  C CD2 . LEU A 1 117 ? -2.480  -5.093  -12.260 1.00 21.53 ? 1408 LEU A CD2 1 
ATOM   793  N N   . ARG A 1 118 ? 2.478   -2.821  -12.102 1.00 14.29 ? 1409 ARG A N   1 
ATOM   794  C CA  . ARG A 1 118 ? 3.942   -2.925  -11.861 1.00 14.21 ? 1409 ARG A CA  1 
ATOM   795  C C   . ARG A 1 118 ? 4.212   -2.562  -10.387 1.00 14.18 ? 1409 ARG A C   1 
ATOM   796  O O   . ARG A 1 118 ? 5.009   -3.254  -9.657  1.00 13.70 ? 1409 ARG A O   1 
ATOM   797  C CB  . ARG A 1 118 ? 4.752   -2.024  -12.798 1.00 14.52 ? 1409 ARG A CB  1 
ATOM   798  C CG  . ARG A 1 118 ? 4.729   -2.507  -14.248 1.00 15.49 ? 1409 ARG A CG  1 
ATOM   799  C CD  . ARG A 1 118 ? 5.724   -1.678  -15.068 1.00 15.87 ? 1409 ARG A CD  1 
ATOM   800  N NE  . ARG A 1 118 ? 5.413   -0.273  -15.157 1.00 16.21 ? 1409 ARG A NE  1 
ATOM   801  C CZ  . ARG A 1 118 ? 4.798   0.341   -16.170 1.00 17.60 ? 1409 ARG A CZ  1 
ATOM   802  N NH1 . ARG A 1 118 ? 4.360   -0.355  -17.197 1.00 18.32 ? 1409 ARG A NH1 1 
ATOM   803  N NH2 . ARG A 1 118 ? 4.560   1.657   -16.089 1.00 18.99 ? 1409 ARG A NH2 1 
ATOM   804  N N   . LEU A 1 119 ? 3.570   -1.497  -9.898  1.00 13.88 ? 1410 LEU A N   1 
ATOM   805  C CA  . LEU A 1 119 ? 3.808   -1.061  -8.520  1.00 13.63 ? 1410 LEU A CA  1 
ATOM   806  C C   . LEU A 1 119 ? 3.331   -2.120  -7.524  1.00 12.86 ? 1410 LEU A C   1 
ATOM   807  O O   . LEU A 1 119 ? 4.007   -2.340  -6.487  1.00 13.31 ? 1410 LEU A O   1 
ATOM   808  C CB  . LEU A 1 119 ? 3.133   0.294   -8.293  1.00 15.09 ? 1410 LEU A CB  1 
ATOM   809  C CG  . LEU A 1 119 ? 3.639   1.052   -7.075  1.00 16.95 ? 1410 LEU A CG  1 
ATOM   810  C CD1 . LEU A 1 119 ? 5.087   1.477   -7.273  1.00 17.44 ? 1410 LEU A CD1 1 
ATOM   811  C CD2 . LEU A 1 119 ? 2.776   2.289   -6.866  1.00 16.10 ? 1410 LEU A CD2 1 
ATOM   812  N N   . SER A 1 120 ? 2.202   -2.765  -7.800  1.00 11.64 ? 1411 SER A N   1 
ATOM   813  C CA  . SER A 1 120 ? 1.638   -3.847  -6.946  1.00 12.30 ? 1411 SER A CA  1 
ATOM   814  C C   . SER A 1 120 ? 2.617   -5.017  -6.891  1.00 13.08 ? 1411 SER A C   1 
ATOM   815  O O   . SER A 1 120 ? 2.899   -5.507  -5.797  1.00 12.70 ? 1411 SER A O   1 
ATOM   816  C CB  . SER A 1 120 ? 0.309   -4.287  -7.509  1.00 13.34 ? 1411 SER A CB  1 
ATOM   817  O OG  . SER A 1 120 ? -0.152  -5.436  -6.814  1.00 14.61 ? 1411 SER A OG  1 
ATOM   818  N N   . ALA A 1 121 ? 3.199   -5.421  -8.025  1.00 13.22 ? 1412 ALA A N   1 
ATOM   819  C CA  . ALA A 1 121 ? 4.184   -6.528  -8.011  1.00 12.62 ? 1412 ALA A CA  1 
ATOM   820  C C   . ALA A 1 121 ? 5.401   -6.137  -7.172  1.00 11.91 ? 1412 ALA A C   1 
ATOM   821  O O   . ALA A 1 121 ? 5.915   -6.953  -6.347  1.00 13.16 ? 1412 ALA A O   1 
ATOM   822  C CB  . ALA A 1 121 ? 4.635   -6.822  -9.421  1.00 13.78 ? 1412 ALA A CB  1 
ATOM   823  N N   . PHE A 1 122 ? 5.890   -4.906  -7.291  1.00 11.96 ? 1413 PHE A N   1 
ATOM   824  C CA  . PHE A 1 122 ? 7.032   -4.434  -6.458  1.00 12.43 ? 1413 PHE A CA  1 
ATOM   825  C C   . PHE A 1 122 ? 6.669   -4.473  -4.961  1.00 12.29 ? 1413 PHE A C   1 
ATOM   826  O O   . PHE A 1 122 ? 7.425   -4.951  -4.102  1.00 13.06 ? 1413 PHE A O   1 
ATOM   827  C CB  . PHE A 1 122 ? 7.421   -3.034  -6.916  1.00 12.70 ? 1413 PHE A CB  1 
ATOM   828  C CG  . PHE A 1 122 ? 8.522   -2.396  -6.128  1.00 14.31 ? 1413 PHE A CG  1 
ATOM   829  C CD1 . PHE A 1 122 ? 9.856   -2.710  -6.339  1.00 15.51 ? 1413 PHE A CD1 1 
ATOM   830  C CD2 . PHE A 1 122 ? 8.210   -1.538  -5.092  1.00 15.16 ? 1413 PHE A CD2 1 
ATOM   831  C CE1 . PHE A 1 122 ? 10.839  -2.162  -5.516  1.00 17.04 ? 1413 PHE A CE1 1 
ATOM   832  C CE2 . PHE A 1 122 ? 9.209   -0.951  -4.335  1.00 16.12 ? 1413 PHE A CE2 1 
ATOM   833  C CZ  . PHE A 1 122 ? 10.522  -1.275  -4.534  1.00 18.36 ? 1413 PHE A CZ  1 
ATOM   834  N N   . PHE A 1 123 ? 5.497   -3.903  -4.628  1.00 12.64 ? 1414 PHE A N   1 
ATOM   835  C CA  . PHE A 1 123 ? 5.019   -3.881  -3.234  1.00 12.32 ? 1414 PHE A CA  1 
ATOM   836  C C   . PHE A 1 123 ? 4.918   -5.296  -2.661  1.00 12.82 ? 1414 PHE A C   1 
ATOM   837  O O   . PHE A 1 123 ? 5.455   -5.564  -1.562  1.00 13.32 ? 1414 PHE A O   1 
ATOM   838  C CB  . PHE A 1 123 ? 3.672   -3.152  -3.110  1.00 11.92 ? 1414 PHE A CB  1 
ATOM   839  C CG  . PHE A 1 123 ? 3.052   -3.229  -1.730  1.00 11.92 ? 1414 PHE A CG  1 
ATOM   840  C CD1 . PHE A 1 123 ? 3.585   -2.462  -0.695  1.00 11.91 ? 1414 PHE A CD1 1 
ATOM   841  C CD2 . PHE A 1 123 ? 2.028   -4.144  -1.445  1.00 11.83 ? 1414 PHE A CD2 1 
ATOM   842  C CE1 . PHE A 1 123 ? 3.060   -2.568  0.594   1.00 12.26 ? 1414 PHE A CE1 1 
ATOM   843  C CE2 . PHE A 1 123 ? 1.523   -4.237  -0.155  1.00 13.43 ? 1414 PHE A CE2 1 
ATOM   844  C CZ  . PHE A 1 123 ? 2.045   -3.454  0.828   1.00 12.58 ? 1414 PHE A CZ  1 
ATOM   845  N N   . GLU A 1 124 ? 4.283   -6.211  -3.374  1.00 11.78 ? 1415 GLU A N   1 
ATOM   846  C CA  . GLU A 1 124 ? 4.099   -7.586  -2.842  1.00 12.93 ? 1415 GLU A CA  1 
ATOM   847  C C   . GLU A 1 124 ? 5.446   -8.283  -2.664  1.00 13.18 ? 1415 GLU A C   1 
ATOM   848  O O   . GLU A 1 124 ? 5.614   -9.028  -1.712  1.00 14.35 ? 1415 GLU A O   1 
ATOM   849  C CB  . GLU A 1 124 ? 3.192   -8.393  -3.757  1.00 13.78 ? 1415 GLU A CB  1 
ATOM   850  C CG  . GLU A 1 124 ? 1.752   -7.858  -3.765  1.00 14.84 ? 1415 GLU A CG  1 
ATOM   851  C CD  . GLU A 1 124 ? 0.943   -7.951  -2.480  1.00 15.46 ? 1415 GLU A CD  1 
ATOM   852  O OE1 . GLU A 1 124 ? 1.253   -8.863  -1.631  1.00 17.52 ? 1415 GLU A OE1 1 
ATOM   853  O OE2 . GLU A 1 124 ? 0.003   -7.148  -2.291  1.00 16.19 ? 1415 GLU A OE2 1 
ATOM   854  N N   . GLU A 1 125 ? 6.387   -8.050  -3.575  1.00 12.93 ? 1416 GLU A N   1 
ATOM   855  C CA  . GLU A 1 125 ? 7.719   -8.679  -3.482  1.00 13.32 ? 1416 GLU A CA  1 
ATOM   856  C C   . GLU A 1 125 ? 8.388   -8.259  -2.178  1.00 12.21 ? 1416 GLU A C   1 
ATOM   857  O O   . GLU A 1 125 ? 9.083   -9.080  -1.563  1.00 14.33 ? 1416 GLU A O   1 
ATOM   858  C CB  . GLU A 1 125 ? 8.501   -8.195  -4.690  1.00 13.77 ? 1416 GLU A CB  1 
ATOM   859  C CG  . GLU A 1 125 ? 9.987   -8.527  -4.720  1.00 15.12 ? 1416 GLU A CG  1 
ATOM   860  C CD  . GLU A 1 125 ? 10.621  -8.082  -6.043  1.00 14.90 ? 1416 GLU A CD  1 
ATOM   861  O OE1 . GLU A 1 125 ? 10.179  -8.615  -7.111  1.00 16.58 ? 1416 GLU A OE1 1 
ATOM   862  O OE2 . GLU A 1 125 ? 11.444  -7.137  -6.006  1.00 17.46 ? 1416 GLU A OE2 1 
ATOM   863  N N   . HIS A 1 126 ? 8.253   -7.000  -1.781  1.00 12.51 ? 1417 HIS A N   1 
ATOM   864  C CA  . HIS A 1 126 ? 8.922   -6.412  -0.595  1.00 13.76 ? 1417 HIS A CA  1 
ATOM   865  C C   . HIS A 1 126 ? 8.129   -6.635  0.708   1.00 14.93 ? 1417 HIS A C   1 
ATOM   866  O O   . HIS A 1 126 ? 8.771   -6.787  1.780   1.00 15.75 ? 1417 HIS A O   1 
ATOM   867  C CB  . HIS A 1 126 ? 9.263   -4.935  -0.845  1.00 15.64 ? 1417 HIS A CB  1 
ATOM   868  C CG  . HIS A 1 126 ? 10.386  -4.800  -1.820  1.00 19.57 ? 1417 HIS A CG  1 
ATOM   869  N ND1 . HIS A 1 126 ? 10.212  -4.987  -3.167  1.00 20.98 ? 1417 HIS A ND1 1 
ATOM   870  C CD2 . HIS A 1 126 ? 11.692  -4.515  -1.638  1.00 26.29 ? 1417 HIS A CD2 1 
ATOM   871  C CE1 . HIS A 1 126 ? 11.389  -4.895  -3.758  1.00 23.82 ? 1417 HIS A CE1 1 
ATOM   872  N NE2 . HIS A 1 126 ? 12.282  -4.568  -2.883  1.00 28.36 ? 1417 HIS A NE2 1 
ATOM   873  N N   . ILE A 1 127 ? 6.794   -6.659  0.686   1.00 12.98 ? 1418 ILE A N   1 
ATOM   874  C CA  . ILE A 1 127 ? 5.999   -6.731  1.937   1.00 12.66 ? 1418 ILE A CA  1 
ATOM   875  C C   . ILE A 1 127 ? 6.009   -8.147  2.499   1.00 12.85 ? 1418 ILE A C   1 
ATOM   876  O O   . ILE A 1 127 ? 5.793   -8.333  3.736   1.00 12.59 ? 1418 ILE A O   1 
ATOM   877  C CB  . ILE A 1 127 ? 4.570   -6.195  1.726   1.00 11.87 ? 1418 ILE A CB  1 
ATOM   878  C CG1 . ILE A 1 127 ? 3.909   -5.730  3.042   1.00 13.19 ? 1418 ILE A CG1 1 
ATOM   879  C CG2 . ILE A 1 127 ? 3.695   -7.217  1.015   1.00 12.39 ? 1418 ILE A CG2 1 
ATOM   880  C CD1 . ILE A 1 127 ? 4.597   -4.583  3.720   1.00 13.95 ? 1418 ILE A CD1 1 
ATOM   881  N N   A SER A 1 128 ? 6.236   -9.142  1.639   0.27 12.60 ? 1419 SER A N   1 
ATOM   882  N N   B SER A 1 128 ? 6.257   -9.156  1.654   0.25 13.04 ? 1419 SER A N   1 
ATOM   883  C CA  A SER A 1 128 ? 6.246   -10.583 2.010   0.27 13.59 ? 1419 SER A CA  1 
ATOM   884  C CA  B SER A 1 128 ? 6.209   -10.588 2.069   0.25 14.21 ? 1419 SER A CA  1 
ATOM   885  C C   A SER A 1 128 ? 7.046   -10.814 3.307   0.27 13.93 ? 1419 SER A C   1 
ATOM   886  C C   B SER A 1 128 ? 7.045   -10.808 3.341   0.25 14.20 ? 1419 SER A C   1 
ATOM   887  O O   A SER A 1 128 ? 6.487   -11.379 4.277   0.27 14.76 ? 1419 SER A O   1 
ATOM   888  O O   B SER A 1 128 ? 6.509   -11.369 4.328   0.25 14.75 ? 1419 SER A O   1 
ATOM   889  C CB  A SER A 1 128 ? 6.800   -11.382 0.865   0.27 14.01 ? 1419 SER A CB  1 
ATOM   890  C CB  B SER A 1 128 ? 6.661   -11.516 0.970   0.25 15.22 ? 1419 SER A CB  1 
ATOM   891  O OG  A SER A 1 128 ? 8.007   -10.802 0.413   0.27 15.04 ? 1419 SER A OG  1 
ATOM   892  O OG  B SER A 1 128 ? 6.538   -12.872 1.401   0.25 16.92 ? 1419 SER A OG  1 
ATOM   893  N N   . SER A 1 129 ? 8.313   -10.396 3.327   1.00 13.27 ? 1420 SER A N   1 
ATOM   894  C CA  . SER A 1 129 ? 9.237   -10.672 4.475   1.00 14.68 ? 1420 SER A CA  1 
ATOM   895  C C   . SER A 1 129 ? 8.767   -9.871  5.704   1.00 13.68 ? 1420 SER A C   1 
ATOM   896  O O   . SER A 1 129 ? 8.946   -10.319 6.866   1.00 13.29 ? 1420 SER A O   1 
ATOM   897  C CB  . SER A 1 129 ? 10.672  -10.407 4.146   1.00 16.53 ? 1420 SER A CB  1 
ATOM   898  O OG  . SER A 1 129 ? 10.862  -9.091  3.706   1.00 21.62 ? 1420 SER A OG  1 
ATOM   899  N N   . VAL A 1 130 ? 8.249   -8.663  5.480   1.00 12.28 ? 1421 VAL A N   1 
ATOM   900  C CA  . VAL A 1 130 ? 7.767   -7.797  6.592   1.00 13.08 ? 1421 VAL A CA  1 
ATOM   901  C C   . VAL A 1 130 ? 6.651   -8.515  7.331   1.00 11.89 ? 1421 VAL A C   1 
ATOM   902  O O   . VAL A 1 130 ? 6.687   -8.577  8.585   1.00 12.00 ? 1421 VAL A O   1 
ATOM   903  C CB  . VAL A 1 130 ? 7.338   -6.423  6.093   1.00 12.32 ? 1421 VAL A CB  1 
ATOM   904  C CG1 . VAL A 1 130 ? 6.770   -5.601  7.242   1.00 12.76 ? 1421 VAL A CG1 1 
ATOM   905  C CG2 . VAL A 1 130 ? 8.468   -5.691  5.407   1.00 12.41 ? 1421 VAL A CG2 1 
ATOM   906  N N   . LEU A 1 131 ? 5.688   -9.085  6.613   1.00 12.09 ? 1422 LEU A N   1 
ATOM   907  C CA  . LEU A 1 131 ? 4.562   -9.795  7.230   1.00 12.69 ? 1422 LEU A CA  1 
ATOM   908  C C   . LEU A 1 131 ? 5.052   -11.060 7.913   1.00 13.35 ? 1422 LEU A C   1 
ATOM   909  O O   . LEU A 1 131 ? 4.632   -11.355 9.044   1.00 13.36 ? 1422 LEU A O   1 
ATOM   910  C CB  . LEU A 1 131 ? 3.525   -10.144 6.158   1.00 13.40 ? 1422 LEU A CB  1 
ATOM   911  C CG  . LEU A 1 131 ? 2.793   -8.974  5.506   1.00 14.46 ? 1422 LEU A CG  1 
ATOM   912  C CD1 . LEU A 1 131 ? 2.032   -9.421  4.268   1.00 16.16 ? 1422 LEU A CD1 1 
ATOM   913  C CD2 . LEU A 1 131 ? 1.853   -8.304  6.509   1.00 15.91 ? 1422 LEU A CD2 1 
ATOM   914  N N   A SER A 1 132 ? 5.892   -11.841 7.232   0.27 12.88 ? 1423 SER A N   1 
ATOM   915  N N   B SER A 1 132 ? 5.922   -11.805 7.229   0.25 14.82 ? 1423 SER A N   1 
ATOM   916  C CA  A SER A 1 132 ? 6.441   -13.101 7.801   0.27 11.92 ? 1423 SER A CA  1 
ATOM   917  C CA  B SER A 1 132 ? 6.491   -13.081 7.730   0.25 15.18 ? 1423 SER A CA  1 
ATOM   918  C C   A SER A 1 132 ? 7.180   -12.802 9.111   0.27 12.04 ? 1423 SER A C   1 
ATOM   919  C C   B SER A 1 132 ? 7.234   -12.844 9.053   0.25 13.95 ? 1423 SER A C   1 
ATOM   920  O O   A SER A 1 132 ? 6.876   -13.474 10.136  0.27 12.25 ? 1423 SER A O   1 
ATOM   921  O O   B SER A 1 132 ? 7.007   -13.614 10.017  0.25 14.73 ? 1423 SER A O   1 
ATOM   922  C CB  A SER A 1 132 ? 7.328   -13.812 6.797   0.27 11.37 ? 1423 SER A CB  1 
ATOM   923  C CB  B SER A 1 132 ? 7.390   -13.694 6.679   0.25 16.52 ? 1423 SER A CB  1 
ATOM   924  O OG  A SER A 1 132 ? 6.555   -14.346 5.738   0.27 10.61 ? 1423 SER A OG  1 
ATOM   925  O OG  B SER A 1 132 ? 7.346   -15.102 6.759   0.25 21.10 ? 1423 SER A OG  1 
ATOM   926  N N   . ASP A 1 133 ? 8.073   -11.812 9.102   1.00 13.00 ? 1424 ASP A N   1 
ATOM   927  C CA  . ASP A 1 133 ? 8.894   -11.513 10.303  1.00 13.40 ? 1424 ASP A CA  1 
ATOM   928  C C   . ASP A 1 133 ? 7.989   -11.068 11.453  1.00 12.33 ? 1424 ASP A C   1 
ATOM   929  O O   . ASP A 1 133 ? 8.184   -11.487 12.614  1.00 13.54 ? 1424 ASP A O   1 
ATOM   930  C CB  . ASP A 1 133 ? 9.972   -10.492 9.989   1.00 15.28 ? 1424 ASP A CB  1 
ATOM   931  C CG  . ASP A 1 133 ? 11.148  -10.996 9.182   1.00 18.67 ? 1424 ASP A CG  1 
ATOM   932  O OD1 . ASP A 1 133 ? 11.180  -12.178 8.826   1.00 19.06 ? 1424 ASP A OD1 1 
ATOM   933  O OD2 . ASP A 1 133 ? 12.018  -10.153 8.941   1.00 25.05 ? 1424 ASP A OD2 1 
ATOM   934  N N   . TYR A 1 134 ? 7.003   -10.227 11.185  1.00 11.93 ? 1425 TYR A N   1 
ATOM   935  C CA  . TYR A 1 134 ? 6.047   -9.784  12.231  1.00 12.12 ? 1425 TYR A CA  1 
ATOM   936  C C   . TYR A 1 134 ? 5.312   -10.982 12.838  1.00 12.35 ? 1425 TYR A C   1 
ATOM   937  O O   . TYR A 1 134 ? 5.201   -11.119 14.071  1.00 12.35 ? 1425 TYR A O   1 
ATOM   938  C CB  . TYR A 1 134 ? 5.065   -8.733  11.684  1.00 12.31 ? 1425 TYR A CB  1 
ATOM   939  C CG  . TYR A 1 134 ? 4.039   -8.295  12.684  1.00 12.57 ? 1425 TYR A CG  1 
ATOM   940  C CD1 . TYR A 1 134 ? 4.394   -7.420  13.704  1.00 14.35 ? 1425 TYR A CD1 1 
ATOM   941  C CD2 . TYR A 1 134 ? 2.744   -8.780  12.627  1.00 14.60 ? 1425 TYR A CD2 1 
ATOM   942  C CE1 . TYR A 1 134 ? 3.465   -7.025  14.646  1.00 15.95 ? 1425 TYR A CE1 1 
ATOM   943  C CE2 . TYR A 1 134 ? 1.808   -8.358  13.551  1.00 14.98 ? 1425 TYR A CE2 1 
ATOM   944  C CZ  . TYR A 1 134 ? 2.181   -7.505  14.580  1.00 15.79 ? 1425 TYR A CZ  1 
ATOM   945  O OH  . TYR A 1 134 ? 1.257   -7.043  15.500  1.00 18.21 ? 1425 TYR A OH  1 
ATOM   946  N N   . LYS A 1 135 ? 4.725   -11.832 11.994  1.00 12.59 ? 1426 LYS A N   1 
ATOM   947  C CA  . LYS A 1 135 ? 3.874   -12.923 12.499  1.00 12.56 ? 1426 LYS A CA  1 
ATOM   948  C C   . LYS A 1 135 ? 4.758   -13.889 13.296  1.00 12.88 ? 1426 LYS A C   1 
ATOM   949  O O   . LYS A 1 135 ? 4.327   -14.398 14.314  1.00 12.67 ? 1426 LYS A O   1 
ATOM   950  C CB  . LYS A 1 135 ? 3.124   -13.580 11.328  1.00 13.39 ? 1426 LYS A CB  1 
ATOM   951  C CG  . LYS A 1 135 ? 2.118   -12.633 10.674  1.00 14.36 ? 1426 LYS A CG  1 
ATOM   952  C CD  . LYS A 1 135 ? 1.389   -13.281 9.497   1.00 15.96 ? 1426 LYS A CD  1 
ATOM   953  C CE  . LYS A 1 135 ? 0.319   -12.402 8.872   1.00 20.40 ? 1426 LYS A CE  1 
ATOM   954  N NZ  . LYS A 1 135 ? -0.676  -13.205 8.099   1.00 25.09 ? 1426 LYS A NZ  1 
ATOM   955  N N   A SER A 1 136 ? 5.981   -14.120 12.820  0.27 11.82 ? 1427 SER A N   1 
ATOM   956  N N   B SER A 1 136 ? 5.993   -14.093 12.844  0.25 13.18 ? 1427 SER A N   1 
ATOM   957  C CA  A SER A 1 136 ? 6.987   -14.957 13.533  0.27 12.58 ? 1427 SER A CA  1 
ATOM   958  C CA  B SER A 1 136 ? 6.967   -14.982 13.534  0.25 14.82 ? 1427 SER A CA  1 
ATOM   959  C C   A SER A 1 136 ? 7.275   -14.345 14.912  0.27 12.94 ? 1427 SER A C   1 
ATOM   960  C C   B SER A 1 136 ? 7.388   -14.361 14.883  0.25 14.28 ? 1427 SER A C   1 
ATOM   961  O O   A SER A 1 136 ? 7.219   -15.070 15.928  0.27 12.34 ? 1427 SER A O   1 
ATOM   962  O O   B SER A 1 136 ? 7.538   -15.108 15.865  0.25 14.12 ? 1427 SER A O   1 
ATOM   963  C CB  A SER A 1 136 ? 8.240   -15.107 12.721  0.27 12.48 ? 1427 SER A CB  1 
ATOM   964  C CB  B SER A 1 136 ? 8.126   -15.299 12.626  0.25 16.18 ? 1427 SER A CB  1 
ATOM   965  O OG  A SER A 1 136 ? 9.310   -15.613 13.521  0.27 12.40 ? 1427 SER A OG  1 
ATOM   966  O OG  B SER A 1 136 ? 9.136   -14.303 12.695  0.25 20.40 ? 1427 SER A OG  1 
ATOM   967  N N   . ALA A 1 137 ? 7.517   -13.033 14.969  1.00 13.41 ? 1428 ALA A N   1 
ATOM   968  C CA  . ALA A 1 137 ? 7.806   -12.333 16.259  1.00 14.61 ? 1428 ALA A CA  1 
ATOM   969  C C   . ALA A 1 137 ? 6.637   -12.475 17.210  1.00 13.04 ? 1428 ALA A C   1 
ATOM   970  O O   . ALA A 1 137 ? 6.848   -12.715 18.430  1.00 15.00 ? 1428 ALA A O   1 
ATOM   971  C CB  . ALA A 1 137 ? 8.091   -10.877 16.001  1.00 15.16 ? 1428 ALA A CB  1 
ATOM   972  N N   . LEU A 1 138 ? 5.406   -12.366 16.751  1.00 13.28 ? 1429 LEU A N   1 
ATOM   973  C CA  . LEU A 1 138 ? 4.234   -12.494 17.630  1.00 15.31 ? 1429 LEU A CA  1 
ATOM   974  C C   . LEU A 1 138 ? 4.118   -13.945 18.126  1.00 13.88 ? 1429 LEU A C   1 
ATOM   975  O O   . LEU A 1 138 ? 3.846   -14.170 19.325  1.00 15.08 ? 1429 LEU A O   1 
ATOM   976  C CB  . LEU A 1 138 ? 2.964   -12.084 16.890  1.00 19.26 ? 1429 LEU A CB  1 
ATOM   977  C CG  . LEU A 1 138 ? 2.088   -11.006 17.498  1.00 25.70 ? 1429 LEU A CG  1 
ATOM   978  C CD1 . LEU A 1 138 ? 2.840   -9.825  18.093  1.00 24.56 ? 1429 LEU A CD1 1 
ATOM   979  C CD2 . LEU A 1 138 ? 1.096   -10.571 16.449  1.00 23.67 ? 1429 LEU A CD2 1 
ATOM   980  N N   . ARG A 1 139 ? 4.411   -14.926 17.266  1.00 12.71 ? 1430 ARG A N   1 
ATOM   981  C CA  . ARG A 1 139 ? 4.344   -16.325 17.706  1.00 14.33 ? 1430 ARG A CA  1 
ATOM   982  C C   . ARG A 1 139 ? 5.426   -16.538 18.773  1.00 13.15 ? 1430 ARG A C   1 
ATOM   983  O O   . ARG A 1 139 ? 5.142   -17.239 19.779  1.00 14.85 ? 1430 ARG A O   1 
ATOM   984  C CB  . ARG A 1 139 ? 4.543   -17.319 16.571  1.00 13.81 ? 1430 ARG A CB  1 
ATOM   985  C CG  . ARG A 1 139 ? 3.355   -17.384 15.617  1.00 14.40 ? 1430 ARG A CG  1 
ATOM   986  C CD  . ARG A 1 139 ? 3.465   -18.480 14.593  1.00 14.92 ? 1430 ARG A CD  1 
ATOM   987  N NE  . ARG A 1 139 ? 4.548   -18.350 13.644  1.00 14.08 ? 1430 ARG A NE  1 
ATOM   988  C CZ  . ARG A 1 139 ? 4.508   -17.787 12.434  1.00 12.86 ? 1430 ARG A CZ  1 
ATOM   989  N NH1 . ARG A 1 139 ? 3.419   -17.170 12.010  1.00 14.09 ? 1430 ARG A NH1 1 
ATOM   990  N NH2 . ARG A 1 139 ? 5.576   -17.872 11.671  1.00 13.53 ? 1430 ARG A NH2 1 
ATOM   991  N N   . PHE A 1 140 ? 6.626   -15.990 18.604  1.00 12.19 ? 1431 PHE A N   1 
ATOM   992  C CA  . PHE A 1 140 ? 7.719   -16.180 19.597  1.00 13.13 ? 1431 PHE A CA  1 
ATOM   993  C C   . PHE A 1 140 ? 7.278   -15.563 20.930  1.00 13.42 ? 1431 PHE A C   1 
ATOM   994  O O   . PHE A 1 140 ? 7.442   -16.146 22.008  1.00 14.55 ? 1431 PHE A O   1 
ATOM   995  C CB  . PHE A 1 140 ? 9.031   -15.618 19.069  1.00 13.76 ? 1431 PHE A CB  1 
ATOM   996  C CG  . PHE A 1 140 ? 10.184  -15.914 19.995  1.00 15.53 ? 1431 PHE A CG  1 
ATOM   997  C CD1 . PHE A 1 140 ? 10.793  -17.177 19.982  1.00 17.79 ? 1431 PHE A CD1 1 
ATOM   998  C CD2 . PHE A 1 140 ? 10.702  -14.941 20.833  1.00 16.39 ? 1431 PHE A CD2 1 
ATOM   999  C CE1 . PHE A 1 140 ? 11.875  -17.467 20.827  1.00 18.21 ? 1431 PHE A CE1 1 
ATOM   1000 C CE2 . PHE A 1 140 ? 11.770  -15.230 21.670  1.00 17.94 ? 1431 PHE A CE2 1 
ATOM   1001 C CZ  . PHE A 1 140 ? 12.361  -16.480 21.648  1.00 18.30 ? 1431 PHE A CZ  1 
ATOM   1002 N N   . HIS A 1 141 ? 6.653   -14.390 20.856  1.00 14.92 ? 1432 HIS A N   1 
ATOM   1003 C CA  . HIS A 1 141 ? 6.198   -13.683 22.082  1.00 17.83 ? 1432 HIS A CA  1 
ATOM   1004 C C   . HIS A 1 141 ? 5.226   -14.558 22.891  1.00 19.33 ? 1432 HIS A C   1 
ATOM   1005 O O   . HIS A 1 141 ? 5.263   -14.496 24.151  1.00 19.07 ? 1432 HIS A O   1 
ATOM   1006 C CB  . HIS A 1 141 ? 5.596   -12.342 21.688  1.00 16.88 ? 1432 HIS A CB  1 
ATOM   1007 C CG  . HIS A 1 141 ? 5.312   -11.494 22.884  1.00 16.16 ? 1432 HIS A CG  1 
ATOM   1008 N ND1 . HIS A 1 141 ? 6.326   -10.878 23.593  1.00 16.09 ? 1432 HIS A ND1 1 
ATOM   1009 C CD2 . HIS A 1 141 ? 4.147   -11.208 23.521  1.00 18.52 ? 1432 HIS A CD2 1 
ATOM   1010 C CE1 . HIS A 1 141 ? 5.780   -10.179 24.585  1.00 15.75 ? 1432 HIS A CE1 1 
ATOM   1011 N NE2 . HIS A 1 141 ? 4.439   -10.358 24.564  1.00 18.25 ? 1432 HIS A NE2 1 
ATOM   1012 N N   . LYS A 1 142 ? 4.377   -15.341 22.217  1.00 19.95 ? 1433 LYS A N   1 
ATOM   1013 C CA  . LYS A 1 142 ? 3.307   -16.170 22.842  1.00 21.74 ? 1433 LYS A CA  1 
ATOM   1014 C C   . LYS A 1 142 ? 3.804   -17.591 23.149  1.00 21.32 ? 1433 LYS A C   1 
ATOM   1015 O O   . LYS A 1 142 ? 2.989   -18.390 23.667  1.00 23.71 ? 1433 LYS A O   1 
ATOM   1016 C CB  . LYS A 1 142 ? 2.086   -16.245 21.918  1.00 24.59 ? 1433 LYS A CB  1 
ATOM   1017 C CG  . LYS A 1 142 ? 1.358   -14.924 21.695  1.00 26.36 ? 1433 LYS A CG  1 
ATOM   1018 C CD  . LYS A 1 142 ? 0.086   -15.058 20.870  1.00 28.30 ? 1433 LYS A CD  1 
ATOM   1019 C CE  . LYS A 1 142 ? -0.469  -13.729 20.397  1.00 29.02 ? 1433 LYS A CE  1 
ATOM   1020 N NZ  . LYS A 1 142 ? -1.240  -13.024 21.454  1.00 29.35 ? 1433 LYS A NZ  1 
ATOM   1021 N N   . ARG A 1 143 ? 5.071   -17.906 22.865  1.00 19.61 ? 1434 ARG A N   1 
ATOM   1022 C CA  . ARG A 1 143 ? 5.588   -19.301 22.817  1.00 18.77 ? 1434 ARG A CA  1 
ATOM   1023 C C   . ARG A 1 143 ? 5.394   -19.994 24.174  1.00 20.95 ? 1434 ARG A C   1 
ATOM   1024 O O   . ARG A 1 143 ? 5.218   -21.234 24.124  1.00 23.96 ? 1434 ARG A O   1 
ATOM   1025 C CB  . ARG A 1 143 ? 7.062   -19.322 22.406  1.00 17.58 ? 1434 ARG A CB  1 
ATOM   1026 C CG  . ARG A 1 143 ? 8.014   -18.855 23.498  1.00 17.34 ? 1434 ARG A CG  1 
ATOM   1027 C CD  . ARG A 1 143 ? 9.411   -18.613 22.976  1.00 17.33 ? 1434 ARG A CD  1 
ATOM   1028 N NE  . ARG A 1 143 ? 10.323  -18.166 24.014  1.00 17.66 ? 1434 ARG A NE  1 
ATOM   1029 C CZ  . ARG A 1 143 ? 10.392  -16.930 24.488  1.00 18.27 ? 1434 ARG A CZ  1 
ATOM   1030 N NH1 . ARG A 1 143 ? 9.579   -15.993 24.027  1.00 16.36 ? 1434 ARG A NH1 1 
ATOM   1031 N NH2 . ARG A 1 143 ? 11.267  -16.637 25.437  1.00 18.73 ? 1434 ARG A NH2 1 
HETATM 1032 N N1  . ZO5 B 2 .   ? -4.656  10.666  -9.262  0.68 27.69 ? 1901 ZO5 A N1  1 
HETATM 1033 N N3  . ZO5 B 2 .   ? -6.951  6.619   -10.990 0.68 22.02 ? 1901 ZO5 A N3  1 
HETATM 1034 C C4  . ZO5 B 2 .   ? -2.452  12.657  -9.964  0.68 32.42 ? 1901 ZO5 A C4  1 
HETATM 1035 C C5  . ZO5 B 2 .   ? -1.118  13.045  -10.119 0.68 32.83 ? 1901 ZO5 A C5  1 
HETATM 1036 C C6  . ZO5 B 2 .   ? -0.367  13.122  -8.983  0.68 35.13 ? 1901 ZO5 A C6  1 
HETATM 1037 C C7  . ZO5 B 2 .   ? 1.275   13.324  -7.478  0.68 36.09 ? 1901 ZO5 A C7  1 
HETATM 1038 C C8  . ZO5 B 2 .   ? -0.892  12.829  -7.742  0.68 36.37 ? 1901 ZO5 A C8  1 
HETATM 1039 C C10 . ZO5 B 2 .   ? -6.634  8.903   -11.800 0.68 23.53 ? 1901 ZO5 A C10 1 
HETATM 1040 C C13 . ZO5 B 2 .   ? -5.214  8.001   -10.029 0.68 21.91 ? 1901 ZO5 A C13 1 
HETATM 1041 C C15 . ZO5 B 2 .   ? -7.188  5.109   -12.920 0.68 20.59 ? 1901 ZO5 A C15 1 
HETATM 1042 C C17 . ZO5 B 2 .   ? -7.633  4.245   -14.924 0.68 19.84 ? 1901 ZO5 A C17 1 
HETATM 1043 C C1  . ZO5 B 2 .   ? -5.597  10.467  -10.204 0.68 26.50 ? 1901 ZO5 A C1  1 
HETATM 1044 C C11 . ZO5 B 2 .   ? -7.639  7.800   -11.520 0.68 22.26 ? 1901 ZO5 A C11 1 
HETATM 1045 C C12 . ZO5 B 2 .   ? -6.256  6.940   -9.745  0.68 22.60 ? 1901 ZO5 A C12 1 
HETATM 1046 C C14 . ZO5 B 2 .   ? -6.870  5.393   -11.539 0.68 21.48 ? 1901 ZO5 A C14 1 
HETATM 1047 C C16 . ZO5 B 2 .   ? -7.344  3.933   -13.574 0.68 20.49 ? 1901 ZO5 A C16 1 
HETATM 1048 C C18 . ZO5 B 2 .   ? -7.626  5.613   -15.007 0.68 20.67 ? 1901 ZO5 A C18 1 
HETATM 1049 C C2  . ZO5 B 2 .   ? -4.435  11.950  -8.613  0.68 28.93 ? 1901 ZO5 A C2  1 
HETATM 1050 C C3  . ZO5 B 2 .   ? -2.996  12.373  -8.725  0.68 31.35 ? 1901 ZO5 A C3  1 
HETATM 1051 C C9  . ZO5 B 2 .   ? -2.195  12.443  -7.578  0.68 33.32 ? 1901 ZO5 A C9  1 
HETATM 1052 N N2  . ZO5 B 2 .   ? -5.816  9.195   -10.620 0.68 23.45 ? 1901 ZO5 A N2  1 
HETATM 1053 O O1  . ZO5 B 2 .   ? -6.215  11.418  -10.705 0.68 26.04 ? 1901 ZO5 A O1  1 
HETATM 1054 O O2  . ZO5 B 2 .   ? 0.958   13.475  -8.864  0.68 33.79 ? 1901 ZO5 A O2  1 
HETATM 1055 O O3  . ZO5 B 2 .   ? 0.076   12.995  -6.772  0.68 35.13 ? 1901 ZO5 A O3  1 
HETATM 1056 O O4  . ZO5 B 2 .   ? -6.483  4.446   -10.857 0.68 20.61 ? 1901 ZO5 A O4  1 
HETATM 1057 O O5  . ZO5 B 2 .   ? -7.343  6.155   -13.788 0.68 20.46 ? 1901 ZO5 A O5  1 
HETATM 1058 O O   . HOH C 3 .   ? -17.907 11.494  -7.976  1.00 34.97 ? 2001 HOH A O   1 
HETATM 1059 O O   . HOH C 3 .   ? 6.147   6.210   10.496  1.00 33.70 ? 2002 HOH A O   1 
HETATM 1060 O O   . HOH C 3 .   ? 11.454  -13.870 12.394  0.52 22.63 ? 2003 HOH A O   1 
HETATM 1061 O O   . HOH C 3 .   ? 10.091  -9.816  1.028   1.00 21.26 ? 2004 HOH A O   1 
HETATM 1062 O O   . HOH C 3 .   ? -18.474 15.221  -9.009  1.00 37.60 ? 2005 HOH A O   1 
HETATM 1063 O O   . HOH C 3 .   ? -4.195  -5.032  20.648  1.00 39.84 ? 2006 HOH A O   1 
HETATM 1064 O O   . HOH C 3 .   ? -3.645  -6.784  12.609  1.00 32.35 ? 2007 HOH A O   1 
HETATM 1065 O O   . HOH C 3 .   ? -2.346  14.340  0.505   0.68 31.40 ? 2008 HOH A O   1 
HETATM 1066 O O   . HOH C 3 .   ? -6.996  13.559  -9.670  0.68 25.90 ? 2009 HOH A O   1 
HETATM 1067 O O   . HOH C 3 .   ? -15.789 -0.811  -11.764 1.00 22.77 ? 2010 HOH A O   1 
HETATM 1068 O O   . HOH C 3 .   ? 1.816   -5.712  17.560  1.00 34.02 ? 2011 HOH A O   1 
HETATM 1069 O O   . HOH C 3 .   ? -5.541  11.527  -14.324 0.68 32.46 ? 2012 HOH A O   1 
HETATM 1070 O O   . HOH C 3 .   ? 4.214   7.473   15.249  1.00 18.02 ? 2013 HOH A O   1 
HETATM 1071 O O   . HOH C 3 .   ? -19.313 6.800   -14.084 1.00 31.76 ? 2014 HOH A O   1 
HETATM 1072 O O   . HOH C 3 .   ? -2.527  -4.948  -18.498 0.68 25.01 ? 2015 HOH A O   1 
HETATM 1073 O O   . HOH C 3 .   ? -6.613  2.510   7.774   1.00 34.65 ? 2016 HOH A O   1 
HETATM 1074 O O   . HOH C 3 .   ? -10.603 7.179   2.298   1.00 27.93 ? 2017 HOH A O   1 
HETATM 1075 O O   . HOH C 3 .   ? 2.397   2.524   -18.042 1.00 33.62 ? 2018 HOH A O   1 
HETATM 1076 O O   . HOH C 3 .   ? -12.875 12.400  -16.035 0.68 42.20 ? 2019 HOH A O   1 
HETATM 1077 O O   . HOH C 3 .   ? -0.957  -1.583  -20.917 1.00 49.91 ? 2020 HOH A O   1 
HETATM 1078 O O   . HOH C 3 .   ? -20.086 10.972  -7.106  1.00 46.91 ? 2021 HOH A O   1 
HETATM 1079 O O   . HOH C 3 .   ? -11.440 -1.275  -4.433  1.00 18.31 ? 2022 HOH A O   1 
HETATM 1080 O O   . HOH C 3 .   ? 9.898   -18.153 13.723  1.00 25.83 ? 2023 HOH A O   1 
HETATM 1081 O O   . HOH C 3 .   ? -0.947  -5.503  -4.092  1.00 18.47 ? 2024 HOH A O   1 
HETATM 1082 O O   . HOH C 3 .   ? -8.327  4.551   -8.544  0.68 14.89 ? 2025 HOH A O   1 
HETATM 1083 O O   . HOH C 3 .   ? 11.266  -6.135  2.311   1.00 28.59 ? 2026 HOH A O   1 
HETATM 1084 O O   . HOH C 3 .   ? 6.164   -13.162 26.244  1.00 43.17 ? 2027 HOH A O   1 
HETATM 1085 O O   . HOH C 3 .   ? -4.564  8.786   -6.206  0.68 14.92 ? 2028 HOH A O   1 
HETATM 1086 O O   . HOH C 3 .   ? -18.678 6.803   -2.542  1.00 39.17 ? 2029 HOH A O   1 
HETATM 1087 O O   . HOH C 3 .   ? 9.061   4.761   13.296  1.00 27.30 ? 2030 HOH A O   1 
HETATM 1088 O O   . HOH C 3 .   ? 8.941   -11.755 19.914  1.00 15.77 ? 2031 HOH A O   1 
HETATM 1089 O O   . HOH C 3 .   ? 10.390  -14.626 8.056   1.00 35.12 ? 2032 HOH A O   1 
HETATM 1090 O O   . HOH C 3 .   ? -4.404  -2.621  -9.861  1.00 18.30 ? 2033 HOH A O   1 
HETATM 1091 O O   . HOH C 3 .   ? -6.169  5.836   7.135   1.00 35.50 ? 2034 HOH A O   1 
HETATM 1092 O O   . HOH C 3 .   ? -5.397  6.253   -5.445  0.68 15.39 ? 2035 HOH A O   1 
HETATM 1093 O O   . HOH C 3 .   ? 8.812   -11.413 22.671  1.00 15.27 ? 2036 HOH A O   1 
HETATM 1094 O O   . HOH C 3 .   ? 10.190  -0.063  13.604  1.00 13.10 ? 2037 HOH A O   1 
HETATM 1095 O O   . HOH C 3 .   ? 9.019   -11.060 -7.257  1.00 23.00 ? 2038 HOH A O   1 
HETATM 1096 O O   . HOH C 3 .   ? -22.815 4.996   -7.396  1.00 47.64 ? 2039 HOH A O   1 
HETATM 1097 O O   . HOH C 3 .   ? 5.800   5.264   -15.241 1.00 37.63 ? 2040 HOH A O   1 
HETATM 1098 O O   . HOH C 3 .   ? -4.783  15.482  -4.668  0.68 43.36 ? 2041 HOH A O   1 
HETATM 1099 O O   . HOH C 3 .   ? 3.409   -19.328 19.688  1.00 32.72 ? 2042 HOH A O   1 
HETATM 1100 O O   . HOH C 3 .   ? -8.782  -4.186  -1.871  1.00 17.56 ? 2043 HOH A O   1 
HETATM 1101 O O   . HOH C 3 .   ? -13.093 -1.659  -14.619 1.00 26.18 ? 2044 HOH A O   1 
HETATM 1102 O O   . HOH C 3 .   ? 8.525   -7.219  10.367  1.00 13.03 ? 2045 HOH A O   1 
HETATM 1103 O O   . HOH C 3 .   ? 5.745   8.278   -15.910 1.00 37.78 ? 2046 HOH A O   1 
HETATM 1104 O O   . HOH C 3 .   ? 11.701  -2.008  16.072  1.00 17.98 ? 2047 HOH A O   1 
HETATM 1105 O O   . HOH C 3 .   ? -8.176  6.139   -4.505  0.68 13.54 ? 2048 HOH A O   1 
HETATM 1106 O O   . HOH C 3 .   ? 13.644  -8.081  -4.690  1.00 25.85 ? 2049 HOH A O   1 
HETATM 1107 O O   . HOH C 3 .   ? 11.025  -5.560  -8.203  1.00 15.32 ? 2050 HOH A O   1 
HETATM 1108 O O   . HOH C 3 .   ? 12.544  5.341   8.416   1.00 39.61 ? 2051 HOH A O   1 
HETATM 1109 O O   . HOH C 3 .   ? -10.044 10.807  -3.806  0.68 22.87 ? 2052 HOH A O   1 
HETATM 1110 O O   . HOH C 3 .   ? 4.934   9.051   -13.565 1.00 30.32 ? 2053 HOH A O   1 
HETATM 1111 O O   . HOH C 3 .   ? -7.140  10.560  3.250   1.00 30.51 ? 2054 HOH A O   1 
HETATM 1112 O O   . HOH C 3 .   ? 0.833   11.618  10.476  1.00 25.49 ? 2055 HOH A O   1 
HETATM 1113 O O   . HOH C 3 .   ? -5.197  -7.235  -15.444 1.00 34.79 ? 2056 HOH A O   1 
HETATM 1114 O O   . HOH C 3 .   ? -2.561  -6.360  -7.830  1.00 27.68 ? 2057 HOH A O   1 
HETATM 1115 O O   . HOH C 3 .   ? 3.383   -10.389 -0.714  1.00 18.33 ? 2058 HOH A O   1 
HETATM 1116 O O   . HOH C 3 .   ? -7.394  8.703   -1.241  0.68 17.72 ? 2059 HOH A O   1 
HETATM 1117 O O   . HOH C 3 .   ? -7.835  -4.073  0.663   1.00 15.90 ? 2060 HOH A O   1 
HETATM 1118 O O   . HOH C 3 .   ? 0.831   -13.654 5.806   1.00 35.41 ? 2061 HOH A O   1 
HETATM 1119 O O   . HOH C 3 .   ? 4.397   -13.139 3.767   1.00 20.69 ? 2062 HOH A O   1 
HETATM 1120 O O   . HOH C 3 .   ? 12.961  -2.239  11.576  1.00 20.86 ? 2063 HOH A O   1 
HETATM 1121 O O   . HOH C 3 .   ? 0.853   -7.130  -10.409 1.00 25.44 ? 2064 HOH A O   1 
HETATM 1122 O O   . HOH C 3 .   ? 8.136   11.203  -5.001  0.68 22.78 ? 2065 HOH A O   1 
HETATM 1123 O O   . HOH C 3 .   ? 6.502   -15.421 0.257   1.00 40.98 ? 2066 HOH A O   1 
HETATM 1124 O O   . HOH C 3 .   ? -3.758  -7.539  5.088   1.00 23.63 ? 2067 HOH A O   1 
HETATM 1125 O O   . HOH C 3 .   ? -5.626  -5.254  -4.533  1.00 16.05 ? 2068 HOH A O   1 
HETATM 1126 O O   . HOH C 3 .   ? 1.759   -3.443  -16.171 1.00 22.15 ? 2069 HOH A O   1 
HETATM 1127 O O   . HOH C 3 .   ? -6.365  -1.090  7.126   1.00 22.72 ? 2070 HOH A O   1 
HETATM 1128 O O   . HOH C 3 .   ? 8.368   -14.426 3.591   1.00 19.72 ? 2071 HOH A O   1 
HETATM 1129 O O   . HOH C 3 .   ? -6.070  4.006   -7.080  0.68 15.67 ? 2072 HOH A O   1 
HETATM 1130 O O   . HOH C 3 .   ? 2.875   11.335  14.906  1.00 49.64 ? 2073 HOH A O   1 
HETATM 1131 O O   . HOH C 3 .   ? 11.406  8.682   -1.518  1.00 28.22 ? 2074 HOH A O   1 
HETATM 1132 O O   . HOH C 3 .   ? 1.512   -14.287 14.501  1.00 17.65 ? 2075 HOH A O   1 
HETATM 1133 O O   . HOH C 3 .   ? -4.595  10.266  14.811  1.00 32.06 ? 2076 HOH A O   1 
HETATM 1134 O O   . HOH C 3 .   ? 8.529   0.316   -13.691 0.68 17.98 ? 2077 HOH A O   1 
HETATM 1135 O O   . HOH C 3 .   ? -10.572 15.252  -19.004 1.00 47.99 ? 2078 HOH A O   1 
HETATM 1136 O O   . HOH C 3 .   ? 1.252   3.203   12.804  1.00 13.47 ? 2079 HOH A O   1 
HETATM 1137 O O   . HOH C 3 .   ? 10.828  -8.892  13.322  1.00 17.75 ? 2080 HOH A O   1 
HETATM 1138 O O   . HOH C 3 .   ? 5.189   9.399   -19.075 0.68 24.45 ? 2081 HOH A O   1 
HETATM 1139 O O   . HOH C 3 .   ? -11.048 -4.035  -8.180  1.00 22.48 ? 2082 HOH A O   1 
HETATM 1140 O O   . HOH C 3 .   ? 5.337   -9.676  -6.894  1.00 22.70 ? 2083 HOH A O   1 
HETATM 1141 O O   . HOH C 3 .   ? -2.824  -11.549 7.264   1.00 29.89 ? 2084 HOH A O   1 
HETATM 1142 O O   . HOH C 3 .   ? 9.718   -11.692 -2.475  1.00 31.02 ? 2085 HOH A O   1 
HETATM 1143 O O   . HOH C 3 .   ? 6.764   -19.652 14.850  1.00 20.25 ? 2086 HOH A O   1 
HETATM 1144 O O   . HOH C 3 .   ? -5.859  2.445   10.478  1.00 23.54 ? 2087 HOH A O   1 
HETATM 1145 O O   . HOH C 3 .   ? 9.187   10.416  -9.458  1.00 32.59 ? 2088 HOH A O   1 
HETATM 1146 O O   . HOH C 3 .   ? 11.702  11.110  -12.555 1.00 25.66 ? 2089 HOH A O   1 
HETATM 1147 O O   . HOH C 3 .   ? -1.392  -8.082  15.452  1.00 27.12 ? 2090 HOH A O   1 
HETATM 1148 O O   . HOH C 3 .   ? 14.425  -4.140  10.620  1.00 40.33 ? 2091 HOH A O   1 
HETATM 1149 O O   . HOH C 3 .   ? -4.189  8.833   10.920  1.00 37.30 ? 2092 HOH A O   1 
HETATM 1150 O O   . HOH C 3 .   ? 11.776  -2.288  3.966   1.00 22.63 ? 2093 HOH A O   1 
HETATM 1151 O O   . HOH C 3 .   ? -17.166 -0.248  -8.608  1.00 42.00 ? 2094 HOH A O   1 
HETATM 1152 O O   . HOH C 3 .   ? -1.841  -11.052 3.174   1.00 37.62 ? 2095 HOH A O   1 
HETATM 1153 O O   . HOH C 3 .   ? -8.870  -0.824  3.848   1.00 30.70 ? 2096 HOH A O   1 
HETATM 1154 O O   . HOH C 3 .   ? 0.968   -7.917  -7.680  1.00 22.10 ? 2097 HOH A O   1 
HETATM 1155 O O   . HOH C 3 .   ? 7.669   -3.413  -10.698 1.00 19.18 ? 2098 HOH A O   1 
HETATM 1156 O O   . HOH C 3 .   ? 6.915   4.691   16.676  1.00 17.62 ? 2099 HOH A O   1 
HETATM 1157 O O   . HOH C 3 .   ? -13.302 1.405   -2.602  1.00 19.45 ? 2100 HOH A O   1 
HETATM 1158 O O   . HOH C 3 .   ? 8.632   3.355   -11.513 0.68 23.79 ? 2101 HOH A O   1 
HETATM 1159 O O   . HOH C 3 .   ? 8.322   -17.865 16.143  1.00 17.19 ? 2102 HOH A O   1 
HETATM 1160 O O   . HOH C 3 .   ? 7.999   6.793   4.306   1.00 31.11 ? 2103 HOH A O   1 
HETATM 1161 O O   . HOH C 3 .   ? -8.064  8.816   -3.709  0.68 18.69 ? 2104 HOH A O   1 
HETATM 1162 O O   . HOH C 3 .   ? 4.071   -3.194  -17.773 1.00 17.54 ? 2105 HOH A O   1 
HETATM 1163 O O   . HOH C 3 .   ? 11.133  4.823   -11.409 1.00 32.92 ? 2106 HOH A O   1 
HETATM 1164 O O   . HOH C 3 .   ? -13.004 -4.974  4.717   1.00 35.07 ? 2107 HOH A O   1 
HETATM 1165 O O   . HOH C 3 .   ? 3.911   -3.610  19.753  1.00 24.16 ? 2108 HOH A O   1 
HETATM 1166 O O   . HOH C 3 .   ? -9.354  -4.435  -21.358 0.68 26.26 ? 2109 HOH A O   1 
HETATM 1167 O O   . HOH C 3 .   ? 9.925   -13.117 24.474  1.00 22.61 ? 2110 HOH A O   1 
HETATM 1168 O O   . HOH C 3 .   ? -5.073  -5.217  14.713  1.00 32.22 ? 2111 HOH A O   1 
HETATM 1169 O O   . HOH C 3 .   ? 12.189  -8.087  11.114  1.00 20.81 ? 2112 HOH A O   1 
HETATM 1170 O O   . HOH C 3 .   ? -18.130 5.320   1.603   1.00 41.04 ? 2113 HOH A O   1 
HETATM 1171 O O   . HOH C 3 .   ? 15.150  -4.750  14.938  1.00 34.47 ? 2114 HOH A O   1 
HETATM 1172 O O   . HOH C 3 .   ? 4.146   -14.421 0.548   1.00 35.59 ? 2115 HOH A O   1 
HETATM 1173 O O   . HOH C 3 .   ? 14.044  3.355   1.856   1.00 33.55 ? 2116 HOH A O   1 
HETATM 1174 O O   . HOH C 3 .   ? 3.836   11.852  1.539   1.00 33.20 ? 2117 HOH A O   1 
HETATM 1175 O O   . HOH C 3 .   ? 7.950   -6.662  13.127  1.00 12.89 ? 2118 HOH A O   1 
HETATM 1176 O O   . HOH C 3 .   ? 3.633   13.813  -0.092  0.68 32.00 ? 2119 HOH A O   1 
HETATM 1177 O O   . HOH C 3 .   ? 4.396   -2.191  16.766  1.00 21.87 ? 2120 HOH A O   1 
HETATM 1178 O O   . HOH C 3 .   ? -2.595  9.500   16.596  0.52 18.85 ? 2121 HOH A O   1 
HETATM 1179 O O   . HOH C 3 .   ? 0.094   -11.841 1.863   1.00 26.43 ? 2122 HOH A O   1 
HETATM 1180 O O   . HOH C 3 .   ? 0.734   -16.624 13.217  1.00 19.97 ? 2123 HOH A O   1 
HETATM 1181 O O   . HOH C 3 .   ? 6.957   -0.298  -10.271 1.00 23.63 ? 2124 HOH A O   1 
HETATM 1182 O O   . HOH C 3 .   ? -21.414 7.835   -12.842 1.00 33.05 ? 2125 HOH A O   1 
HETATM 1183 O O   . HOH C 3 .   ? 6.207   -16.825 25.811  1.00 38.24 ? 2126 HOH A O   1 
HETATM 1184 O O   . HOH C 3 .   ? -11.158 -7.136  4.842   1.00 34.98 ? 2127 HOH A O   1 
HETATM 1185 O O   . HOH C 3 .   ? 2.280   11.727  3.810   1.00 39.09 ? 2128 HOH A O   1 
HETATM 1186 O O   . HOH C 3 .   ? -15.367 0.562   -4.320  1.00 30.06 ? 2129 HOH A O   1 
HETATM 1187 O O   . HOH C 3 .   ? 6.266   -0.518  15.774  1.00 17.06 ? 2130 HOH A O   1 
HETATM 1188 O O   . HOH C 3 .   ? -4.742  5.793   -17.821 1.00 18.01 ? 2131 HOH A O   1 
HETATM 1189 O O   . HOH C 3 .   ? 10.004  -12.917 1.267   1.00 30.20 ? 2132 HOH A O   1 
HETATM 1190 O O   . HOH C 3 .   ? -4.989  -7.513  2.623   1.00 17.71 ? 2133 HOH A O   1 
HETATM 1191 O O   . HOH C 3 .   ? 12.438  2.572   -5.941  0.68 24.79 ? 2134 HOH A O   1 
HETATM 1192 O O   . HOH C 3 .   ? 4.974   14.071  -6.851  1.00 34.86 ? 2135 HOH A O   1 
HETATM 1193 O O   . HOH C 3 .   ? -3.343  12.481  2.501   1.00 39.62 ? 2136 HOH A O   1 
HETATM 1194 O O   . HOH C 3 .   ? 14.057  -8.844  14.684  1.00 25.03 ? 2137 HOH A O   1 
HETATM 1195 O O   . HOH C 3 .   ? -5.159  -7.222  -11.179 1.00 29.07 ? 2138 HOH A O   1 
HETATM 1196 O O   . HOH C 3 .   ? 11.497  9.459   -9.865  1.00 29.63 ? 2139 HOH A O   1 
HETATM 1197 O O   . HOH C 3 .   ? 11.357  -7.862  6.840   1.00 30.13 ? 2140 HOH A O   1 
HETATM 1198 O O   . HOH C 3 .   ? 7.211   -12.111 -2.382  1.00 38.93 ? 2141 HOH A O   1 
HETATM 1199 O O   . HOH C 3 .   ? 16.445  6.801   8.847   1.00 43.59 ? 2142 HOH A O   1 
HETATM 1200 O O   . HOH C 3 .   ? 13.386  -14.623 10.751  1.00 42.79 ? 2143 HOH A O   1 
HETATM 1201 O O   . HOH C 3 .   ? -12.548 9.697   -16.847 1.00 49.57 ? 2144 HOH A O   1 
HETATM 1202 O O   . HOH C 3 .   ? 3.112   14.001  -4.995  0.68 29.91 ? 2145 HOH A O   1 
HETATM 1203 O O   . HOH C 3 .   ? 9.421   12.364  -7.125  1.00 26.06 ? 2146 HOH A O   1 
HETATM 1204 O O   . HOH C 3 .   ? -5.701  -6.128  8.418   1.00 28.28 ? 2147 HOH A O   1 
HETATM 1205 O O   . HOH C 3 .   ? 9.895   -16.106 9.786   1.00 41.40 ? 2148 HOH A O   1 
HETATM 1206 O O   . HOH C 3 .   ? -6.525  -5.368  -7.224  1.00 19.13 ? 2149 HOH A O   1 
HETATM 1207 O O   . HOH C 3 .   ? 8.537   -22.442 24.565  1.00 44.84 ? 2150 HOH A O   1 
HETATM 1208 O O   . HOH C 3 .   ? 0.839   -14.868 17.222  1.00 35.05 ? 2151 HOH A O   1 
HETATM 1209 O O   . HOH C 3 .   ? 8.020   -19.310 18.650  1.00 18.50 ? 2152 HOH A O   1 
HETATM 1210 O O   . HOH C 3 .   ? 0.018   -4.367  -17.973 1.00 28.93 ? 2153 HOH A O   1 
HETATM 1211 O O   . HOH C 3 .   ? 5.522   -11.521 -4.382  1.00 44.83 ? 2154 HOH A O   1 
HETATM 1212 O O   . HOH C 3 .   ? 7.959   14.650  -7.466  1.00 30.48 ? 2155 HOH A O   1 
HETATM 1213 O O   . HOH C 3 .   ? -13.776 -0.602  -0.587  1.00 34.15 ? 2156 HOH A O   1 
HETATM 1214 O O   . HOH C 3 .   ? -1.886  -13.221 11.608  1.00 34.37 ? 2157 HOH A O   1 
HETATM 1215 O O   . HOH C 3 .   ? 2.901   -12.030 1.526   1.00 20.31 ? 2158 HOH A O   1 
HETATM 1216 O O   . HOH C 3 .   ? 5.939   -20.830 18.911  1.00 43.29 ? 2159 HOH A O   1 
HETATM 1217 O O   . HOH C 3 .   ? -4.791  -9.903  -1.856  0.60 27.93 ? 2160 HOH A O   1 
HETATM 1218 O O   . HOH C 3 .   ? 4.180   -6.613  -13.185 1.00 28.70 ? 2161 HOH A O   1 
HETATM 1219 O O   . HOH C 3 .   ? 19.219  3.141   12.215  1.00 46.23 ? 2162 HOH A O   1 
HETATM 1220 O O   . HOH C 3 .   ? -11.888 -5.381  2.649   1.00 36.88 ? 2163 HOH A O   1 
HETATM 1221 O O   . HOH C 3 .   ? 14.493  6.488   -2.014  1.00 50.64 ? 2164 HOH A O   1 
HETATM 1222 O O   . HOH C 3 .   ? 11.012  -15.257 5.313   1.00 32.46 ? 2165 HOH A O   1 
HETATM 1223 O O   . HOH C 3 .   ? 18.928  6.603   9.702   1.00 24.71 ? 2166 HOH A O   1 
HETATM 1224 O O   . HOH C 3 .   ? -3.287  -6.676  -4.701  1.00 24.70 ? 2167 HOH A O   1 
HETATM 1225 O O   . HOH C 3 .   ? 13.936  9.092   -6.135  0.60 19.46 ? 2168 HOH A O   1 
HETATM 1226 O O   . HOH C 3 .   ? 9.482   3.238   -13.980 1.00 37.73 ? 2169 HOH A O   1 
HETATM 1227 O O   . HOH C 3 .   ? 14.161  -10.319 1.771   1.00 38.61 ? 2170 HOH A O   1 
HETATM 1228 O O   . HOH C 3 .   ? -12.654 -4.665  -10.370 1.00 25.11 ? 2171 HOH A O   1 
HETATM 1229 O O   . HOH C 3 .   ? -1.744  -9.295  5.236   1.00 27.88 ? 2172 HOH A O   1 
HETATM 1230 O O   . HOH C 3 .   ? 14.721  8.774   1.504   1.00 40.04 ? 2173 HOH A O   1 
HETATM 1231 O O   . HOH C 3 .   ? -7.490  -6.477  -3.046  0.60 14.09 ? 2174 HOH A O   1 
HETATM 1232 O O   . HOH C 3 .   ? 9.641   2.429   14.665  1.00 21.14 ? 2175 HOH A O   1 
HETATM 1233 O O   . HOH C 3 .   ? 2.097   -6.124  -14.735 1.00 42.25 ? 2176 HOH A O   1 
HETATM 1234 O O   . HOH C 3 .   ? 13.024  -0.710  13.816  1.00 25.52 ? 2177 HOH A O   1 
HETATM 1235 O O   . HOH C 3 .   ? -4.568  -5.298  -9.158  1.00 18.21 ? 2178 HOH A O   1 
HETATM 1236 O O   . HOH C 3 .   ? -7.163  19.304  -17.562 1.00 42.71 ? 2179 HOH A O   1 
HETATM 1237 O O   . HOH C 3 .   ? -10.060 -3.069  1.956   1.00 24.12 ? 2180 HOH A O   1 
HETATM 1238 O O   . HOH C 3 .   ? -4.549  15.289  -8.404  0.68 35.61 ? 2181 HOH A O   1 
HETATM 1239 O O   . HOH C 3 .   ? -10.160 5.405   4.647   1.00 41.19 ? 2182 HOH A O   1 
HETATM 1240 O O   . HOH C 3 .   ? 15.020  0.653   1.501   1.00 39.62 ? 2183 HOH A O   1 
HETATM 1241 O O   . HOH C 3 .   ? 11.581  -3.426  1.355   1.00 28.93 ? 2184 HOH A O   1 
HETATM 1242 O O   . HOH C 3 .   ? -3.442  -8.831  -12.359 1.00 40.99 ? 2185 HOH A O   1 
HETATM 1243 O O   . HOH C 3 .   ? -17.439 15.941  -6.378  1.00 51.91 ? 2186 HOH A O   1 
HETATM 1244 O O   . HOH C 3 .   ? 6.833   -11.657 -6.239  1.00 35.76 ? 2187 HOH A O   1 
HETATM 1245 O O   . HOH C 3 .   ? 0.764   -17.470 18.278  1.00 45.69 ? 2188 HOH A O   1 
HETATM 1246 O O   . HOH C 3 .   ? -7.240  -6.781  1.219   0.60 23.18 ? 2189 HOH A O   1 
HETATM 1247 O O   . HOH C 3 .   ? 7.873   1.600   17.372  0.50 12.93 ? 2190 HOH A O   1 
HETATM 1248 O O   . HOH C 3 .   ? 12.827  -12.973 1.887   1.00 44.31 ? 2191 HOH A O   1 
HETATM 1249 O O   . HOH C 3 .   ? -8.033  6.825   5.913   1.00 40.42 ? 2192 HOH A O   1 
HETATM 1250 O O   . HOH C 3 .   ? -8.263  9.743   5.497   1.00 35.28 ? 2193 HOH A O   1 
HETATM 1251 O O   . HOH C 3 .   ? 2.189   -10.104 -6.965  1.00 32.86 ? 2194 HOH A O   1 
HETATM 1252 O O   . HOH C 3 .   ? -0.481  -8.567  -11.993 1.00 44.79 ? 2195 HOH A O   1 
HETATM 1253 O O   . HOH C 3 .   ? 12.793  2.379   -8.995  0.68 31.97 ? 2196 HOH A O   1 
HETATM 1254 O O   . HOH C 3 .   ? -0.201  -18.541 14.906  1.00 38.72 ? 2197 HOH A O   1 
HETATM 1255 O O   . HOH C 3 .   ? -3.765  -13.198 3.728   1.00 49.33 ? 2198 HOH A O   1 
HETATM 1256 O O   . HOH C 3 .   ? -0.314  -12.202 13.420  1.00 26.93 ? 2199 HOH A O   1 
# 
